data_4P8R
#
_entry.id   4P8R
#
_cell.length_a   86.700
_cell.length_b   86.700
_cell.length_c   701.370
_cell.angle_alpha   90.000
_cell.angle_beta   90.000
_cell.angle_gamma   120.000
#
_symmetry.space_group_name_H-M   'P 65 2 2'
#
loop_
_entity.id
_entity.type
_entity.pdbx_description
1 polymer 'Glyceraldehyde 3-phosphate dehydrogenase, cytosolic'
2 non-polymer NICOTINAMIDE-ADENINE-DINUCLEOTIDE
3 non-polymer 'MAGNESIUM ION'
4 water water
#
_entity_poly.entity_id   1
_entity_poly.type   'polypeptide(L)'
_entity_poly.pdbx_seq_one_letter_code
;MAHHHHHHMVIRVGINGFGRIGRVVFRAAQRRNDIEIVGINDLLDADYMAYMLKYDSTHGRFEGAVEVQGGALVVNGKKI
RVTSERDPANLKWNEINVDVVVESTGLFLSDDTARKHIQAGAKKVVITGPSKDDTPMFVMGVNHTTYKGEAIVSNASCTT
NCLAPLAKVLNDKFGIVEGLMTTVHATTATQKTVDGPSQKDWRGGRGAAQNIIPSSTGAAKAVGKIIPSLNGKLTGMAFR
VPTPNVSVVDLTVRLERPATYKQICDAIKAASEGELKGILGYVDEEIVSSDINGIPLTSVFDARAGISLNDNFVKLVSWY
DNETGYSNKVLDLIAHITK
;
_entity_poly.pdbx_strand_id   A,B,C,D
#
# COMPACT_ATOMS: atom_id res chain seq x y z
N MET A 9 45.16 -11.75 4.68
CA MET A 9 44.67 -10.44 5.11
C MET A 9 43.16 -10.31 4.93
N VAL A 10 42.63 -10.96 3.90
CA VAL A 10 41.18 -11.00 3.63
C VAL A 10 40.37 -11.70 4.74
N ILE A 11 39.38 -11.01 5.30
CA ILE A 11 38.60 -11.55 6.39
C ILE A 11 37.50 -12.48 5.89
N ARG A 12 37.51 -13.70 6.38
CA ARG A 12 36.54 -14.71 6.00
C ARG A 12 35.35 -14.68 6.94
N VAL A 13 34.16 -14.50 6.38
CA VAL A 13 32.98 -14.22 7.18
C VAL A 13 31.89 -15.27 6.97
N GLY A 14 31.25 -15.66 8.06
CA GLY A 14 30.07 -16.51 8.00
C GLY A 14 28.86 -15.68 8.37
N ILE A 15 27.73 -15.96 7.74
CA ILE A 15 26.48 -15.29 8.09
C ILE A 15 25.52 -16.28 8.74
N ASN A 16 25.03 -15.96 9.93
CA ASN A 16 23.97 -16.74 10.54
C ASN A 16 22.70 -15.92 10.47
N GLY A 17 21.73 -16.40 9.69
CA GLY A 17 20.51 -15.65 9.46
C GLY A 17 20.55 -14.88 8.14
N PHE A 18 20.08 -15.55 7.10
CA PHE A 18 20.09 -14.98 5.76
C PHE A 18 18.77 -14.25 5.54
N GLY A 19 18.46 -13.34 6.47
CA GLY A 19 17.25 -12.54 6.38
C GLY A 19 17.51 -11.24 5.65
N ARG A 20 16.74 -10.21 5.94
CA ARG A 20 16.91 -8.94 5.25
C ARG A 20 18.35 -8.43 5.48
N ILE A 21 18.81 -8.42 6.73
CA ILE A 21 20.16 -7.93 7.00
C ILE A 21 21.22 -8.88 6.43
N GLY A 22 21.07 -10.18 6.66
CA GLY A 22 22.03 -11.14 6.14
C GLY A 22 22.24 -11.03 4.63
N ARG A 23 21.14 -10.90 3.91
CA ARG A 23 21.19 -10.87 2.45
C ARG A 23 21.68 -9.52 1.90
N VAL A 24 21.35 -8.43 2.59
CA VAL A 24 21.83 -7.12 2.14
C VAL A 24 23.31 -6.98 2.53
N VAL A 25 23.69 -7.50 3.68
CA VAL A 25 25.10 -7.64 4.02
C VAL A 25 25.84 -8.46 2.96
N PHE A 26 25.26 -9.57 2.53
CA PHE A 26 25.90 -10.39 1.52
C PHE A 26 26.16 -9.58 0.25
N ARG A 27 25.16 -8.85 -0.24
CA ARG A 27 25.32 -8.06 -1.45
C ARG A 27 26.38 -6.97 -1.29
N ALA A 28 26.40 -6.31 -0.13
CA ALA A 28 27.40 -5.27 0.11
C ALA A 28 28.81 -5.88 0.13
N ALA A 29 28.95 -7.08 0.67
CA ALA A 29 30.25 -7.73 0.75
C ALA A 29 30.81 -8.06 -0.63
N GLN A 30 29.94 -8.27 -1.63
CA GLN A 30 30.39 -8.57 -2.99
C GLN A 30 31.23 -7.46 -3.60
N ARG A 31 31.00 -6.23 -3.19
CA ARG A 31 31.72 -5.11 -3.75
C ARG A 31 32.95 -4.74 -2.91
N ARG A 32 33.33 -5.61 -1.98
CA ARG A 32 34.51 -5.38 -1.16
C ARG A 32 35.55 -6.46 -1.36
N ASN A 33 36.81 -6.05 -1.44
CA ASN A 33 37.90 -6.99 -1.57
C ASN A 33 38.42 -7.50 -0.25
N ASP A 34 38.16 -6.77 0.83
CA ASP A 34 38.77 -7.14 2.12
C ASP A 34 37.92 -8.12 2.92
N ILE A 35 36.73 -8.41 2.42
CA ILE A 35 35.83 -9.31 3.14
C ILE A 35 35.17 -10.26 2.16
N GLU A 36 35.19 -11.56 2.45
CA GLU A 36 34.46 -12.49 1.62
C GLU A 36 33.61 -13.46 2.44
N ILE A 37 32.36 -13.59 2.02
CA ILE A 37 31.42 -14.51 2.64
C ILE A 37 31.65 -15.95 2.16
N VAL A 38 31.99 -16.84 3.09
CA VAL A 38 32.33 -18.22 2.75
C VAL A 38 31.34 -19.23 3.31
N GLY A 39 30.41 -18.76 4.14
CA GLY A 39 29.40 -19.64 4.70
C GLY A 39 28.15 -18.91 5.11
N ILE A 40 27.02 -19.56 4.90
CA ILE A 40 25.73 -19.01 5.30
C ILE A 40 24.92 -20.08 5.98
N ASN A 41 24.27 -19.73 7.09
CA ASN A 41 23.40 -20.64 7.80
C ASN A 41 22.02 -20.04 7.97
N ASP A 42 21.00 -20.82 7.69
CA ASP A 42 19.62 -20.42 7.91
C ASP A 42 18.81 -21.70 8.09
N LEU A 43 17.50 -21.65 7.82
CA LEU A 43 16.66 -22.86 7.86
C LEU A 43 16.11 -23.13 6.48
N LEU A 44 17.00 -23.10 5.49
CA LEU A 44 16.60 -23.14 4.09
C LEU A 44 17.45 -24.11 3.27
N ASP A 45 16.86 -24.77 2.28
CA ASP A 45 17.64 -25.52 1.30
C ASP A 45 18.54 -24.56 0.52
N ALA A 46 19.61 -25.10 -0.05
CA ALA A 46 20.56 -24.30 -0.83
C ALA A 46 19.86 -23.61 -2.00
N ASP A 47 18.99 -24.32 -2.70
CA ASP A 47 18.34 -23.76 -3.87
C ASP A 47 17.36 -22.63 -3.50
N TYR A 48 16.71 -22.73 -2.33
CA TYR A 48 15.86 -21.63 -1.88
C TYR A 48 16.72 -20.41 -1.50
N MET A 49 17.85 -20.64 -0.84
CA MET A 49 18.74 -19.53 -0.49
C MET A 49 19.22 -18.81 -1.76
N ALA A 50 19.54 -19.58 -2.80
CA ALA A 50 19.94 -19.00 -4.07
C ALA A 50 18.83 -18.08 -4.61
N TYR A 51 17.58 -18.55 -4.54
CA TYR A 51 16.44 -17.78 -5.03
C TYR A 51 16.25 -16.50 -4.23
N MET A 52 16.43 -16.58 -2.93
CA MET A 52 16.21 -15.40 -2.09
C MET A 52 17.29 -14.36 -2.35
N LEU A 53 18.50 -14.80 -2.66
CA LEU A 53 19.59 -13.88 -3.01
C LEU A 53 19.37 -13.23 -4.38
N LYS A 54 18.90 -14.02 -5.33
CA LYS A 54 18.79 -13.56 -6.71
C LYS A 54 17.74 -12.47 -6.91
N TYR A 55 16.58 -12.66 -6.30
CA TYR A 55 15.46 -11.74 -6.50
C TYR A 55 15.13 -11.04 -5.19
N ASP A 56 15.03 -9.71 -5.25
CA ASP A 56 14.80 -8.90 -4.06
C ASP A 56 13.78 -7.83 -4.39
N SER A 57 12.64 -7.84 -3.70
CA SER A 57 11.59 -6.87 -3.99
C SER A 57 12.05 -5.43 -3.77
N THR A 58 12.95 -5.23 -2.82
CA THR A 58 13.36 -3.89 -2.46
C THR A 58 14.57 -3.36 -3.25
N HIS A 59 15.54 -4.23 -3.52
CA HIS A 59 16.82 -3.83 -4.10
C HIS A 59 17.11 -4.46 -5.48
N GLY A 60 16.09 -5.09 -6.06
CA GLY A 60 16.17 -5.59 -7.43
C GLY A 60 17.01 -6.85 -7.55
N ARG A 61 17.22 -7.31 -8.78
CA ARG A 61 17.96 -8.53 -9.07
C ARG A 61 19.43 -8.46 -8.64
N PHE A 62 19.97 -9.58 -8.18
CA PHE A 62 21.38 -9.64 -7.81
C PHE A 62 22.24 -9.35 -9.05
N GLU A 63 23.20 -8.44 -8.90
CA GLU A 63 24.07 -8.10 -10.02
C GLU A 63 25.21 -9.12 -10.07
N GLY A 64 24.93 -10.29 -10.64
CA GLY A 64 25.91 -11.36 -10.70
C GLY A 64 25.25 -12.71 -10.96
N ALA A 65 26.04 -13.78 -10.98
CA ALA A 65 25.51 -15.13 -11.19
C ALA A 65 25.35 -15.90 -9.88
N VAL A 66 24.20 -16.56 -9.75
CA VAL A 66 23.94 -17.41 -8.58
C VAL A 66 23.47 -18.77 -9.06
N GLU A 67 24.09 -19.82 -8.53
CA GLU A 67 23.80 -21.18 -8.92
C GLU A 67 24.01 -22.12 -7.72
N VAL A 68 23.42 -23.31 -7.77
CA VAL A 68 23.68 -24.34 -6.77
C VAL A 68 24.45 -25.53 -7.34
N GLN A 69 25.56 -25.88 -6.69
CA GLN A 69 26.38 -27.03 -7.08
C GLN A 69 26.65 -27.91 -5.87
N GLY A 70 26.06 -29.10 -5.83
CA GLY A 70 26.31 -30.04 -4.75
C GLY A 70 26.04 -29.52 -3.36
N GLY A 71 24.85 -28.95 -3.16
CA GLY A 71 24.44 -28.48 -1.85
C GLY A 71 25.16 -27.21 -1.45
N ALA A 72 25.96 -26.67 -2.37
CA ALA A 72 26.64 -25.41 -2.12
C ALA A 72 26.09 -24.27 -2.98
N LEU A 73 26.24 -23.06 -2.48
CA LEU A 73 25.89 -21.85 -3.20
C LEU A 73 27.10 -21.45 -4.03
N VAL A 74 26.89 -21.21 -5.31
CA VAL A 74 27.98 -20.73 -6.18
C VAL A 74 27.65 -19.34 -6.69
N VAL A 75 28.42 -18.35 -6.24
CA VAL A 75 28.18 -16.96 -6.59
C VAL A 75 29.39 -16.46 -7.35
N ASN A 76 29.14 -16.04 -8.60
CA ASN A 76 30.17 -15.67 -9.55
C ASN A 76 31.30 -16.69 -9.56
N GLY A 77 30.93 -17.97 -9.59
CA GLY A 77 31.91 -19.06 -9.64
C GLY A 77 32.57 -19.45 -8.34
N LYS A 78 32.28 -18.77 -7.23
CA LYS A 78 32.93 -19.08 -5.96
C LYS A 78 31.98 -19.85 -5.06
N LYS A 79 32.47 -20.92 -4.44
CA LYS A 79 31.61 -21.77 -3.61
C LYS A 79 31.44 -21.23 -2.20
N ILE A 80 30.20 -21.32 -1.71
CA ILE A 80 29.83 -20.85 -0.37
C ILE A 80 29.08 -21.95 0.36
N ARG A 81 29.59 -22.38 1.51
CA ARG A 81 28.93 -23.43 2.28
C ARG A 81 27.54 -23.00 2.77
N VAL A 82 26.57 -23.88 2.57
CA VAL A 82 25.21 -23.66 3.03
C VAL A 82 24.84 -24.71 4.08
N THR A 83 24.44 -24.26 5.27
CA THR A 83 23.98 -25.17 6.30
C THR A 83 22.63 -24.76 6.85
N SER A 84 22.03 -25.67 7.61
CA SER A 84 20.68 -25.50 8.16
C SER A 84 20.64 -25.83 9.65
N GLU A 85 21.64 -25.37 10.40
CA GLU A 85 21.72 -25.65 11.84
C GLU A 85 20.97 -24.63 12.71
N ARG A 86 19.97 -25.11 13.45
CA ARG A 86 19.18 -24.28 14.35
C ARG A 86 19.96 -23.82 15.58
N ASP A 87 20.86 -24.69 16.06
CA ASP A 87 21.73 -24.40 17.19
C ASP A 87 23.12 -23.96 16.70
N PRO A 88 23.46 -22.67 16.93
CA PRO A 88 24.73 -22.08 16.47
C PRO A 88 25.96 -22.88 16.91
N ALA A 89 25.84 -23.59 18.02
CA ALA A 89 26.94 -24.41 18.54
C ALA A 89 27.39 -25.51 17.55
N ASN A 90 26.52 -25.90 16.64
CA ASN A 90 26.83 -27.00 15.73
C ASN A 90 27.33 -26.55 14.37
N LEU A 91 27.72 -25.30 14.26
CA LEU A 91 27.97 -24.71 12.94
C LEU A 91 29.32 -25.05 12.32
N LYS A 92 30.24 -25.60 13.11
CA LYS A 92 31.55 -26.00 12.62
C LYS A 92 32.21 -24.92 11.74
N TRP A 93 32.25 -23.69 12.23
CA TRP A 93 32.81 -22.59 11.45
C TRP A 93 34.30 -22.80 11.15
N ASN A 94 34.98 -23.55 12.02
CA ASN A 94 36.39 -23.83 11.84
C ASN A 94 36.66 -24.60 10.54
N GLU A 95 35.69 -25.38 10.09
CA GLU A 95 35.89 -26.24 8.92
C GLU A 95 35.96 -25.46 7.61
N ILE A 96 35.47 -24.23 7.60
CA ILE A 96 35.62 -23.37 6.44
C ILE A 96 36.44 -22.13 6.84
N ASN A 97 37.12 -22.25 7.98
CA ASN A 97 38.07 -21.24 8.46
C ASN A 97 37.52 -19.83 8.53
N VAL A 98 36.34 -19.70 9.10
CA VAL A 98 35.68 -18.41 9.25
C VAL A 98 36.29 -17.63 10.39
N ASP A 99 36.63 -16.37 10.13
CA ASP A 99 37.16 -15.49 11.14
C ASP A 99 36.04 -14.84 11.95
N VAL A 100 35.12 -14.18 11.26
CA VAL A 100 34.07 -13.42 11.92
C VAL A 100 32.68 -13.87 11.47
N VAL A 101 31.76 -14.02 12.42
CA VAL A 101 30.38 -14.36 12.10
C VAL A 101 29.47 -13.15 12.23
N VAL A 102 28.66 -12.94 11.20
CA VAL A 102 27.58 -11.99 11.26
C VAL A 102 26.36 -12.70 11.83
N GLU A 103 25.98 -12.32 13.06
CA GLU A 103 24.87 -12.94 13.76
C GLU A 103 23.60 -12.12 13.50
N SER A 104 22.83 -12.52 12.50
CA SER A 104 21.69 -11.70 12.08
C SER A 104 20.38 -12.50 12.06
N THR A 105 20.23 -13.43 13.01
CA THR A 105 18.96 -14.16 13.13
C THR A 105 17.93 -13.34 13.88
N GLY A 106 18.43 -12.39 14.68
CA GLY A 106 17.57 -11.65 15.58
C GLY A 106 17.23 -12.43 16.84
N LEU A 107 17.81 -13.62 17.00
CA LEU A 107 17.48 -14.49 18.13
C LEU A 107 18.56 -14.51 19.20
N PHE A 108 19.78 -14.13 18.82
CA PHE A 108 20.93 -14.32 19.70
C PHE A 108 21.64 -12.99 19.97
N LEU A 109 21.04 -12.18 20.83
CA LEU A 109 21.51 -10.82 21.05
C LEU A 109 22.22 -10.69 22.40
N SER A 110 22.86 -11.76 22.84
CA SER A 110 23.54 -11.76 24.13
C SER A 110 24.85 -12.53 24.04
N ASP A 111 25.69 -12.37 25.07
CA ASP A 111 26.96 -13.06 25.10
C ASP A 111 26.75 -14.57 25.13
N ASP A 112 25.79 -15.02 25.95
CA ASP A 112 25.51 -16.44 26.13
C ASP A 112 25.09 -17.17 24.85
N THR A 113 24.26 -16.52 24.05
CA THR A 113 23.82 -17.13 22.80
C THR A 113 24.84 -16.95 21.67
N ALA A 114 25.36 -15.73 21.49
CA ALA A 114 26.30 -15.43 20.41
C ALA A 114 27.65 -16.14 20.55
N ARG A 115 28.09 -16.40 21.77
CA ARG A 115 29.40 -17.03 21.98
C ARG A 115 29.44 -18.47 21.46
N LYS A 116 28.26 -19.02 21.17
CA LYS A 116 28.20 -20.36 20.62
C LYS A 116 28.89 -20.46 19.26
N HIS A 117 28.95 -19.34 18.53
CA HIS A 117 29.70 -19.27 17.28
C HIS A 117 31.19 -19.47 17.53
N ILE A 118 31.66 -18.98 18.67
CA ILE A 118 33.05 -19.12 19.06
C ILE A 118 33.35 -20.55 19.52
N GLN A 119 32.38 -21.16 20.21
CA GLN A 119 32.44 -22.58 20.51
C GLN A 119 32.53 -23.40 19.22
N ALA A 120 31.85 -22.91 18.19
CA ALA A 120 31.80 -23.60 16.90
C ALA A 120 33.01 -23.27 16.00
N GLY A 121 34.00 -22.55 16.53
CA GLY A 121 35.25 -22.35 15.82
C GLY A 121 35.52 -20.97 15.24
N ALA A 122 34.57 -20.04 15.38
CA ALA A 122 34.79 -18.67 14.91
C ALA A 122 35.57 -17.87 15.95
N LYS A 123 36.27 -16.83 15.51
CA LYS A 123 37.06 -16.01 16.44
C LYS A 123 36.24 -14.84 17.01
N LYS A 124 35.48 -14.16 16.15
CA LYS A 124 34.70 -13.01 16.60
C LYS A 124 33.28 -13.03 16.05
N VAL A 125 32.40 -12.30 16.72
CA VAL A 125 31.00 -12.23 16.34
C VAL A 125 30.50 -10.79 16.33
N VAL A 126 29.85 -10.38 15.24
CA VAL A 126 29.13 -9.11 15.23
C VAL A 126 27.63 -9.36 15.29
N ILE A 127 27.01 -8.93 16.37
CA ILE A 127 25.56 -9.07 16.50
C ILE A 127 24.88 -7.89 15.81
N THR A 128 23.95 -8.18 14.90
CA THR A 128 23.33 -7.11 14.13
C THR A 128 22.05 -6.59 14.80
N GLY A 129 22.14 -6.24 16.07
CA GLY A 129 21.02 -5.60 16.76
C GLY A 129 21.54 -5.13 18.09
N PRO A 130 20.72 -4.38 18.84
CA PRO A 130 21.15 -3.95 20.18
C PRO A 130 21.32 -5.12 21.15
N SER A 131 22.34 -5.05 22.01
CA SER A 131 22.61 -6.08 23.01
C SER A 131 21.51 -6.18 24.06
N LYS A 132 21.14 -7.40 24.43
CA LYS A 132 20.25 -7.62 25.58
C LYS A 132 21.03 -7.49 26.88
N ASP A 133 22.33 -7.78 26.83
CA ASP A 133 23.20 -7.67 28.00
C ASP A 133 24.21 -6.54 27.86
N ASP A 134 25.37 -6.72 28.47
CA ASP A 134 26.42 -5.70 28.50
C ASP A 134 27.41 -5.81 27.33
N THR A 135 27.07 -6.62 26.32
CA THR A 135 27.88 -6.69 25.10
C THR A 135 28.03 -5.27 24.55
N PRO A 136 29.26 -4.83 24.31
CA PRO A 136 29.51 -3.45 23.88
C PRO A 136 28.92 -3.15 22.51
N MET A 137 28.28 -1.99 22.37
CA MET A 137 27.69 -1.59 21.08
C MET A 137 28.53 -0.54 20.39
N PHE A 138 28.54 -0.56 19.07
CA PHE A 138 29.32 0.41 18.31
C PHE A 138 28.52 1.05 17.19
N VAL A 139 28.85 2.31 16.92
CA VAL A 139 28.36 3.01 15.75
C VAL A 139 29.57 3.55 15.00
N MET A 140 29.80 3.08 13.78
CA MET A 140 30.94 3.55 13.00
C MET A 140 30.90 5.07 12.87
N GLY A 141 32.04 5.69 13.12
CA GLY A 141 32.21 7.12 13.05
C GLY A 141 31.95 7.86 14.35
N VAL A 142 31.38 7.16 15.32
CA VAL A 142 31.05 7.81 16.59
C VAL A 142 31.87 7.27 17.77
N ASN A 143 31.84 5.96 17.99
CA ASN A 143 32.58 5.40 19.12
C ASN A 143 33.37 4.13 18.77
N HIS A 144 33.62 3.90 17.48
CA HIS A 144 34.27 2.66 17.08
C HIS A 144 35.72 2.61 17.57
N THR A 145 36.34 3.77 17.80
CA THR A 145 37.71 3.77 18.30
C THR A 145 37.79 3.33 19.77
N THR A 146 36.64 3.17 20.44
CA THR A 146 36.63 2.65 21.81
C THR A 146 36.68 1.12 21.85
N TYR A 147 36.70 0.49 20.68
CA TYR A 147 36.82 -0.97 20.59
C TYR A 147 38.17 -1.39 21.19
N LYS A 148 38.16 -2.44 22.00
CA LYS A 148 39.34 -2.87 22.77
C LYS A 148 39.74 -4.32 22.55
N GLY A 149 39.41 -4.89 21.39
CA GLY A 149 39.77 -6.27 21.10
C GLY A 149 38.77 -7.32 21.56
N GLU A 150 37.58 -6.89 21.98
CA GLU A 150 36.52 -7.81 22.36
C GLU A 150 36.17 -8.80 21.24
N ALA A 151 35.85 -10.03 21.62
CA ALA A 151 35.52 -11.07 20.66
C ALA A 151 34.07 -10.95 20.16
N ILE A 152 33.19 -10.43 21.00
CA ILE A 152 31.78 -10.28 20.64
C ILE A 152 31.35 -8.83 20.75
N VAL A 153 30.80 -8.29 19.66
CA VAL A 153 30.31 -6.92 19.65
C VAL A 153 28.94 -6.82 18.98
N SER A 154 28.31 -5.68 19.17
CA SER A 154 27.05 -5.35 18.55
C SER A 154 27.20 -4.07 17.73
N ASN A 155 26.52 -4.00 16.58
CA ASN A 155 26.56 -2.79 15.74
C ASN A 155 25.37 -1.88 16.08
N ALA A 156 24.79 -2.09 17.27
CA ALA A 156 23.64 -1.31 17.73
C ALA A 156 22.46 -1.51 16.77
N SER A 157 21.59 -0.50 16.67
CA SER A 157 20.41 -0.62 15.82
C SER A 157 20.50 0.30 14.61
N CYS A 158 19.65 0.08 13.58
CA CYS A 158 19.62 0.97 12.41
C CYS A 158 19.31 2.41 12.83
N THR A 159 18.35 2.56 13.74
CA THR A 159 17.93 3.88 14.19
C THR A 159 19.06 4.57 14.95
N THR A 160 19.77 3.82 15.78
CA THR A 160 20.88 4.39 16.53
C THR A 160 22.02 4.81 15.58
N ASN A 161 22.26 4.03 14.52
CA ASN A 161 23.28 4.41 13.55
C ASN A 161 22.89 5.67 12.75
N CYS A 162 21.60 6.00 12.73
CA CYS A 162 21.16 7.24 12.09
C CYS A 162 21.25 8.42 13.05
N LEU A 163 20.76 8.23 14.27
CA LEU A 163 20.72 9.32 15.26
C LEU A 163 22.10 9.73 15.79
N ALA A 164 22.94 8.75 16.13
CA ALA A 164 24.21 9.04 16.80
C ALA A 164 25.15 9.96 16.01
N PRO A 165 25.30 9.73 14.68
CA PRO A 165 26.20 10.64 13.95
C PRO A 165 25.69 12.07 13.90
N LEU A 166 24.38 12.22 13.75
CA LEU A 166 23.73 13.53 13.75
C LEU A 166 23.88 14.18 15.13
N ALA A 167 23.60 13.41 16.19
CA ALA A 167 23.71 13.92 17.56
C ALA A 167 25.14 14.34 17.84
N LYS A 168 26.09 13.57 17.32
CA LYS A 168 27.50 13.86 17.55
C LYS A 168 27.90 15.23 17.00
N VAL A 169 27.49 15.54 15.77
CA VAL A 169 27.82 16.83 15.17
C VAL A 169 27.25 17.98 16.01
N LEU A 170 25.97 17.88 16.37
CA LEU A 170 25.31 18.92 17.16
C LEU A 170 25.93 19.06 18.54
N ASN A 171 26.20 17.91 19.17
CA ASN A 171 26.78 17.93 20.49
C ASN A 171 28.19 18.51 20.49
N ASP A 172 29.00 18.12 19.52
CA ASP A 172 30.37 18.63 19.39
C ASP A 172 30.40 20.11 19.07
N LYS A 173 29.57 20.54 18.13
CA LYS A 173 29.60 21.92 17.66
C LYS A 173 28.86 22.89 18.59
N PHE A 174 27.67 22.53 19.05
CA PHE A 174 26.83 23.47 19.81
C PHE A 174 26.45 22.96 21.21
N GLY A 175 26.57 21.65 21.41
CA GLY A 175 26.15 21.01 22.65
C GLY A 175 24.66 20.78 22.75
N ILE A 176 24.27 19.59 23.22
CA ILE A 176 22.86 19.24 23.36
C ILE A 176 22.43 19.28 24.83
N VAL A 177 21.42 20.09 25.14
CA VAL A 177 20.87 20.14 26.50
C VAL A 177 19.99 18.93 26.77
N GLU A 178 19.08 18.68 25.84
CA GLU A 178 18.09 17.61 25.93
C GLU A 178 17.51 17.43 24.55
N GLY A 179 16.98 16.25 24.27
CA GLY A 179 16.43 16.00 22.94
C GLY A 179 15.41 14.89 22.98
N LEU A 180 14.41 15.00 22.11
CA LEU A 180 13.39 13.97 21.95
C LEU A 180 13.29 13.60 20.48
N MET A 181 13.29 12.29 20.22
CA MET A 181 13.38 11.78 18.87
C MET A 181 12.11 11.03 18.48
N THR A 182 11.69 11.21 17.24
CA THR A 182 10.74 10.27 16.65
C THR A 182 11.37 9.64 15.40
N THR A 183 11.24 8.34 15.27
CA THR A 183 11.59 7.75 13.99
C THR A 183 10.32 7.26 13.31
N VAL A 184 10.13 7.73 12.08
CA VAL A 184 9.06 7.23 11.23
C VAL A 184 9.68 6.11 10.40
N HIS A 185 9.26 4.89 10.69
CA HIS A 185 10.00 3.73 10.26
C HIS A 185 9.25 2.86 9.25
N ALA A 186 9.98 2.37 8.26
CA ALA A 186 9.44 1.40 7.32
C ALA A 186 9.03 0.09 7.99
N THR A 187 8.07 -0.60 7.38
CA THR A 187 7.65 -1.93 7.81
C THR A 187 8.84 -2.89 7.82
N THR A 188 8.88 -3.78 8.80
CA THR A 188 9.91 -4.82 8.83
C THR A 188 9.30 -6.21 8.97
N ALA A 189 10.17 -7.23 8.99
CA ALA A 189 9.77 -8.62 9.02
C ALA A 189 9.01 -9.04 10.29
N THR A 190 9.16 -8.33 11.40
CA THR A 190 8.48 -8.73 12.64
C THR A 190 6.98 -8.38 12.60
N GLN A 191 6.59 -7.52 11.67
CA GLN A 191 5.20 -7.07 11.57
C GLN A 191 4.30 -8.03 10.78
N LYS A 192 2.99 -7.73 10.74
CA LYS A 192 2.01 -8.66 10.17
C LYS A 192 1.26 -8.06 9.00
N THR A 193 0.88 -8.93 8.05
CA THR A 193 0.15 -8.47 6.87
C THR A 193 -1.30 -8.07 7.22
N VAL A 194 -1.96 -8.81 8.10
CA VAL A 194 -3.32 -8.48 8.58
C VAL A 194 -3.28 -8.64 10.11
N ASP A 195 -4.26 -8.07 10.84
CA ASP A 195 -4.25 -8.18 12.32
C ASP A 195 -3.96 -9.62 12.79
N GLY A 196 -2.82 -9.82 13.45
CA GLY A 196 -2.42 -11.15 13.94
C GLY A 196 -1.76 -11.07 15.32
N PRO A 197 -1.33 -12.21 15.87
CA PRO A 197 -0.85 -12.27 17.25
C PRO A 197 0.54 -11.67 17.47
N SER A 198 0.67 -10.75 18.41
CA SER A 198 1.96 -10.22 18.81
C SER A 198 1.89 -9.93 20.30
N GLN A 199 2.03 -11.00 21.07
CA GLN A 199 1.75 -11.02 22.49
C GLN A 199 2.59 -10.02 23.31
N LYS A 200 3.80 -9.71 22.83
CA LYS A 200 4.70 -8.79 23.55
C LYS A 200 4.70 -7.39 22.93
N ASP A 201 3.89 -7.19 21.90
CA ASP A 201 3.79 -5.90 21.22
C ASP A 201 2.43 -5.83 20.51
N TRP A 202 1.36 -5.53 21.25
CA TRP A 202 0.01 -5.65 20.69
C TRP A 202 -0.17 -4.79 19.45
N ARG A 203 0.32 -3.56 19.54
CA ARG A 203 0.18 -2.62 18.43
C ARG A 203 0.85 -3.18 17.19
N GLY A 204 2.03 -3.77 17.38
CA GLY A 204 2.81 -4.34 16.31
C GLY A 204 2.21 -5.54 15.61
N GLY A 205 1.17 -6.14 16.21
CA GLY A 205 0.45 -7.23 15.58
C GLY A 205 -0.62 -6.79 14.58
N ARG A 206 -1.02 -5.53 14.64
CA ARG A 206 -2.08 -5.02 13.76
C ARG A 206 -1.58 -4.89 12.32
N GLY A 207 -2.48 -5.04 11.34
CA GLY A 207 -2.09 -5.05 9.94
C GLY A 207 -1.21 -3.87 9.55
N ALA A 208 -0.05 -4.16 8.97
CA ALA A 208 0.97 -3.14 8.69
C ALA A 208 0.53 -2.19 7.58
N ALA A 209 -0.07 -2.74 6.55
CA ALA A 209 -0.48 -1.95 5.39
C ALA A 209 -1.64 -1.01 5.71
N GLN A 210 -2.44 -1.34 6.72
CA GLN A 210 -3.65 -0.56 7.03
C GLN A 210 -3.41 0.58 8.03
N ASN A 211 -2.26 0.58 8.70
CA ASN A 211 -2.10 1.39 9.89
C ASN A 211 -0.80 2.19 9.99
N ILE A 212 -0.91 3.36 10.63
CA ILE A 212 0.22 3.99 11.30
C ILE A 212 0.28 3.34 12.68
N ILE A 213 1.42 2.75 13.04
CA ILE A 213 1.52 1.96 14.28
C ILE A 213 2.58 2.49 15.26
N PRO A 214 2.15 3.10 16.38
CA PRO A 214 3.17 3.59 17.33
C PRO A 214 3.96 2.44 17.89
N SER A 215 5.19 2.73 18.28
CA SER A 215 6.10 1.72 18.79
C SER A 215 7.08 2.33 19.77
N SER A 216 7.48 1.53 20.75
CA SER A 216 8.58 1.90 21.61
C SER A 216 9.91 1.60 20.92
N THR A 217 10.93 2.35 21.29
CA THR A 217 12.30 2.12 20.84
C THR A 217 13.27 2.70 21.87
N GLY A 218 14.35 1.97 22.15
CA GLY A 218 15.40 2.43 23.03
C GLY A 218 16.55 3.08 22.29
N ALA A 219 16.32 3.45 21.03
CA ALA A 219 17.41 3.88 20.18
C ALA A 219 17.97 5.24 20.60
N ALA A 220 17.10 6.14 21.03
CA ALA A 220 17.57 7.46 21.42
C ALA A 220 18.25 7.35 22.77
N LYS A 221 17.65 6.57 23.67
CA LYS A 221 18.26 6.32 24.97
C LYS A 221 19.64 5.64 24.79
N ALA A 222 19.74 4.71 23.83
CA ALA A 222 21.01 4.01 23.60
C ALA A 222 22.14 4.91 23.10
N VAL A 223 21.78 6.02 22.44
CA VAL A 223 22.78 6.99 22.00
C VAL A 223 23.50 7.58 23.22
N GLY A 224 22.82 7.54 24.37
CA GLY A 224 23.45 7.89 25.64
C GLY A 224 24.62 6.99 25.99
N LYS A 225 24.58 5.74 25.57
CA LYS A 225 25.72 4.82 25.72
C LYS A 225 26.81 5.03 24.65
N ILE A 226 26.39 5.30 23.41
CA ILE A 226 27.34 5.55 22.34
C ILE A 226 28.09 6.86 22.55
N ILE A 227 27.35 7.88 22.99
CA ILE A 227 27.95 9.16 23.33
C ILE A 227 27.65 9.45 24.80
N PRO A 228 28.59 9.06 25.68
CA PRO A 228 28.42 9.09 27.13
C PRO A 228 28.00 10.44 27.68
N SER A 229 28.48 11.52 27.09
CA SER A 229 28.10 12.87 27.54
C SER A 229 26.60 13.14 27.34
N LEU A 230 25.94 12.33 26.53
CA LEU A 230 24.52 12.52 26.27
C LEU A 230 23.67 11.55 27.05
N ASN A 231 24.28 10.83 27.98
CA ASN A 231 23.55 9.87 28.79
C ASN A 231 22.41 10.55 29.53
N GLY A 232 21.20 10.00 29.40
CA GLY A 232 20.05 10.60 30.06
C GLY A 232 19.51 11.88 29.43
N LYS A 233 20.05 12.27 28.28
CA LYS A 233 19.63 13.52 27.64
C LYS A 233 18.76 13.30 26.40
N LEU A 234 18.58 12.04 26.01
CA LEU A 234 17.79 11.69 24.82
C LEU A 234 16.85 10.53 25.09
N THR A 235 15.64 10.61 24.55
CA THR A 235 14.79 9.43 24.44
C THR A 235 13.79 9.65 23.30
N GLY A 236 12.89 8.70 23.07
CA GLY A 236 11.96 8.85 21.96
C GLY A 236 11.04 7.67 21.72
N MET A 237 10.39 7.69 20.55
CA MET A 237 9.49 6.61 20.15
C MET A 237 9.45 6.50 18.63
N ALA A 238 8.58 5.63 18.13
CA ALA A 238 8.54 5.37 16.70
C ALA A 238 7.13 5.29 16.18
N PHE A 239 6.95 5.58 14.89
CA PHE A 239 5.73 5.23 14.16
C PHE A 239 6.12 4.34 13.01
N ARG A 240 5.54 3.16 12.96
CA ARG A 240 5.77 2.25 11.85
CA ARG A 240 5.75 2.23 11.84
C ARG A 240 4.70 2.51 10.77
N VAL A 241 5.16 2.76 9.55
CA VAL A 241 4.25 3.13 8.45
C VAL A 241 4.43 2.20 7.24
N PRO A 242 3.41 2.15 6.34
CA PRO A 242 3.41 1.14 5.27
C PRO A 242 4.32 1.43 4.08
N THR A 243 5.62 1.47 4.29
CA THR A 243 6.58 1.48 3.19
C THR A 243 7.49 0.27 3.39
N PRO A 244 8.10 -0.23 2.31
CA PRO A 244 8.89 -1.46 2.45
C PRO A 244 10.32 -1.25 2.98
N ASN A 245 10.85 -0.04 2.81
CA ASN A 245 12.22 0.25 3.23
C ASN A 245 12.48 1.76 3.25
N VAL A 246 13.49 2.16 4.03
CA VAL A 246 13.90 3.54 4.27
C VAL A 246 13.03 4.15 5.35
N SER A 247 13.71 4.75 6.32
CA SER A 247 13.11 5.29 7.52
C SER A 247 13.70 6.68 7.72
N VAL A 248 13.17 7.44 8.68
CA VAL A 248 13.65 8.79 8.88
C VAL A 248 13.66 9.16 10.37
N VAL A 249 14.72 9.82 10.79
CA VAL A 249 14.81 10.30 12.17
C VAL A 249 14.32 11.74 12.23
N ASP A 250 13.53 12.01 13.26
CA ASP A 250 12.93 13.31 13.50
C ASP A 250 13.38 13.73 14.90
N LEU A 251 14.42 14.55 14.95
CA LEU A 251 15.04 14.92 16.22
C LEU A 251 14.71 16.35 16.63
N THR A 252 14.03 16.46 17.76
CA THR A 252 13.76 17.76 18.36
C THR A 252 14.72 17.99 19.51
N VAL A 253 15.56 19.01 19.38
CA VAL A 253 16.67 19.16 20.30
C VAL A 253 16.86 20.60 20.77
N ARG A 254 17.19 20.75 22.05
CA ARG A 254 17.55 22.04 22.59
C ARG A 254 19.08 22.15 22.70
N LEU A 255 19.62 23.24 22.16
CA LEU A 255 21.06 23.46 22.09
C LEU A 255 21.62 24.37 23.21
N GLU A 256 22.85 24.12 23.63
CA GLU A 256 23.53 24.96 24.63
C GLU A 256 23.94 26.30 24.04
N ARG A 257 24.68 26.25 22.93
CA ARG A 257 25.14 27.46 22.27
C ARG A 257 24.22 27.76 21.08
N PRO A 258 23.93 29.05 20.84
CA PRO A 258 22.94 29.39 19.81
C PRO A 258 23.45 29.08 18.42
N ALA A 259 22.56 28.61 17.57
CA ALA A 259 22.94 28.33 16.19
C ALA A 259 21.76 28.58 15.27
N THR A 260 21.99 29.32 14.20
CA THR A 260 20.98 29.52 13.19
C THR A 260 20.83 28.22 12.41
N TYR A 261 19.75 28.08 11.67
CA TYR A 261 19.55 26.87 10.89
C TYR A 261 20.66 26.70 9.86
N LYS A 262 21.10 27.80 9.26
CA LYS A 262 22.20 27.78 8.30
C LYS A 262 23.50 27.31 8.94
N GLN A 263 23.76 27.77 10.16
CA GLN A 263 24.97 27.35 10.86
C GLN A 263 24.92 25.87 11.22
N ILE A 264 23.73 25.39 11.57
CA ILE A 264 23.55 23.96 11.83
C ILE A 264 23.79 23.16 10.54
N CYS A 265 23.21 23.62 9.42
CA CYS A 265 23.42 22.97 8.13
C CYS A 265 24.90 22.96 7.74
N ASP A 266 25.58 24.10 7.89
CA ASP A 266 27.00 24.20 7.53
C ASP A 266 27.84 23.23 8.33
N ALA A 267 27.49 23.07 9.61
CA ALA A 267 28.23 22.17 10.49
C ALA A 267 28.04 20.72 10.05
N ILE A 268 26.80 20.35 9.75
CA ILE A 268 26.52 19.00 9.30
C ILE A 268 27.20 18.74 7.95
N LYS A 269 27.10 19.71 7.05
CA LYS A 269 27.71 19.58 5.74
C LYS A 269 29.22 19.40 5.86
N ALA A 270 29.87 20.18 6.72
CA ALA A 270 31.32 20.08 6.91
C ALA A 270 31.71 18.69 7.41
N ALA A 271 30.98 18.17 8.38
CA ALA A 271 31.24 16.86 8.95
C ALA A 271 31.06 15.75 7.91
N SER A 272 30.08 15.93 7.04
CA SER A 272 29.80 14.97 5.98
C SER A 272 30.93 14.95 4.95
N GLU A 273 31.69 16.04 4.87
CA GLU A 273 32.79 16.15 3.92
C GLU A 273 34.11 15.80 4.59
N GLY A 274 34.11 15.79 5.92
CA GLY A 274 35.31 15.51 6.68
C GLY A 274 35.28 14.23 7.48
N GLU A 275 35.16 14.39 8.80
CA GLU A 275 35.29 13.29 9.75
C GLU A 275 34.24 12.19 9.58
N LEU A 276 33.04 12.57 9.14
CA LEU A 276 31.95 11.61 9.00
C LEU A 276 31.66 11.29 7.53
N LYS A 277 32.64 11.52 6.67
CA LYS A 277 32.49 11.21 5.26
C LYS A 277 32.17 9.72 5.11
N GLY A 278 31.18 9.41 4.29
CA GLY A 278 30.79 8.02 4.06
C GLY A 278 29.92 7.46 5.17
N ILE A 279 29.67 8.26 6.20
CA ILE A 279 28.79 7.88 7.28
C ILE A 279 27.56 8.80 7.31
N LEU A 280 27.80 10.09 7.47
CA LEU A 280 26.75 11.09 7.48
C LEU A 280 26.72 11.82 6.14
N GLY A 281 25.54 11.96 5.55
CA GLY A 281 25.41 12.65 4.28
C GLY A 281 24.63 13.96 4.42
N TYR A 282 24.73 14.80 3.39
CA TYR A 282 24.06 16.09 3.42
C TYR A 282 23.29 16.24 2.13
N VAL A 283 21.98 16.43 2.24
CA VAL A 283 21.14 16.57 1.07
C VAL A 283 20.39 17.90 1.14
N ASP A 284 20.37 18.61 0.01
CA ASP A 284 19.76 19.93 -0.07
C ASP A 284 18.78 19.96 -1.25
N GLU A 285 17.86 19.00 -1.27
CA GLU A 285 16.96 18.80 -2.41
C GLU A 285 15.57 18.35 -1.94
N GLU A 286 14.57 18.43 -2.80
CA GLU A 286 13.21 18.00 -2.46
C GLU A 286 13.03 16.48 -2.53
N ILE A 287 13.79 15.74 -1.74
CA ILE A 287 13.75 14.29 -1.86
C ILE A 287 12.59 13.66 -1.06
N VAL A 288 12.29 12.39 -1.35
CA VAL A 288 11.35 11.60 -0.57
C VAL A 288 12.04 10.28 -0.24
N SER A 289 11.40 9.43 0.56
CA SER A 289 12.08 8.25 1.10
C SER A 289 12.72 7.36 0.03
N SER A 290 12.03 7.14 -1.08
CA SER A 290 12.56 6.19 -2.06
C SER A 290 13.86 6.66 -2.70
N ASP A 291 14.14 7.96 -2.66
CA ASP A 291 15.42 8.48 -3.14
C ASP A 291 16.61 8.01 -2.32
N ILE A 292 16.33 7.53 -1.10
CA ILE A 292 17.38 7.11 -0.19
C ILE A 292 17.59 5.59 -0.30
N ASN A 293 16.70 4.91 -1.02
CA ASN A 293 16.84 3.45 -1.15
C ASN A 293 18.17 3.04 -1.81
N GLY A 294 18.94 2.18 -1.14
CA GLY A 294 20.22 1.74 -1.68
C GLY A 294 21.41 2.59 -1.24
N ILE A 295 21.15 3.70 -0.55
CA ILE A 295 22.24 4.55 -0.07
C ILE A 295 22.96 3.91 1.11
N PRO A 296 24.30 3.77 1.03
CA PRO A 296 25.05 3.06 2.07
C PRO A 296 25.37 3.92 3.31
N LEU A 297 25.07 5.21 3.25
CA LEU A 297 25.22 6.07 4.44
C LEU A 297 24.29 5.57 5.55
N THR A 298 24.67 5.81 6.80
CA THR A 298 23.81 5.46 7.92
C THR A 298 22.94 6.64 8.38
N SER A 299 23.22 7.83 7.87
CA SER A 299 22.47 9.02 8.28
C SER A 299 22.52 10.04 7.14
N VAL A 300 21.37 10.41 6.58
CA VAL A 300 21.33 11.34 5.44
C VAL A 300 20.52 12.60 5.79
N PHE A 301 21.22 13.66 6.15
CA PHE A 301 20.59 14.87 6.67
C PHE A 301 19.81 15.57 5.57
N ASP A 302 18.55 15.87 5.85
CA ASP A 302 17.65 16.52 4.90
C ASP A 302 17.51 17.99 5.30
N ALA A 303 18.32 18.85 4.70
CA ALA A 303 18.39 20.25 5.13
C ALA A 303 17.06 20.96 4.97
N ARG A 304 16.39 20.74 3.85
CA ARG A 304 15.16 21.48 3.56
C ARG A 304 13.97 21.00 4.38
N ALA A 305 14.05 19.79 4.93
CA ALA A 305 12.90 19.22 5.64
C ALA A 305 12.74 19.76 7.05
N GLY A 306 13.85 20.12 7.69
CA GLY A 306 13.84 20.53 9.07
C GLY A 306 13.44 21.97 9.31
N ILE A 307 13.31 22.37 10.57
CA ILE A 307 12.88 23.72 10.88
C ILE A 307 13.32 24.19 12.29
N SER A 308 13.79 25.44 12.37
CA SER A 308 14.11 26.06 13.66
C SER A 308 12.96 26.88 14.19
N LEU A 309 12.64 26.71 15.47
CA LEU A 309 11.77 27.66 16.13
C LEU A 309 12.60 28.90 16.47
N ASN A 310 13.74 28.67 17.09
CA ASN A 310 14.69 29.74 17.40
C ASN A 310 16.12 29.16 17.42
N ASP A 311 17.08 29.99 17.79
CA ASP A 311 18.49 29.62 17.74
C ASP A 311 18.91 28.54 18.73
N ASN A 312 18.02 28.18 19.65
CA ASN A 312 18.32 27.11 20.60
C ASN A 312 17.33 25.94 20.59
N PHE A 313 16.33 25.99 19.72
CA PHE A 313 15.30 24.94 19.69
C PHE A 313 14.97 24.61 18.24
N VAL A 314 15.30 23.39 17.84
CA VAL A 314 15.28 23.07 16.42
C VAL A 314 14.84 21.62 16.16
N LYS A 315 14.19 21.40 15.02
CA LYS A 315 13.80 20.06 14.58
C LYS A 315 14.60 19.65 13.35
N LEU A 316 15.32 18.54 13.45
CA LEU A 316 16.18 18.09 12.38
C LEU A 316 15.75 16.75 11.82
N VAL A 317 15.87 16.61 10.51
CA VAL A 317 15.39 15.43 9.81
C VAL A 317 16.55 14.70 9.16
N SER A 318 16.70 13.41 9.44
CA SER A 318 17.76 12.63 8.80
C SER A 318 17.26 11.27 8.34
N TRP A 319 17.49 10.97 7.06
CA TRP A 319 17.04 9.71 6.45
C TRP A 319 18.01 8.55 6.70
N TYR A 320 17.51 7.33 6.63
CA TYR A 320 18.40 6.17 6.57
C TYR A 320 17.73 4.97 5.90
N ASP A 321 18.44 4.37 4.96
CA ASP A 321 18.05 3.08 4.44
C ASP A 321 18.36 2.08 5.56
N ASN A 322 17.32 1.68 6.29
CA ASN A 322 17.52 0.84 7.47
C ASN A 322 18.12 -0.53 7.16
N GLU A 323 18.00 -1.00 5.92
CA GLU A 323 18.68 -2.25 5.50
C GLU A 323 20.11 -1.98 4.98
N THR A 324 20.26 -1.08 4.02
CA THR A 324 21.54 -0.93 3.35
C THR A 324 22.63 -0.21 4.16
N GLY A 325 22.29 0.89 4.81
CA GLY A 325 23.27 1.64 5.58
C GLY A 325 23.86 0.79 6.69
N TYR A 326 22.96 0.26 7.52
CA TYR A 326 23.34 -0.62 8.62
C TYR A 326 24.21 -1.76 8.14
N SER A 327 23.81 -2.39 7.03
CA SER A 327 24.53 -3.56 6.52
C SER A 327 25.95 -3.22 6.09
N ASN A 328 26.12 -2.09 5.43
CA ASN A 328 27.46 -1.67 5.05
C ASN A 328 28.34 -1.41 6.25
N LYS A 329 27.76 -0.85 7.31
CA LYS A 329 28.54 -0.51 8.50
C LYS A 329 28.86 -1.76 9.33
N VAL A 330 28.04 -2.79 9.19
CA VAL A 330 28.39 -4.06 9.80
C VAL A 330 29.73 -4.52 9.25
N LEU A 331 29.88 -4.39 7.93
CA LEU A 331 31.11 -4.74 7.24
C LEU A 331 32.27 -3.78 7.60
N ASP A 332 31.97 -2.50 7.73
CA ASP A 332 32.98 -1.56 8.21
C ASP A 332 33.44 -1.93 9.61
N LEU A 333 32.51 -2.40 10.45
CA LEU A 333 32.86 -2.77 11.83
C LEU A 333 33.69 -4.07 11.84
N ILE A 334 33.37 -5.00 10.96
CA ILE A 334 34.15 -6.22 10.82
C ILE A 334 35.60 -5.87 10.42
N ALA A 335 35.75 -4.98 9.45
CA ALA A 335 37.09 -4.55 9.03
C ALA A 335 37.84 -3.89 10.18
N HIS A 336 37.12 -3.10 10.97
CA HIS A 336 37.77 -2.40 12.06
C HIS A 336 38.21 -3.33 13.20
N ILE A 337 37.35 -4.26 13.60
CA ILE A 337 37.70 -5.06 14.77
C ILE A 337 38.76 -6.12 14.48
N THR A 338 39.12 -6.26 13.20
CA THR A 338 40.13 -7.24 12.84
C THR A 338 41.43 -6.54 12.45
N LYS A 339 41.46 -5.21 12.51
CA LYS A 339 42.62 -4.44 12.06
C LYS A 339 43.71 -4.43 13.13
N MET B 9 -32.34 -26.24 20.88
CA MET B 9 -32.42 -25.42 19.67
C MET B 9 -31.19 -24.50 19.50
N VAL B 10 -30.60 -24.06 20.61
CA VAL B 10 -29.40 -23.21 20.54
C VAL B 10 -28.14 -24.08 20.49
N ILE B 11 -27.34 -23.89 19.44
CA ILE B 11 -26.13 -24.70 19.29
C ILE B 11 -24.98 -24.09 20.04
N ARG B 12 -24.36 -24.88 20.92
CA ARG B 12 -23.23 -24.38 21.71
C ARG B 12 -21.94 -24.67 20.93
N VAL B 13 -21.17 -23.62 20.67
CA VAL B 13 -20.03 -23.71 19.78
C VAL B 13 -18.74 -23.29 20.48
N GLY B 14 -17.65 -24.02 20.25
CA GLY B 14 -16.34 -23.60 20.68
C GLY B 14 -15.51 -23.21 19.45
N ILE B 15 -14.65 -22.20 19.58
CA ILE B 15 -13.76 -21.83 18.48
C ILE B 15 -12.32 -22.19 18.79
N ASN B 16 -11.67 -22.93 17.88
CA ASN B 16 -10.24 -23.21 18.00
C ASN B 16 -9.46 -22.43 16.97
N GLY B 17 -8.68 -21.47 17.43
CA GLY B 17 -8.00 -20.57 16.50
C GLY B 17 -8.77 -19.27 16.37
N PHE B 18 -8.41 -18.30 17.20
CA PHE B 18 -9.07 -17.01 17.23
C PHE B 18 -8.35 -16.04 16.27
N GLY B 19 -8.16 -16.48 15.03
CA GLY B 19 -7.50 -15.66 14.00
C GLY B 19 -8.51 -14.85 13.22
N ARG B 20 -8.19 -14.54 11.97
CA ARG B 20 -9.10 -13.72 11.16
C ARG B 20 -10.46 -14.41 11.05
N ILE B 21 -10.48 -15.70 10.70
CA ILE B 21 -11.76 -16.42 10.54
C ILE B 21 -12.45 -16.61 11.91
N GLY B 22 -11.70 -17.07 12.91
CA GLY B 22 -12.22 -17.25 14.25
C GLY B 22 -12.87 -15.99 14.83
N ARG B 23 -12.23 -14.83 14.64
CA ARG B 23 -12.74 -13.58 15.21
C ARG B 23 -13.91 -13.03 14.41
N VAL B 24 -13.89 -13.26 13.09
CA VAL B 24 -15.00 -12.80 12.26
C VAL B 24 -16.21 -13.76 12.41
N VAL B 25 -15.95 -15.05 12.54
CA VAL B 25 -17.00 -16.01 12.92
C VAL B 25 -17.62 -15.59 14.25
N PHE B 26 -16.76 -15.21 15.21
CA PHE B 26 -17.25 -14.80 16.52
C PHE B 26 -18.26 -13.65 16.43
N ARG B 27 -17.91 -12.58 15.72
CA ARG B 27 -18.80 -11.44 15.60
C ARG B 27 -20.11 -11.81 14.91
N ALA B 28 -20.01 -12.62 13.86
CA ALA B 28 -21.22 -13.03 13.14
C ALA B 28 -22.14 -13.84 14.06
N ALA B 29 -21.55 -14.59 15.00
CA ALA B 29 -22.32 -15.39 15.95
C ALA B 29 -23.13 -14.52 16.93
N GLN B 30 -22.65 -13.31 17.21
CA GLN B 30 -23.35 -12.40 18.12
C GLN B 30 -24.72 -11.98 17.60
N ARG B 31 -24.87 -11.95 16.29
CA ARG B 31 -26.12 -11.54 15.66
C ARG B 31 -27.02 -12.72 15.26
N ARG B 32 -26.74 -13.89 15.81
CA ARG B 32 -27.58 -15.07 15.61
C ARG B 32 -28.08 -15.59 16.94
N ASN B 33 -29.36 -15.94 17.03
CA ASN B 33 -29.89 -16.50 18.28
C ASN B 33 -29.65 -18.00 18.40
N ASP B 34 -29.42 -18.64 17.26
CA ASP B 34 -29.34 -20.09 17.21
C ASP B 34 -27.93 -20.63 17.49
N ILE B 35 -26.97 -19.73 17.70
CA ILE B 35 -25.58 -20.12 17.92
C ILE B 35 -24.98 -19.37 19.11
N GLU B 36 -24.34 -20.09 20.02
CA GLU B 36 -23.64 -19.44 21.14
C GLU B 36 -22.19 -19.86 21.21
N ILE B 37 -21.28 -18.90 21.15
CA ILE B 37 -19.87 -19.20 21.36
C ILE B 37 -19.65 -19.28 22.86
N VAL B 38 -19.28 -20.43 23.37
CA VAL B 38 -19.16 -20.59 24.82
C VAL B 38 -17.72 -20.85 25.24
N GLY B 39 -16.86 -21.06 24.25
CA GLY B 39 -15.44 -21.25 24.53
C GLY B 39 -14.54 -20.89 23.36
N ILE B 40 -13.38 -20.31 23.68
CA ILE B 40 -12.40 -19.98 22.67
C ILE B 40 -11.02 -20.48 23.05
N ASN B 41 -10.32 -21.08 22.10
CA ASN B 41 -8.95 -21.52 22.33
C ASN B 41 -7.98 -20.93 21.31
N ASP B 42 -6.86 -20.40 21.81
CA ASP B 42 -5.77 -19.90 20.98
C ASP B 42 -4.49 -19.98 21.84
N LEU B 43 -3.48 -19.19 21.52
CA LEU B 43 -2.27 -19.14 22.34
C LEU B 43 -2.13 -17.76 22.96
N LEU B 44 -3.22 -17.28 23.53
CA LEU B 44 -3.34 -15.89 23.98
C LEU B 44 -3.96 -15.77 25.37
N ASP B 45 -3.50 -14.80 26.15
CA ASP B 45 -4.19 -14.45 27.38
C ASP B 45 -5.59 -13.94 27.06
N ALA B 46 -6.46 -14.03 28.05
CA ALA B 46 -7.84 -13.57 27.91
C ALA B 46 -7.91 -12.07 27.57
N ASP B 47 -7.07 -11.25 28.20
CA ASP B 47 -7.13 -9.80 27.96
C ASP B 47 -6.63 -9.44 26.55
N TYR B 48 -5.67 -10.19 26.04
CA TYR B 48 -5.22 -9.95 24.67
C TYR B 48 -6.31 -10.38 23.69
N MET B 49 -6.98 -11.50 23.99
CA MET B 49 -8.07 -11.95 23.12
C MET B 49 -9.17 -10.89 23.09
N ALA B 50 -9.47 -10.32 24.26
CA ALA B 50 -10.48 -9.26 24.36
C ALA B 50 -10.10 -8.09 23.47
N TYR B 51 -8.83 -7.73 23.50
CA TYR B 51 -8.31 -6.63 22.68
C TYR B 51 -8.42 -6.95 21.19
N MET B 52 -8.14 -8.20 20.81
CA MET B 52 -8.13 -8.55 19.39
C MET B 52 -9.55 -8.54 18.85
N LEU B 53 -10.50 -8.91 19.70
CA LEU B 53 -11.92 -8.88 19.37
C LEU B 53 -12.42 -7.43 19.27
N LYS B 54 -11.98 -6.59 20.19
CA LYS B 54 -12.52 -5.23 20.28
C LYS B 54 -12.10 -4.37 19.10
N TYR B 55 -10.82 -4.47 18.70
CA TYR B 55 -10.28 -3.60 17.66
C TYR B 55 -9.89 -4.42 16.44
N ASP B 56 -10.38 -3.99 15.28
CA ASP B 56 -10.18 -4.72 14.03
C ASP B 56 -9.89 -3.73 12.91
N SER B 57 -8.71 -3.81 12.32
CA SER B 57 -8.33 -2.88 11.26
C SER B 57 -9.27 -2.96 10.06
N THR B 58 -9.82 -4.13 9.81
CA THR B 58 -10.64 -4.32 8.62
C THR B 58 -12.14 -4.03 8.83
N HIS B 59 -12.67 -4.43 9.98
CA HIS B 59 -14.11 -4.35 10.19
C HIS B 59 -14.49 -3.40 11.33
N GLY B 60 -13.55 -2.61 11.81
CA GLY B 60 -13.86 -1.58 12.79
C GLY B 60 -14.10 -2.11 14.21
N ARG B 61 -14.48 -1.19 15.11
CA ARG B 61 -14.71 -1.49 16.53
C ARG B 61 -15.81 -2.49 16.75
N PHE B 62 -15.63 -3.42 17.67
CA PHE B 62 -16.70 -4.32 18.07
C PHE B 62 -17.82 -3.50 18.74
N GLU B 63 -19.06 -3.81 18.41
CA GLU B 63 -20.21 -3.05 18.90
C GLU B 63 -20.67 -3.41 20.32
N GLY B 64 -20.37 -4.62 20.77
CA GLY B 64 -20.83 -5.08 22.07
C GLY B 64 -19.94 -4.71 23.24
N ALA B 65 -20.31 -5.22 24.41
CA ALA B 65 -19.53 -5.02 25.62
C ALA B 65 -18.58 -6.22 25.76
N VAL B 66 -17.31 -5.92 26.05
CA VAL B 66 -16.28 -6.95 26.27
C VAL B 66 -15.53 -6.69 27.57
N GLU B 67 -15.39 -7.74 28.38
CA GLU B 67 -14.69 -7.62 29.64
C GLU B 67 -13.96 -8.92 29.98
N VAL B 68 -12.93 -8.82 30.81
CA VAL B 68 -12.26 -10.00 31.30
C VAL B 68 -12.60 -10.14 32.77
N GLN B 69 -13.15 -11.31 33.14
CA GLN B 69 -13.48 -11.58 34.53
C GLN B 69 -12.91 -12.91 34.96
N GLY B 70 -11.87 -12.88 35.79
CA GLY B 70 -11.28 -14.10 36.31
C GLY B 70 -10.86 -15.05 35.21
N GLY B 71 -10.14 -14.53 34.22
CA GLY B 71 -9.60 -15.36 33.16
C GLY B 71 -10.63 -15.83 32.15
N ALA B 72 -11.87 -15.36 32.27
CA ALA B 72 -12.90 -15.67 31.28
C ALA B 72 -13.27 -14.42 30.54
N LEU B 73 -13.69 -14.60 29.31
CA LEU B 73 -14.12 -13.49 28.50
C LEU B 73 -15.62 -13.30 28.73
N VAL B 74 -16.06 -12.08 29.06
CA VAL B 74 -17.49 -11.80 29.18
C VAL B 74 -17.95 -10.83 28.09
N VAL B 75 -18.74 -11.35 27.16
CA VAL B 75 -19.20 -10.56 26.02
C VAL B 75 -20.72 -10.45 25.97
N ASN B 76 -21.24 -9.22 26.01
CA ASN B 76 -22.68 -8.97 26.01
C ASN B 76 -23.45 -9.82 27.01
N GLY B 77 -22.94 -9.85 28.24
CA GLY B 77 -23.57 -10.55 29.35
C GLY B 77 -23.38 -12.05 29.46
N LYS B 78 -22.68 -12.64 28.49
CA LYS B 78 -22.44 -14.09 28.50
C LYS B 78 -20.97 -14.39 28.75
N LYS B 79 -20.71 -15.41 29.55
CA LYS B 79 -19.37 -15.86 29.92
C LYS B 79 -18.80 -16.82 28.87
N ILE B 80 -17.53 -16.64 28.53
CA ILE B 80 -16.87 -17.45 27.51
C ILE B 80 -15.54 -17.99 28.04
N ARG B 81 -15.40 -19.32 28.10
CA ARG B 81 -14.15 -19.90 28.59
C ARG B 81 -12.98 -19.60 27.65
N VAL B 82 -11.87 -19.15 28.21
CA VAL B 82 -10.65 -18.92 27.44
C VAL B 82 -9.57 -19.92 27.85
N THR B 83 -9.05 -20.69 26.89
CA THR B 83 -7.98 -21.63 27.17
C THR B 83 -6.81 -21.44 26.21
N SER B 84 -5.68 -22.07 26.53
CA SER B 84 -4.45 -21.94 25.77
C SER B 84 -3.82 -23.29 25.48
N GLU B 85 -4.63 -24.26 25.06
CA GLU B 85 -4.14 -25.61 24.78
C GLU B 85 -3.61 -25.75 23.35
N ARG B 86 -2.33 -26.06 23.21
CA ARG B 86 -1.72 -26.25 21.90
C ARG B 86 -2.22 -27.56 21.27
N ASP B 87 -2.44 -28.56 22.13
CA ASP B 87 -2.95 -29.86 21.71
C ASP B 87 -4.47 -29.96 21.95
N PRO B 88 -5.26 -29.94 20.86
CA PRO B 88 -6.73 -29.92 20.89
C PRO B 88 -7.33 -31.07 21.70
N ALA B 89 -6.60 -32.17 21.82
CA ALA B 89 -7.04 -33.31 22.60
C ALA B 89 -7.29 -32.95 24.07
N ASN B 90 -6.66 -31.88 24.54
CA ASN B 90 -6.77 -31.50 25.95
C ASN B 90 -7.79 -30.39 26.22
N LEU B 91 -8.63 -30.09 25.24
CA LEU B 91 -9.48 -28.90 25.30
C LEU B 91 -10.70 -29.03 26.20
N LYS B 92 -11.01 -30.26 26.61
CA LYS B 92 -12.14 -30.52 27.52
C LYS B 92 -13.42 -29.78 27.13
N TRP B 93 -13.84 -29.95 25.88
CA TRP B 93 -15.01 -29.27 25.36
C TRP B 93 -16.27 -29.70 26.12
N ASN B 94 -16.25 -30.92 26.66
CA ASN B 94 -17.41 -31.43 27.40
C ASN B 94 -17.75 -30.64 28.66
N GLU B 95 -16.75 -30.03 29.29
CA GLU B 95 -16.98 -29.31 30.55
C GLU B 95 -17.78 -28.02 30.33
N ILE B 96 -17.84 -27.55 29.09
CA ILE B 96 -18.72 -26.43 28.76
C ILE B 96 -19.78 -26.85 27.75
N ASN B 97 -20.00 -28.16 27.62
CA ASN B 97 -21.10 -28.73 26.81
C ASN B 97 -21.14 -28.22 25.38
N VAL B 98 -20.00 -28.26 24.69
CA VAL B 98 -19.92 -27.80 23.32
C VAL B 98 -20.45 -28.85 22.35
N ASP B 99 -21.35 -28.42 21.45
CA ASP B 99 -21.89 -29.28 20.41
C ASP B 99 -20.93 -29.33 19.22
N VAL B 100 -20.61 -28.17 18.66
CA VAL B 100 -19.79 -28.12 17.46
C VAL B 100 -18.56 -27.24 17.69
N VAL B 101 -17.41 -27.68 17.20
CA VAL B 101 -16.21 -26.88 17.29
C VAL B 101 -15.92 -26.25 15.92
N VAL B 102 -15.67 -24.94 15.90
CA VAL B 102 -15.14 -24.28 14.71
C VAL B 102 -13.62 -24.44 14.74
N GLU B 103 -13.08 -25.25 13.84
CA GLU B 103 -11.65 -25.51 13.79
C GLU B 103 -10.96 -24.58 12.80
N SER B 104 -10.44 -23.45 13.30
CA SER B 104 -9.91 -22.42 12.43
C SER B 104 -8.47 -22.00 12.76
N THR B 105 -7.64 -22.95 13.19
CA THR B 105 -6.22 -22.65 13.42
C THR B 105 -5.46 -22.66 12.10
N GLY B 106 -6.03 -23.35 11.12
CA GLY B 106 -5.35 -23.63 9.85
C GLY B 106 -4.36 -24.77 9.91
N LEU B 107 -4.28 -25.45 11.06
CA LEU B 107 -3.29 -26.52 11.27
C LEU B 107 -3.88 -27.93 11.21
N PHE B 108 -5.19 -28.02 11.38
CA PHE B 108 -5.84 -29.31 11.57
C PHE B 108 -6.92 -29.57 10.52
N LEU B 109 -6.48 -29.85 9.30
CA LEU B 109 -7.36 -29.96 8.11
C LEU B 109 -7.53 -31.41 7.66
N SER B 110 -7.49 -32.34 8.60
CA SER B 110 -7.63 -33.75 8.29
C SER B 110 -8.43 -34.43 9.37
N ASP B 111 -8.92 -35.63 9.09
CA ASP B 111 -9.72 -36.36 10.05
C ASP B 111 -8.92 -36.71 11.30
N ASP B 112 -7.67 -37.12 11.13
CA ASP B 112 -6.83 -37.55 12.25
C ASP B 112 -6.64 -36.44 13.28
N THR B 113 -6.44 -35.23 12.80
CA THR B 113 -6.23 -34.08 13.67
C THR B 113 -7.52 -33.45 14.22
N ALA B 114 -8.50 -33.21 13.35
CA ALA B 114 -9.74 -32.56 13.76
C ALA B 114 -10.53 -33.42 14.75
N ARG B 115 -10.36 -34.74 14.65
CA ARG B 115 -11.09 -35.67 15.52
C ARG B 115 -10.68 -35.55 16.99
N LYS B 116 -9.55 -34.89 17.24
CA LYS B 116 -9.09 -34.66 18.59
C LYS B 116 -10.11 -33.83 19.38
N HIS B 117 -10.87 -32.98 18.67
CA HIS B 117 -11.94 -32.22 19.30
C HIS B 117 -13.03 -33.14 19.83
N ILE B 118 -13.29 -34.23 19.10
CA ILE B 118 -14.29 -35.18 19.52
C ILE B 118 -13.77 -36.02 20.68
N GLN B 119 -12.48 -36.33 20.67
CA GLN B 119 -11.85 -36.95 21.82
C GLN B 119 -11.98 -36.06 23.04
N ALA B 120 -11.91 -34.76 22.81
CA ALA B 120 -11.96 -33.78 23.88
C ALA B 120 -13.39 -33.46 24.30
N GLY B 121 -14.36 -34.19 23.76
CA GLY B 121 -15.73 -34.07 24.22
C GLY B 121 -16.75 -33.34 23.33
N ALA B 122 -16.31 -32.83 22.19
CA ALA B 122 -17.25 -32.18 21.28
C ALA B 122 -17.96 -33.23 20.44
N LYS B 123 -19.15 -32.90 19.93
CA LYS B 123 -19.92 -33.84 19.11
C LYS B 123 -19.54 -33.71 17.63
N LYS B 124 -19.41 -32.47 17.14
CA LYS B 124 -19.08 -32.28 15.73
C LYS B 124 -18.02 -31.19 15.48
N VAL B 125 -17.38 -31.23 14.33
CA VAL B 125 -16.34 -30.28 13.98
C VAL B 125 -16.52 -29.72 12.57
N VAL B 126 -16.47 -28.40 12.44
CA VAL B 126 -16.40 -27.78 11.12
C VAL B 126 -15.00 -27.23 10.91
N ILE B 127 -14.30 -27.79 9.93
CA ILE B 127 -12.98 -27.32 9.55
C ILE B 127 -13.11 -26.12 8.60
N THR B 128 -12.45 -25.01 8.93
CA THR B 128 -12.59 -23.82 8.10
C THR B 128 -11.53 -23.75 7.02
N GLY B 129 -11.41 -24.82 6.25
CA GLY B 129 -10.53 -24.83 5.09
C GLY B 129 -10.79 -26.06 4.27
N PRO B 130 -10.19 -26.13 3.07
CA PRO B 130 -10.34 -27.35 2.28
C PRO B 130 -9.65 -28.54 2.97
N SER B 131 -10.29 -29.72 2.92
CA SER B 131 -9.74 -30.93 3.53
C SER B 131 -8.48 -31.40 2.84
N LYS B 132 -7.50 -31.85 3.63
CA LYS B 132 -6.34 -32.52 3.06
C LYS B 132 -6.61 -33.99 2.73
N ASP B 133 -7.59 -34.59 3.41
CA ASP B 133 -7.96 -35.98 3.13
C ASP B 133 -9.36 -36.06 2.51
N ASP B 134 -10.05 -37.17 2.73
CA ASP B 134 -11.37 -37.35 2.13
C ASP B 134 -12.50 -36.83 3.01
N THR B 135 -12.16 -35.97 3.97
CA THR B 135 -13.18 -35.29 4.77
C THR B 135 -14.13 -34.53 3.83
N PRO B 136 -15.44 -34.76 3.96
CA PRO B 136 -16.39 -34.14 3.01
C PRO B 136 -16.42 -32.62 3.13
N MET B 137 -16.38 -31.95 1.98
CA MET B 137 -16.45 -30.49 1.92
C MET B 137 -17.84 -30.03 1.48
N PHE B 138 -18.27 -28.88 2.00
CA PHE B 138 -19.58 -28.35 1.65
C PHE B 138 -19.56 -26.86 1.29
N VAL B 139 -20.45 -26.50 0.37
CA VAL B 139 -20.71 -25.11 0.06
C VAL B 139 -22.20 -24.88 0.24
N MET B 140 -22.56 -24.02 1.18
CA MET B 140 -23.99 -23.72 1.43
C MET B 140 -24.65 -23.24 0.15
N GLY B 141 -25.82 -23.82 -0.13
CA GLY B 141 -26.60 -23.48 -1.30
C GLY B 141 -26.28 -24.32 -2.50
N VAL B 142 -25.19 -25.08 -2.44
CA VAL B 142 -24.84 -25.88 -3.60
C VAL B 142 -24.91 -27.38 -3.33
N ASN B 143 -24.23 -27.87 -2.30
CA ASN B 143 -24.29 -29.30 -2.02
C ASN B 143 -24.53 -29.65 -0.55
N HIS B 144 -25.03 -28.69 0.24
CA HIS B 144 -25.18 -28.92 1.68
C HIS B 144 -26.21 -30.01 1.98
N THR B 145 -27.14 -30.24 1.06
CA THR B 145 -28.13 -31.31 1.25
C THR B 145 -27.55 -32.72 1.06
N THR B 146 -26.30 -32.82 0.60
CA THR B 146 -25.66 -34.13 0.49
C THR B 146 -25.06 -34.54 1.84
N TYR B 147 -25.16 -33.66 2.83
CA TYR B 147 -24.64 -33.97 4.15
C TYR B 147 -25.42 -35.16 4.71
N LYS B 148 -24.70 -36.13 5.28
CA LYS B 148 -25.31 -37.39 5.69
C LYS B 148 -25.11 -37.68 7.17
N GLY B 149 -24.94 -36.64 7.98
CA GLY B 149 -24.76 -36.80 9.43
C GLY B 149 -23.34 -37.02 9.94
N GLU B 150 -22.35 -36.83 9.06
CA GLU B 150 -20.93 -36.95 9.43
C GLU B 150 -20.56 -36.03 10.59
N ALA B 151 -19.65 -36.51 11.44
CA ALA B 151 -19.23 -35.76 12.62
C ALA B 151 -18.20 -34.70 12.28
N ILE B 152 -17.41 -34.94 11.23
CA ILE B 152 -16.39 -33.99 10.83
C ILE B 152 -16.61 -33.56 9.38
N VAL B 153 -16.74 -32.24 9.17
CA VAL B 153 -16.93 -31.71 7.82
C VAL B 153 -16.03 -30.52 7.58
N SER B 154 -15.92 -30.14 6.30
CA SER B 154 -15.16 -28.97 5.88
C SER B 154 -16.08 -28.00 5.14
N ASN B 155 -15.86 -26.71 5.31
CA ASN B 155 -16.64 -25.70 4.61
C ASN B 155 -15.94 -25.23 3.34
N ALA B 156 -15.02 -26.07 2.86
CA ALA B 156 -14.22 -25.76 1.66
C ALA B 156 -13.41 -24.47 1.86
N SER B 157 -13.14 -23.76 0.78
CA SER B 157 -12.36 -22.53 0.86
C SER B 157 -13.23 -21.32 0.57
N CYS B 158 -12.73 -20.13 0.89
CA CYS B 158 -13.45 -18.91 0.55
C CYS B 158 -13.68 -18.83 -0.96
N THR B 159 -12.64 -19.15 -1.72
CA THR B 159 -12.69 -19.09 -3.19
C THR B 159 -13.67 -20.10 -3.76
N THR B 160 -13.67 -21.31 -3.20
CA THR B 160 -14.63 -22.31 -3.68
C THR B 160 -16.07 -21.87 -3.39
N ASN B 161 -16.26 -21.24 -2.24
CA ASN B 161 -17.59 -20.73 -1.87
C ASN B 161 -18.05 -19.58 -2.75
N CYS B 162 -17.11 -18.92 -3.44
CA CYS B 162 -17.47 -17.86 -4.38
C CYS B 162 -17.78 -18.44 -5.75
N LEU B 163 -16.94 -19.37 -6.20
CA LEU B 163 -17.07 -19.97 -7.53
C LEU B 163 -18.25 -20.92 -7.67
N ALA B 164 -18.45 -21.79 -6.69
CA ALA B 164 -19.45 -22.85 -6.81
C ALA B 164 -20.90 -22.34 -7.00
N PRO B 165 -21.35 -21.31 -6.24
CA PRO B 165 -22.71 -20.82 -6.50
C PRO B 165 -22.82 -20.19 -7.89
N LEU B 166 -21.78 -19.47 -8.32
CA LEU B 166 -21.79 -18.92 -9.68
C LEU B 166 -21.82 -20.04 -10.73
N ALA B 167 -20.93 -21.02 -10.58
CA ALA B 167 -20.84 -22.14 -11.53
C ALA B 167 -22.13 -22.97 -11.56
N LYS B 168 -22.78 -23.11 -10.40
CA LYS B 168 -24.04 -23.85 -10.32
C LYS B 168 -25.14 -23.24 -11.20
N VAL B 169 -25.29 -21.92 -11.12
CA VAL B 169 -26.31 -21.25 -11.91
C VAL B 169 -26.06 -21.46 -13.41
N LEU B 170 -24.82 -21.25 -13.84
CA LEU B 170 -24.46 -21.40 -15.24
C LEU B 170 -24.63 -22.83 -15.73
N ASN B 171 -24.18 -23.78 -14.93
CA ASN B 171 -24.26 -25.19 -15.29
C ASN B 171 -25.71 -25.67 -15.36
N ASP B 172 -26.54 -25.24 -14.42
CA ASP B 172 -27.96 -25.60 -14.40
C ASP B 172 -28.70 -25.03 -15.59
N LYS B 173 -28.48 -23.75 -15.86
CA LYS B 173 -29.26 -23.05 -16.87
C LYS B 173 -28.76 -23.31 -18.29
N PHE B 174 -27.43 -23.26 -18.49
CA PHE B 174 -26.83 -23.35 -19.83
C PHE B 174 -25.88 -24.52 -20.04
N GLY B 175 -25.38 -25.11 -18.95
CA GLY B 175 -24.39 -26.17 -19.02
C GLY B 175 -23.00 -25.62 -19.29
N ILE B 176 -22.03 -26.13 -18.55
CA ILE B 176 -20.63 -25.71 -18.68
C ILE B 176 -19.83 -26.79 -19.40
N VAL B 177 -19.23 -26.43 -20.52
CA VAL B 177 -18.38 -27.36 -21.27
C VAL B 177 -17.05 -27.47 -20.53
N GLU B 178 -16.48 -26.31 -20.23
CA GLU B 178 -15.17 -26.22 -19.59
C GLU B 178 -14.96 -24.79 -19.12
N GLY B 179 -14.09 -24.60 -18.14
CA GLY B 179 -13.85 -23.27 -17.60
C GLY B 179 -12.51 -23.16 -16.90
N LEU B 180 -11.93 -21.96 -16.95
CA LEU B 180 -10.69 -21.65 -16.24
C LEU B 180 -10.90 -20.41 -15.40
N MET B 181 -10.47 -20.49 -14.15
CA MET B 181 -10.72 -19.44 -13.19
C MET B 181 -9.44 -18.74 -12.73
N THR B 182 -9.52 -17.42 -12.56
CA THR B 182 -8.52 -16.69 -11.80
C THR B 182 -9.17 -16.02 -10.62
N THR B 183 -8.58 -16.13 -9.43
CA THR B 183 -9.03 -15.28 -8.34
C THR B 183 -7.97 -14.24 -8.03
N VAL B 184 -8.39 -12.99 -8.00
CA VAL B 184 -7.52 -11.92 -7.57
C VAL B 184 -7.81 -11.71 -6.09
N HIS B 185 -6.84 -12.07 -5.26
CA HIS B 185 -7.10 -12.29 -3.85
C HIS B 185 -6.38 -11.30 -2.94
N ALA B 186 -7.10 -10.83 -1.93
CA ALA B 186 -6.51 -10.00 -0.90
C ALA B 186 -5.40 -10.74 -0.14
N THR B 187 -4.48 -9.97 0.43
CA THR B 187 -3.43 -10.50 1.29
C THR B 187 -4.02 -11.26 2.48
N THR B 188 -3.36 -12.34 2.89
CA THR B 188 -3.78 -13.04 4.09
C THR B 188 -2.64 -13.21 5.11
N ALA B 189 -2.97 -13.77 6.26
CA ALA B 189 -2.02 -13.91 7.38
C ALA B 189 -0.81 -14.78 7.05
N THR B 190 -0.92 -15.68 6.08
CA THR B 190 0.21 -16.55 5.72
C THR B 190 1.30 -15.79 4.96
N GLN B 191 0.98 -14.59 4.48
CA GLN B 191 1.95 -13.82 3.71
C GLN B 191 2.94 -12.98 4.56
N LYS B 192 3.88 -12.32 3.89
CA LYS B 192 4.97 -11.63 4.58
C LYS B 192 4.97 -10.15 4.27
N THR B 193 5.36 -9.33 5.25
CA THR B 193 5.41 -7.89 5.06
C THR B 193 6.57 -7.48 4.15
N VAL B 194 7.69 -8.17 4.28
CA VAL B 194 8.87 -7.97 3.42
C VAL B 194 9.40 -9.35 3.00
N ASP B 195 10.21 -9.41 1.94
CA ASP B 195 10.72 -10.72 1.48
C ASP B 195 11.22 -11.57 2.65
N GLY B 196 10.51 -12.67 2.92
CA GLY B 196 10.86 -13.57 4.02
C GLY B 196 10.71 -15.04 3.65
N PRO B 197 10.99 -15.93 4.61
CA PRO B 197 11.04 -17.37 4.35
C PRO B 197 9.68 -18.00 4.16
N SER B 198 9.48 -18.69 3.03
CA SER B 198 8.27 -19.47 2.81
C SER B 198 8.63 -20.69 1.98
N GLN B 199 9.19 -21.70 2.65
CA GLN B 199 9.85 -22.84 2.04
C GLN B 199 8.97 -23.69 1.11
N LYS B 200 7.68 -23.73 1.40
CA LYS B 200 6.75 -24.53 0.62
C LYS B 200 5.96 -23.69 -0.39
N ASP B 201 6.23 -22.38 -0.43
CA ASP B 201 5.55 -21.45 -1.35
C ASP B 201 6.45 -20.23 -1.61
N TRP B 202 7.44 -20.36 -2.49
CA TRP B 202 8.51 -19.34 -2.61
C TRP B 202 7.92 -17.97 -2.95
N ARG B 203 7.01 -17.91 -3.91
CA ARG B 203 6.42 -16.63 -4.30
C ARG B 203 5.68 -15.98 -3.11
N GLY B 204 4.99 -16.80 -2.33
CA GLY B 204 4.23 -16.33 -1.18
C GLY B 204 5.08 -15.75 -0.05
N GLY B 205 6.39 -15.94 -0.10
CA GLY B 205 7.25 -15.34 0.89
C GLY B 205 7.64 -13.91 0.55
N ARG B 206 7.45 -13.52 -0.70
CA ARG B 206 7.86 -12.20 -1.17
C ARG B 206 6.96 -11.12 -0.57
N GLY B 207 7.51 -9.92 -0.38
CA GLY B 207 6.76 -8.85 0.28
C GLY B 207 5.38 -8.60 -0.33
N ALA B 208 4.33 -8.70 0.47
CA ALA B 208 2.97 -8.64 -0.06
C ALA B 208 2.65 -7.24 -0.57
N ALA B 209 3.08 -6.21 0.12
CA ALA B 209 2.73 -4.85 -0.27
C ALA B 209 3.40 -4.43 -1.58
N GLN B 210 4.53 -5.04 -1.93
CA GLN B 210 5.30 -4.62 -3.11
C GLN B 210 4.91 -5.36 -4.37
N ASN B 211 4.13 -6.42 -4.23
CA ASN B 211 4.00 -7.38 -5.32
C ASN B 211 2.59 -7.86 -5.67
N ILE B 212 2.41 -8.13 -6.96
CA ILE B 212 1.41 -9.06 -7.46
C ILE B 212 2.07 -10.42 -7.42
N ILE B 213 1.47 -11.35 -6.66
CA ILE B 213 2.11 -12.63 -6.37
C ILE B 213 1.24 -13.81 -6.85
N PRO B 214 1.67 -14.46 -7.93
CA PRO B 214 0.91 -15.61 -8.41
C PRO B 214 0.87 -16.73 -7.37
N SER B 215 -0.18 -17.53 -7.41
CA SER B 215 -0.32 -18.66 -6.52
C SER B 215 -1.15 -19.75 -7.17
N SER B 216 -0.83 -21.00 -6.88
CA SER B 216 -1.73 -22.09 -7.25
C SER B 216 -2.86 -22.17 -6.25
N THR B 217 -4.01 -22.67 -6.69
CA THR B 217 -5.15 -22.91 -5.82
C THR B 217 -5.94 -24.08 -6.40
N GLY B 218 -6.40 -24.98 -5.55
CA GLY B 218 -7.20 -26.10 -6.00
C GLY B 218 -8.69 -25.82 -5.91
N ALA B 219 -9.04 -24.54 -5.75
CA ALA B 219 -10.40 -24.16 -5.43
C ALA B 219 -11.32 -24.41 -6.62
N ALA B 220 -10.81 -24.21 -7.82
CA ALA B 220 -11.62 -24.42 -9.00
C ALA B 220 -11.80 -25.91 -9.23
N LYS B 221 -10.70 -26.65 -9.11
CA LYS B 221 -10.73 -28.11 -9.26
C LYS B 221 -11.65 -28.75 -8.18
N ALA B 222 -11.63 -28.18 -6.98
CA ALA B 222 -12.44 -28.64 -5.85
C ALA B 222 -13.94 -28.49 -6.09
N VAL B 223 -14.33 -27.54 -6.94
CA VAL B 223 -15.72 -27.36 -7.32
C VAL B 223 -16.23 -28.63 -8.02
N GLY B 224 -15.32 -29.39 -8.62
CA GLY B 224 -15.63 -30.69 -9.18
C GLY B 224 -16.17 -31.70 -8.17
N LYS B 225 -15.73 -31.58 -6.91
CA LYS B 225 -16.27 -32.40 -5.81
C LYS B 225 -17.61 -31.82 -5.31
N ILE B 226 -17.69 -30.51 -5.25
CA ILE B 226 -18.91 -29.84 -4.83
C ILE B 226 -20.02 -30.04 -5.87
N ILE B 227 -19.66 -29.91 -7.14
CA ILE B 227 -20.59 -30.15 -8.24
C ILE B 227 -20.05 -31.26 -9.13
N PRO B 228 -20.46 -32.51 -8.86
CA PRO B 228 -19.86 -33.69 -9.51
C PRO B 228 -19.89 -33.66 -11.03
N SER B 229 -20.96 -33.12 -11.62
CA SER B 229 -21.05 -33.06 -13.09
C SER B 229 -19.95 -32.19 -13.70
N LEU B 230 -19.28 -31.40 -12.87
CA LEU B 230 -18.21 -30.51 -13.35
C LEU B 230 -16.81 -31.04 -13.04
N ASN B 231 -16.71 -32.26 -12.54
CA ASN B 231 -15.42 -32.86 -12.26
C ASN B 231 -14.55 -32.88 -13.52
N GLY B 232 -13.34 -32.35 -13.40
CA GLY B 232 -12.43 -32.28 -14.55
C GLY B 232 -12.75 -31.20 -15.57
N LYS B 233 -13.77 -30.38 -15.29
CA LYS B 233 -14.17 -29.37 -16.27
C LYS B 233 -13.74 -27.96 -15.88
N LEU B 234 -13.23 -27.80 -14.65
CA LEU B 234 -12.75 -26.51 -14.13
C LEU B 234 -11.41 -26.64 -13.42
N THR B 235 -10.54 -25.67 -13.66
CA THR B 235 -9.38 -25.46 -12.80
C THR B 235 -8.97 -24.00 -12.90
N GLY B 236 -7.92 -23.60 -12.20
CA GLY B 236 -7.52 -22.21 -12.22
C GLY B 236 -6.35 -21.86 -11.32
N MET B 237 -6.10 -20.57 -11.13
CA MET B 237 -5.02 -20.13 -10.25
C MET B 237 -5.36 -18.78 -9.64
N ALA B 238 -4.40 -18.19 -8.92
CA ALA B 238 -4.64 -16.95 -8.18
C ALA B 238 -3.51 -15.95 -8.38
N PHE B 239 -3.85 -14.67 -8.20
CA PHE B 239 -2.88 -13.61 -8.01
C PHE B 239 -3.18 -12.95 -6.66
N ARG B 240 -2.20 -12.91 -5.77
CA ARG B 240 -2.38 -12.24 -4.50
C ARG B 240 -1.91 -10.80 -4.64
N VAL B 241 -2.75 -9.85 -4.24
CA VAL B 241 -2.46 -8.42 -4.43
C VAL B 241 -2.54 -7.64 -3.11
N PRO B 242 -1.91 -6.45 -3.03
CA PRO B 242 -1.81 -5.80 -1.71
C PRO B 242 -3.08 -5.07 -1.24
N THR B 243 -4.16 -5.79 -0.98
CA THR B 243 -5.31 -5.22 -0.27
C THR B 243 -5.56 -6.04 1.00
N PRO B 244 -6.22 -5.45 2.02
CA PRO B 244 -6.32 -6.19 3.29
C PRO B 244 -7.46 -7.21 3.35
N ASN B 245 -8.48 -7.02 2.52
CA ASN B 245 -9.64 -7.91 2.51
C ASN B 245 -10.46 -7.67 1.26
N VAL B 246 -11.24 -8.69 0.89
CA VAL B 246 -12.12 -8.78 -0.29
C VAL B 246 -11.35 -9.24 -1.52
N SER B 247 -11.92 -10.23 -2.18
CA SER B 247 -11.28 -10.89 -3.29
C SER B 247 -12.30 -11.00 -4.41
N VAL B 248 -11.85 -11.41 -5.59
CA VAL B 248 -12.75 -11.49 -6.73
C VAL B 248 -12.40 -12.68 -7.60
N VAL B 249 -13.45 -13.38 -8.04
CA VAL B 249 -13.33 -14.49 -8.98
C VAL B 249 -13.54 -14.00 -10.42
N ASP B 250 -12.67 -14.46 -11.31
CA ASP B 250 -12.67 -14.14 -12.71
C ASP B 250 -12.84 -15.47 -13.47
N LEU B 251 -14.06 -15.79 -13.89
CA LEU B 251 -14.33 -17.08 -14.50
C LEU B 251 -14.55 -17.02 -16.02
N THR B 252 -13.66 -17.68 -16.75
CA THR B 252 -13.79 -17.79 -18.20
C THR B 252 -14.35 -19.15 -18.55
N VAL B 253 -15.54 -19.17 -19.12
CA VAL B 253 -16.24 -20.43 -19.27
C VAL B 253 -16.88 -20.58 -20.65
N ARG B 254 -16.82 -21.81 -21.18
CA ARG B 254 -17.55 -22.20 -22.38
C ARG B 254 -18.85 -22.87 -22.01
N LEU B 255 -19.94 -22.40 -22.62
CA LEU B 255 -21.29 -22.86 -22.34
C LEU B 255 -21.79 -23.87 -23.38
N GLU B 256 -22.60 -24.84 -22.95
CA GLU B 256 -23.19 -25.79 -23.88
C GLU B 256 -24.29 -25.16 -24.71
N ARG B 257 -25.27 -24.56 -24.05
CA ARG B 257 -26.36 -23.89 -24.74
C ARG B 257 -26.05 -22.40 -24.79
N PRO B 258 -26.34 -21.76 -25.92
CA PRO B 258 -25.95 -20.36 -26.12
C PRO B 258 -26.71 -19.42 -25.20
N ALA B 259 -26.05 -18.35 -24.77
CA ALA B 259 -26.67 -17.36 -23.91
C ALA B 259 -26.09 -15.97 -24.14
N THR B 260 -26.96 -14.98 -24.24
CA THR B 260 -26.48 -13.60 -24.30
C THR B 260 -26.00 -13.21 -22.92
N TYR B 261 -25.24 -12.12 -22.85
CA TYR B 261 -24.79 -11.62 -21.56
C TYR B 261 -26.01 -11.27 -20.72
N LYS B 262 -27.02 -10.71 -21.38
CA LYS B 262 -28.28 -10.36 -20.73
C LYS B 262 -28.96 -11.60 -20.13
N GLN B 263 -28.92 -12.70 -20.88
CA GLN B 263 -29.51 -13.95 -20.41
C GLN B 263 -28.78 -14.54 -19.21
N ILE B 264 -27.45 -14.43 -19.23
CA ILE B 264 -26.64 -14.86 -18.11
C ILE B 264 -26.98 -14.05 -16.87
N CYS B 265 -27.02 -12.73 -17.04
CA CYS B 265 -27.36 -11.83 -15.92
C CYS B 265 -28.73 -12.11 -15.32
N ASP B 266 -29.74 -12.29 -16.19
CA ASP B 266 -31.10 -12.58 -15.71
C ASP B 266 -31.16 -13.90 -14.93
N ALA B 267 -30.43 -14.90 -15.40
CA ALA B 267 -30.41 -16.19 -14.71
C ALA B 267 -29.76 -16.07 -13.31
N ILE B 268 -28.63 -15.36 -13.24
CA ILE B 268 -27.96 -15.15 -11.97
C ILE B 268 -28.82 -14.30 -11.03
N LYS B 269 -29.45 -13.26 -11.57
CA LYS B 269 -30.35 -12.42 -10.79
C LYS B 269 -31.49 -13.24 -10.21
N ALA B 270 -32.08 -14.10 -11.04
CA ALA B 270 -33.21 -14.92 -10.60
C ALA B 270 -32.81 -15.81 -9.42
N ALA B 271 -31.64 -16.44 -9.52
CA ALA B 271 -31.17 -17.31 -8.46
C ALA B 271 -30.85 -16.52 -7.17
N SER B 272 -30.32 -15.31 -7.35
CA SER B 272 -29.96 -14.47 -6.20
C SER B 272 -31.20 -14.02 -5.44
N GLU B 273 -32.36 -14.07 -6.10
CA GLU B 273 -33.63 -13.70 -5.49
C GLU B 273 -34.43 -14.92 -5.02
N GLY B 274 -34.06 -16.10 -5.54
CA GLY B 274 -34.77 -17.32 -5.24
C GLY B 274 -33.95 -18.32 -4.44
N GLU B 275 -33.53 -19.38 -5.11
CA GLU B 275 -32.87 -20.53 -4.48
C GLU B 275 -31.55 -20.19 -3.77
N LEU B 276 -30.82 -19.22 -4.30
CA LEU B 276 -29.53 -18.89 -3.74
C LEU B 276 -29.58 -17.56 -2.97
N LYS B 277 -30.77 -17.16 -2.58
CA LYS B 277 -30.95 -15.93 -1.83
C LYS B 277 -30.13 -15.99 -0.56
N GLY B 278 -29.41 -14.91 -0.27
CA GLY B 278 -28.55 -14.81 0.91
C GLY B 278 -27.21 -15.51 0.74
N ILE B 279 -27.02 -16.17 -0.39
CA ILE B 279 -25.76 -16.85 -0.69
C ILE B 279 -25.08 -16.15 -1.87
N LEU B 280 -25.80 -16.10 -3.00
CA LEU B 280 -25.35 -15.44 -4.21
C LEU B 280 -26.04 -14.10 -4.36
N GLY B 281 -25.27 -13.05 -4.62
CA GLY B 281 -25.86 -11.72 -4.79
C GLY B 281 -25.69 -11.20 -6.20
N TYR B 282 -26.43 -10.15 -6.55
CA TYR B 282 -26.39 -9.56 -7.89
C TYR B 282 -26.22 -8.03 -7.78
N VAL B 283 -25.16 -7.53 -8.37
CA VAL B 283 -24.89 -6.10 -8.34
C VAL B 283 -24.77 -5.57 -9.77
N ASP B 284 -25.41 -4.44 -10.03
CA ASP B 284 -25.45 -3.84 -11.35
C ASP B 284 -24.98 -2.38 -11.23
N GLU B 285 -23.82 -2.19 -10.62
CA GLU B 285 -23.31 -0.86 -10.32
C GLU B 285 -21.78 -0.83 -10.50
N GLU B 286 -21.21 0.37 -10.57
CA GLU B 286 -19.78 0.56 -10.74
C GLU B 286 -18.98 0.39 -9.43
N ILE B 287 -19.04 -0.80 -8.85
CA ILE B 287 -18.45 -1.00 -7.55
C ILE B 287 -16.96 -1.35 -7.63
N VAL B 288 -16.28 -1.22 -6.50
CA VAL B 288 -14.89 -1.65 -6.37
C VAL B 288 -14.82 -2.51 -5.12
N SER B 289 -13.67 -3.12 -4.85
CA SER B 289 -13.59 -4.14 -3.80
C SER B 289 -14.06 -3.69 -2.41
N SER B 290 -13.71 -2.47 -2.00
CA SER B 290 -14.05 -2.07 -0.63
C SER B 290 -15.57 -1.97 -0.41
N ASP B 291 -16.34 -1.81 -1.49
CA ASP B 291 -17.81 -1.82 -1.39
C ASP B 291 -18.36 -3.17 -0.95
N ILE B 292 -17.56 -4.23 -1.09
CA ILE B 292 -18.00 -5.56 -0.72
C ILE B 292 -17.56 -5.88 0.72
N ASN B 293 -16.72 -5.02 1.29
CA ASN B 293 -16.22 -5.31 2.64
C ASN B 293 -17.35 -5.38 3.67
N GLY B 294 -17.43 -6.52 4.37
CA GLY B 294 -18.50 -6.72 5.35
C GLY B 294 -19.73 -7.42 4.81
N ILE B 295 -19.80 -7.64 3.50
CA ILE B 295 -20.96 -8.32 2.90
C ILE B 295 -20.91 -9.82 3.21
N PRO B 296 -22.00 -10.36 3.80
CA PRO B 296 -22.02 -11.77 4.22
C PRO B 296 -22.31 -12.78 3.10
N LEU B 297 -22.65 -12.30 1.91
CA LEU B 297 -22.82 -13.18 0.74
C LEU B 297 -21.48 -13.87 0.44
N THR B 298 -21.52 -15.08 -0.12
CA THR B 298 -20.28 -15.76 -0.48
C THR B 298 -19.91 -15.52 -1.95
N SER B 299 -20.83 -14.94 -2.71
CA SER B 299 -20.57 -14.66 -4.14
C SER B 299 -21.40 -13.47 -4.58
N VAL B 300 -20.75 -12.41 -5.04
CA VAL B 300 -21.47 -11.22 -5.44
C VAL B 300 -21.19 -10.91 -6.92
N PHE B 301 -22.15 -11.27 -7.76
CA PHE B 301 -21.98 -11.19 -9.21
C PHE B 301 -21.95 -9.73 -9.66
N ASP B 302 -20.92 -9.37 -10.42
CA ASP B 302 -20.72 -8.01 -10.91
C ASP B 302 -21.10 -7.93 -12.38
N ALA B 303 -22.36 -7.58 -12.66
CA ALA B 303 -22.90 -7.64 -14.01
C ALA B 303 -22.12 -6.76 -14.97
N ARG B 304 -21.77 -5.55 -14.53
CA ARG B 304 -21.10 -4.62 -15.42
C ARG B 304 -19.63 -4.91 -15.69
N ALA B 305 -18.97 -5.68 -14.82
CA ALA B 305 -17.53 -5.92 -14.96
C ALA B 305 -17.19 -6.99 -16.02
N GLY B 306 -18.09 -7.97 -16.20
CA GLY B 306 -17.82 -9.09 -17.07
C GLY B 306 -18.03 -8.79 -18.55
N ILE B 307 -17.69 -9.74 -19.41
CA ILE B 307 -17.79 -9.51 -20.84
C ILE B 307 -17.91 -10.83 -21.61
N SER B 308 -18.78 -10.85 -22.63
CA SER B 308 -18.94 -11.95 -23.57
C SER B 308 -18.10 -11.71 -24.82
N LEU B 309 -17.41 -12.75 -25.28
CA LEU B 309 -16.87 -12.71 -26.65
C LEU B 309 -18.02 -13.05 -27.61
N ASN B 310 -18.73 -14.13 -27.29
CA ASN B 310 -19.89 -14.56 -28.04
C ASN B 310 -20.85 -15.31 -27.12
N ASP B 311 -21.91 -15.87 -27.69
CA ASP B 311 -22.99 -16.50 -26.93
C ASP B 311 -22.61 -17.78 -26.19
N ASN B 312 -21.41 -18.31 -26.46
CA ASN B 312 -20.95 -19.53 -25.80
C ASN B 312 -19.62 -19.39 -25.08
N PHE B 313 -19.04 -18.20 -25.11
CA PHE B 313 -17.72 -17.97 -24.52
C PHE B 313 -17.75 -16.65 -23.79
N VAL B 314 -17.60 -16.72 -22.47
CA VAL B 314 -17.87 -15.54 -21.65
C VAL B 314 -16.95 -15.48 -20.42
N LYS B 315 -16.66 -14.24 -19.98
CA LYS B 315 -15.88 -14.01 -18.77
C LYS B 315 -16.76 -13.40 -17.69
N LEU B 316 -16.86 -14.07 -16.54
CA LEU B 316 -17.77 -13.60 -15.51
C LEU B 316 -17.02 -13.22 -14.23
N VAL B 317 -17.49 -12.14 -13.60
CA VAL B 317 -16.83 -11.56 -12.43
C VAL B 317 -17.72 -11.65 -11.19
N SER B 318 -17.19 -12.23 -10.11
CA SER B 318 -17.93 -12.30 -8.86
C SER B 318 -17.05 -12.01 -7.63
N TRP B 319 -17.49 -11.06 -6.81
CA TRP B 319 -16.75 -10.63 -5.62
C TRP B 319 -17.01 -11.50 -4.40
N TYR B 320 -16.08 -11.47 -3.44
CA TYR B 320 -16.38 -12.06 -2.14
C TYR B 320 -15.53 -11.46 -1.03
N ASP B 321 -16.18 -11.10 0.06
CA ASP B 321 -15.47 -10.78 1.29
C ASP B 321 -14.97 -12.12 1.82
N ASN B 322 -13.68 -12.42 1.62
CA ASN B 322 -13.12 -13.73 1.97
C ASN B 322 -13.16 -14.02 3.47
N GLU B 323 -13.23 -12.97 4.31
CA GLU B 323 -13.39 -13.21 5.74
C GLU B 323 -14.86 -13.36 6.11
N THR B 324 -15.67 -12.37 5.74
CA THR B 324 -17.04 -12.28 6.29
C THR B 324 -18.03 -13.30 5.68
N GLY B 325 -18.01 -13.43 4.36
CA GLY B 325 -18.93 -14.36 3.71
C GLY B 325 -18.69 -15.77 4.18
N TYR B 326 -17.44 -16.20 4.06
CA TYR B 326 -17.05 -17.53 4.52
C TYR B 326 -17.45 -17.76 5.97
N SER B 327 -17.18 -16.76 6.82
CA SER B 327 -17.44 -16.92 8.26
C SER B 327 -18.93 -17.09 8.54
N ASN B 328 -19.76 -16.31 7.85
CA ASN B 328 -21.20 -16.47 8.01
C ASN B 328 -21.69 -17.84 7.55
N LYS B 329 -21.10 -18.37 6.47
CA LYS B 329 -21.57 -19.65 5.96
C LYS B 329 -21.06 -20.80 6.82
N VAL B 330 -19.96 -20.59 7.52
CA VAL B 330 -19.52 -21.56 8.53
C VAL B 330 -20.62 -21.76 9.54
N LEU B 331 -21.21 -20.66 10.00
CA LEU B 331 -22.32 -20.74 10.94
C LEU B 331 -23.59 -21.34 10.31
N ASP B 332 -23.85 -21.02 9.04
CA ASP B 332 -24.97 -21.63 8.31
C ASP B 332 -24.78 -23.14 8.24
N LEU B 333 -23.54 -23.58 8.10
CA LEU B 333 -23.27 -25.02 8.01
C LEU B 333 -23.48 -25.69 9.38
N ILE B 334 -23.06 -24.99 10.43
CA ILE B 334 -23.28 -25.47 11.79
C ILE B 334 -24.77 -25.65 12.07
N ALA B 335 -25.57 -24.66 11.68
CA ALA B 335 -27.01 -24.75 11.84
C ALA B 335 -27.58 -25.94 11.05
N HIS B 336 -27.07 -26.16 9.84
CA HIS B 336 -27.56 -27.25 9.00
C HIS B 336 -27.17 -28.63 9.51
N ILE B 337 -25.92 -28.82 9.91
CA ILE B 337 -25.49 -30.17 10.30
C ILE B 337 -26.03 -30.60 11.67
N THR B 338 -26.67 -29.68 12.39
CA THR B 338 -27.22 -29.99 13.71
C THR B 338 -28.75 -30.04 13.74
N LYS B 339 -29.40 -29.90 12.58
CA LYS B 339 -30.86 -29.78 12.52
C LYS B 339 -31.56 -31.12 12.76
N VAL C 10 -33.84 25.59 11.69
CA VAL C 10 -32.96 24.73 10.92
C VAL C 10 -32.12 25.53 9.92
N ILE C 11 -30.80 25.39 10.01
CA ILE C 11 -29.94 26.15 9.12
C ILE C 11 -29.84 25.46 7.77
N ARG C 12 -30.18 26.19 6.72
CA ARG C 12 -30.12 25.67 5.37
C ARG C 12 -28.73 25.95 4.80
N VAL C 13 -28.07 24.89 4.36
CA VAL C 13 -26.66 24.92 4.00
C VAL C 13 -26.44 24.46 2.55
N GLY C 14 -25.54 25.14 1.83
CA GLY C 14 -25.11 24.67 0.53
C GLY C 14 -23.67 24.19 0.65
N ILE C 15 -23.30 23.15 -0.11
CA ILE C 15 -21.89 22.72 -0.10
C ILE C 15 -21.25 23.03 -1.45
N ASN C 16 -20.12 23.74 -1.44
CA ASN C 16 -19.37 23.96 -2.67
C ASN C 16 -18.12 23.11 -2.65
N GLY C 17 -18.08 22.10 -3.51
CA GLY C 17 -16.97 21.18 -3.48
C GLY C 17 -17.38 19.92 -2.73
N PHE C 18 -17.89 18.95 -3.48
CA PHE C 18 -18.35 17.67 -2.93
C PHE C 18 -17.20 16.66 -2.94
N GLY C 19 -16.06 17.05 -2.36
CA GLY C 19 -14.90 16.17 -2.27
C GLY C 19 -14.92 15.40 -0.97
N ARG C 20 -13.76 15.02 -0.47
CA ARG C 20 -13.66 14.24 0.76
C ARG C 20 -14.33 14.99 1.91
N ILE C 21 -13.95 16.25 2.11
CA ILE C 21 -14.56 17.02 3.19
C ILE C 21 -16.03 17.29 2.89
N GLY C 22 -16.33 17.74 1.66
CA GLY C 22 -17.69 18.03 1.27
C GLY C 22 -18.63 16.86 1.52
N ARG C 23 -18.19 15.66 1.15
CA ARG C 23 -19.04 14.48 1.28
C ARG C 23 -19.12 13.96 2.72
N VAL C 24 -18.04 14.09 3.49
CA VAL C 24 -18.05 13.61 4.86
C VAL C 24 -18.85 14.60 5.73
N VAL C 25 -18.76 15.88 5.40
CA VAL C 25 -19.66 16.88 5.99
C VAL C 25 -21.11 16.51 5.70
N PHE C 26 -21.38 16.16 4.43
CA PHE C 26 -22.75 15.82 4.03
C PHE C 26 -23.27 14.65 4.89
N ARG C 27 -22.47 13.59 5.04
CA ARG C 27 -22.91 12.46 5.86
C ARG C 27 -23.13 12.84 7.31
N ALA C 28 -22.22 13.62 7.87
CA ALA C 28 -22.34 14.02 9.27
C ALA C 28 -23.60 14.85 9.50
N ALA C 29 -23.96 15.66 8.51
CA ALA C 29 -25.14 16.52 8.62
C ALA C 29 -26.44 15.71 8.71
N GLN C 30 -26.47 14.50 8.16
CA GLN C 30 -27.67 13.67 8.18
C GLN C 30 -27.99 13.33 9.64
N ARG C 31 -26.96 13.37 10.49
CA ARG C 31 -27.12 13.06 11.90
C ARG C 31 -27.24 14.30 12.79
N ARG C 32 -27.58 15.44 12.18
CA ARG C 32 -27.85 16.69 12.91
CA ARG C 32 -27.87 16.65 12.94
C ARG C 32 -29.30 17.12 12.70
N ASN C 33 -29.96 17.58 13.77
CA ASN C 33 -31.33 18.09 13.64
C ASN C 33 -31.42 19.60 13.34
N ASP C 34 -30.34 20.34 13.56
CA ASP C 34 -30.29 21.81 13.40
C ASP C 34 -29.76 22.28 12.04
N ILE C 35 -29.39 21.33 11.17
CA ILE C 35 -28.80 21.64 9.86
C ILE C 35 -29.39 20.80 8.73
N GLU C 36 -29.67 21.44 7.60
CA GLU C 36 -30.11 20.72 6.41
C GLU C 36 -29.32 21.12 5.15
N ILE C 37 -28.72 20.14 4.46
CA ILE C 37 -28.04 20.43 3.20
C ILE C 37 -29.05 20.51 2.06
N VAL C 38 -29.16 21.67 1.40
CA VAL C 38 -30.20 21.83 0.39
C VAL C 38 -29.64 22.07 -1.02
N GLY C 39 -28.33 22.27 -1.12
CA GLY C 39 -27.72 22.45 -2.43
C GLY C 39 -26.28 22.00 -2.44
N ILE C 40 -25.86 21.39 -3.54
CA ILE C 40 -24.50 20.95 -3.71
C ILE C 40 -23.98 21.37 -5.10
N ASN C 41 -22.77 21.92 -5.11
CA ASN C 41 -22.13 22.33 -6.34
C ASN C 41 -20.76 21.68 -6.48
N ASP C 42 -20.53 21.07 -7.64
CA ASP C 42 -19.26 20.41 -7.97
C ASP C 42 -19.17 20.40 -9.49
N LEU C 43 -18.41 19.46 -10.06
CA LEU C 43 -18.36 19.35 -11.51
C LEU C 43 -18.88 17.98 -11.94
N LEU C 44 -20.01 17.60 -11.38
CA LEU C 44 -20.55 16.25 -11.49
C LEU C 44 -22.03 16.28 -11.84
N ASP C 45 -22.47 15.34 -12.66
CA ASP C 45 -23.89 15.12 -12.87
C ASP C 45 -24.49 14.62 -11.55
N ALA C 46 -25.80 14.75 -11.41
CA ALA C 46 -26.51 14.28 -10.23
C ALA C 46 -26.31 12.77 -9.98
N ASP C 47 -26.33 11.97 -11.04
CA ASP C 47 -26.25 10.53 -10.85
C ASP C 47 -24.86 10.11 -10.37
N TYR C 48 -23.82 10.80 -10.84
CA TYR C 48 -22.47 10.53 -10.36
C TYR C 48 -22.34 10.99 -8.92
N MET C 49 -22.94 12.14 -8.64
CA MET C 49 -22.92 12.69 -7.28
C MET C 49 -23.58 11.70 -6.33
N ALA C 50 -24.71 11.12 -6.74
CA ALA C 50 -25.37 10.11 -5.90
C ALA C 50 -24.42 8.93 -5.64
N TYR C 51 -23.75 8.48 -6.69
CA TYR C 51 -22.84 7.35 -6.60
C TYR C 51 -21.66 7.62 -5.63
N MET C 52 -21.10 8.82 -5.67
CA MET C 52 -19.95 9.12 -4.83
C MET C 52 -20.37 9.14 -3.38
N LEU C 53 -21.61 9.55 -3.14
CA LEU C 53 -22.18 9.57 -1.80
C LEU C 53 -22.49 8.17 -1.29
N LYS C 54 -23.03 7.32 -2.17
CA LYS C 54 -23.48 6.01 -1.74
CA LYS C 54 -23.47 6.00 -1.77
C LYS C 54 -22.33 5.12 -1.32
N TYR C 55 -21.24 5.14 -2.07
CA TYR C 55 -20.11 4.26 -1.84
C TYR C 55 -18.86 5.04 -1.43
N ASP C 56 -18.25 4.60 -0.36
CA ASP C 56 -17.08 5.30 0.15
C ASP C 56 -16.03 4.28 0.59
N SER C 57 -14.87 4.31 -0.05
CA SER C 57 -13.79 3.38 0.27
C SER C 57 -13.36 3.48 1.73
N THR C 58 -13.43 4.68 2.29
CA THR C 58 -12.93 4.90 3.64
C THR C 58 -14.01 4.71 4.71
N HIS C 59 -15.23 5.15 4.43
CA HIS C 59 -16.26 5.15 5.48
C HIS C 59 -17.46 4.24 5.16
N GLY C 60 -17.36 3.42 4.12
CA GLY C 60 -18.40 2.43 3.86
C GLY C 60 -19.65 2.99 3.23
N ARG C 61 -20.67 2.15 3.13
CA ARG C 61 -21.94 2.49 2.49
C ARG C 61 -22.66 3.59 3.20
N PHE C 62 -23.28 4.48 2.43
CA PHE C 62 -24.09 5.56 3.01
C PHE C 62 -25.23 4.98 3.84
N GLU C 63 -25.38 5.49 5.05
CA GLU C 63 -26.40 5.05 6.00
C GLU C 63 -27.74 5.76 5.83
N GLY C 64 -28.28 5.68 4.61
CA GLY C 64 -29.53 6.33 4.28
C GLY C 64 -30.02 5.84 2.92
N ALA C 65 -31.09 6.47 2.44
CA ALA C 65 -31.60 6.21 1.10
C ALA C 65 -31.08 7.27 0.13
N VAL C 66 -30.58 6.86 -1.02
CA VAL C 66 -30.14 7.81 -2.06
C VAL C 66 -30.65 7.45 -3.44
N GLU C 67 -31.26 8.42 -4.11
CA GLU C 67 -31.72 8.19 -5.46
C GLU C 67 -31.71 9.50 -6.24
N VAL C 68 -31.78 9.41 -7.56
CA VAL C 68 -31.87 10.57 -8.42
C VAL C 68 -33.27 10.71 -9.02
N GLN C 69 -33.87 11.88 -8.84
CA GLN C 69 -35.18 12.17 -9.42
C GLN C 69 -35.11 13.49 -10.18
N GLY C 70 -35.15 13.42 -11.50
CA GLY C 70 -35.19 14.62 -12.33
C GLY C 70 -34.05 15.61 -12.15
N GLY C 71 -32.81 15.13 -12.21
CA GLY C 71 -31.66 16.00 -12.15
C GLY C 71 -31.40 16.55 -10.76
N ALA C 72 -32.21 16.10 -9.81
CA ALA C 72 -31.99 16.44 -8.43
C ALA C 72 -31.59 15.20 -7.63
N LEU C 73 -30.85 15.44 -6.57
CA LEU C 73 -30.45 14.41 -5.65
C LEU C 73 -31.57 14.26 -4.65
N VAL C 74 -32.03 13.02 -4.40
CA VAL C 74 -33.01 12.80 -3.35
C VAL C 74 -32.38 11.96 -2.24
N VAL C 75 -32.18 12.55 -1.07
CA VAL C 75 -31.53 11.83 0.02
C VAL C 75 -32.41 11.79 1.25
N ASN C 76 -32.73 10.58 1.70
CA ASN C 76 -33.68 10.35 2.80
C ASN C 76 -34.98 11.11 2.56
N GLY C 77 -35.48 10.99 1.33
CA GLY C 77 -36.74 11.58 0.95
C GLY C 77 -36.69 13.07 0.68
N LYS C 78 -35.54 13.71 0.88
CA LYS C 78 -35.43 15.15 0.68
C LYS C 78 -34.66 15.52 -0.58
N LYS C 79 -35.20 16.48 -1.30
CA LYS C 79 -34.63 16.93 -2.57
C LYS C 79 -33.50 17.95 -2.35
N ILE C 80 -32.42 17.80 -3.11
CA ILE C 80 -31.25 18.66 -3.02
C ILE C 80 -30.84 19.18 -4.40
N ARG C 81 -30.77 20.50 -4.58
CA ARG C 81 -30.33 21.06 -5.87
C ARG C 81 -28.88 20.69 -6.18
N VAL C 82 -28.65 20.21 -7.40
CA VAL C 82 -27.31 19.90 -7.88
C VAL C 82 -26.91 20.82 -9.02
N THR C 83 -25.81 21.55 -8.84
CA THR C 83 -25.32 22.44 -9.89
C THR C 83 -23.85 22.17 -10.21
N SER C 84 -23.41 22.76 -11.32
CA SER C 84 -22.05 22.60 -11.82
C SER C 84 -21.41 23.94 -12.18
N GLU C 85 -21.57 24.94 -11.34
CA GLU C 85 -21.01 26.27 -11.61
C GLU C 85 -19.59 26.35 -11.13
N ARG C 86 -18.68 26.61 -12.07
CA ARG C 86 -17.26 26.71 -11.79
C ARG C 86 -16.97 28.00 -11.02
N ASP C 87 -17.75 29.04 -11.33
CA ASP C 87 -17.66 30.36 -10.69
C ASP C 87 -18.71 30.55 -9.58
N PRO C 88 -18.27 30.60 -8.32
CA PRO C 88 -19.20 30.68 -7.18
C PRO C 88 -20.17 31.87 -7.27
N ALA C 89 -19.77 32.94 -7.96
CA ALA C 89 -20.66 34.10 -8.13
C ALA C 89 -22.00 33.74 -8.81
N ASN C 90 -22.02 32.62 -9.55
CA ASN C 90 -23.21 32.23 -10.30
C ASN C 90 -24.08 31.20 -9.62
N LEU C 91 -23.87 31.00 -8.32
CA LEU C 91 -24.49 29.87 -7.64
C LEU C 91 -25.95 30.09 -7.25
N LYS C 92 -26.40 31.35 -7.28
CA LYS C 92 -27.80 31.64 -6.97
C LYS C 92 -28.30 30.93 -5.72
N TRP C 93 -27.54 31.04 -4.63
CA TRP C 93 -27.90 30.39 -3.38
C TRP C 93 -29.23 30.90 -2.87
N ASN C 94 -29.55 32.15 -3.19
CA ASN C 94 -30.79 32.75 -2.73
C ASN C 94 -32.00 32.02 -3.29
N GLU C 95 -31.85 31.38 -4.44
CA GLU C 95 -32.98 30.70 -5.07
C GLU C 95 -33.40 29.41 -4.35
N ILE C 96 -32.51 28.88 -3.50
CA ILE C 96 -32.89 27.77 -2.63
C ILE C 96 -32.79 28.16 -1.18
N ASN C 97 -32.78 29.47 -0.93
CA ASN C 97 -32.86 30.01 0.41
C ASN C 97 -31.78 29.48 1.36
N VAL C 98 -30.54 29.50 0.89
CA VAL C 98 -29.39 29.04 1.67
C VAL C 98 -28.89 30.10 2.66
N ASP C 99 -28.71 29.72 3.92
CA ASP C 99 -28.14 30.61 4.93
C ASP C 99 -26.61 30.62 4.86
N VAL C 100 -25.99 29.44 4.99
CA VAL C 100 -24.54 29.29 5.09
C VAL C 100 -23.97 28.35 4.03
N VAL C 101 -22.84 28.74 3.44
CA VAL C 101 -22.16 27.88 2.47
C VAL C 101 -20.93 27.23 3.09
N VAL C 102 -20.81 25.91 2.94
CA VAL C 102 -19.58 25.21 3.25
C VAL C 102 -18.67 25.31 2.03
N GLU C 103 -17.59 26.07 2.13
CA GLU C 103 -16.68 26.26 1.00
C GLU C 103 -15.54 25.25 1.04
N SER C 104 -15.70 24.11 0.34
CA SER C 104 -14.75 23.01 0.46
C SER C 104 -14.17 22.49 -0.86
N THR C 105 -13.95 23.40 -1.81
CA THR C 105 -13.30 23.05 -3.07
C THR C 105 -11.79 23.04 -2.92
N GLY C 106 -11.30 23.71 -1.88
CA GLY C 106 -9.87 23.94 -1.73
C GLY C 106 -9.33 25.07 -2.58
N LEU C 107 -10.21 25.79 -3.29
CA LEU C 107 -9.76 26.82 -4.23
C LEU C 107 -9.97 28.25 -3.75
N PHE C 108 -10.88 28.42 -2.79
CA PHE C 108 -11.33 29.76 -2.39
C PHE C 108 -11.10 30.01 -0.91
N LEU C 109 -9.84 30.26 -0.55
CA LEU C 109 -9.44 30.36 0.85
C LEU C 109 -9.13 31.79 1.25
N SER C 110 -9.81 32.74 0.63
CA SER C 110 -9.60 34.14 0.96
C SER C 110 -10.92 34.89 0.96
N ASP C 111 -10.94 36.08 1.54
CA ASP C 111 -12.18 36.84 1.60
C ASP C 111 -12.72 37.20 0.21
N ASP C 112 -11.85 37.66 -0.67
CA ASP C 112 -12.30 38.09 -1.98
C ASP C 112 -12.94 36.95 -2.77
N THR C 113 -12.40 35.72 -2.69
CA THR C 113 -12.98 34.58 -3.42
C THR C 113 -14.19 33.96 -2.70
N ALA C 114 -14.08 33.72 -1.38
CA ALA C 114 -15.19 33.13 -0.63
C ALA C 114 -16.41 34.05 -0.58
N ARG C 115 -16.20 35.37 -0.63
CA ARG C 115 -17.30 36.35 -0.55
C ARG C 115 -18.22 36.27 -1.76
N LYS C 116 -17.79 35.59 -2.81
CA LYS C 116 -18.62 35.41 -3.99
C LYS C 116 -19.91 34.62 -3.68
N HIS C 117 -19.85 33.77 -2.67
CA HIS C 117 -21.04 33.05 -2.20
C HIS C 117 -22.08 34.02 -1.63
N ILE C 118 -21.60 35.07 -0.98
CA ILE C 118 -22.48 36.09 -0.43
C ILE C 118 -23.00 36.99 -1.56
N GLN C 119 -22.16 37.25 -2.54
CA GLN C 119 -22.61 37.93 -3.75
C GLN C 119 -23.72 37.08 -4.41
N ALA C 120 -23.58 35.76 -4.32
CA ALA C 120 -24.54 34.87 -4.94
C ALA C 120 -25.77 34.61 -4.06
N GLY C 121 -25.89 35.31 -2.94
CA GLY C 121 -27.13 35.23 -2.15
C GLY C 121 -27.09 34.50 -0.82
N ALA C 122 -25.94 33.92 -0.46
CA ALA C 122 -25.82 33.28 0.85
C ALA C 122 -25.54 34.34 1.92
N LYS C 123 -25.81 34.02 3.18
CA LYS C 123 -25.55 34.97 4.25
C LYS C 123 -24.13 34.82 4.81
N LYS C 124 -23.69 33.59 5.07
CA LYS C 124 -22.37 33.38 5.65
C LYS C 124 -21.64 32.24 4.97
N VAL C 125 -20.31 32.22 5.12
CA VAL C 125 -19.46 31.23 4.49
C VAL C 125 -18.46 30.66 5.49
N VAL C 126 -18.35 29.33 5.54
CA VAL C 126 -17.30 28.67 6.30
C VAL C 126 -16.28 28.09 5.35
N ILE C 127 -15.06 28.60 5.38
CA ILE C 127 -13.99 28.07 4.54
C ILE C 127 -13.34 26.86 5.24
N THR C 128 -13.29 25.72 4.56
CA THR C 128 -12.78 24.50 5.19
C THR C 128 -11.28 24.31 4.98
N GLY C 129 -10.51 25.35 5.25
CA GLY C 129 -9.06 25.25 5.21
C GLY C 129 -8.52 26.50 5.82
N PRO C 130 -7.21 26.54 6.06
CA PRO C 130 -6.63 27.75 6.65
C PRO C 130 -6.72 28.94 5.69
N SER C 131 -7.00 30.11 6.24
CA SER C 131 -7.12 31.31 5.42
C SER C 131 -5.80 31.65 4.73
N LYS C 132 -5.89 32.06 3.47
CA LYS C 132 -4.73 32.64 2.80
C LYS C 132 -4.51 34.11 3.16
N ASP C 133 -5.58 34.80 3.55
CA ASP C 133 -5.48 36.21 3.96
C ASP C 133 -5.77 36.33 5.47
N ASP C 134 -6.34 37.44 5.91
CA ASP C 134 -6.58 37.64 7.34
C ASP C 134 -7.96 37.16 7.80
N THR C 135 -8.63 36.35 6.99
CA THR C 135 -9.89 35.73 7.39
C THR C 135 -9.70 34.99 8.72
N PRO C 136 -10.55 35.30 9.72
CA PRO C 136 -10.36 34.70 11.04
C PRO C 136 -10.57 33.19 11.04
N MET C 137 -9.70 32.48 11.74
CA MET C 137 -9.80 31.03 11.85
C MET C 137 -10.31 30.64 13.22
N PHE C 138 -11.05 29.53 13.27
CA PHE C 138 -11.57 29.07 14.54
C PHE C 138 -11.31 27.58 14.77
N VAL C 139 -11.11 27.23 16.03
CA VAL C 139 -11.09 25.85 16.45
C VAL C 139 -12.11 25.71 17.56
N MET C 140 -13.14 24.90 17.29
CA MET C 140 -14.19 24.65 18.27
C MET C 140 -13.60 24.16 19.58
N GLY C 141 -14.03 24.78 20.68
CA GLY C 141 -13.58 24.42 22.02
C GLY C 141 -12.36 25.21 22.46
N VAL C 142 -11.71 25.91 21.53
CA VAL C 142 -10.52 26.66 21.88
C VAL C 142 -10.74 28.18 21.77
N ASN C 143 -11.17 28.66 20.60
CA ASN C 143 -11.37 30.11 20.44
C ASN C 143 -12.68 30.47 19.76
N HIS C 144 -13.62 29.53 19.71
CA HIS C 144 -14.87 29.79 19.00
C HIS C 144 -15.64 30.93 19.67
N THR C 145 -15.42 31.16 20.96
CA THR C 145 -16.12 32.25 21.64
C THR C 145 -15.60 33.62 21.22
N THR C 146 -14.49 33.66 20.48
CA THR C 146 -14.00 34.93 19.99
C THR C 146 -14.72 35.38 18.72
N TYR C 147 -15.62 34.55 18.21
CA TYR C 147 -16.37 34.89 17.00
C TYR C 147 -17.22 36.13 17.26
N LYS C 148 -17.24 37.06 16.32
CA LYS C 148 -17.89 38.37 16.51
C LYS C 148 -18.97 38.65 15.47
N GLY C 149 -19.56 37.63 14.86
CA GLY C 149 -20.58 37.88 13.86
C GLY C 149 -20.05 38.08 12.43
N GLU C 150 -18.78 37.78 12.20
CA GLU C 150 -18.22 37.86 10.84
C GLU C 150 -19.00 36.99 9.87
N ALA C 151 -19.15 37.47 8.64
CA ALA C 151 -19.91 36.75 7.62
C ALA C 151 -19.06 35.65 6.99
N ILE C 152 -17.75 35.82 6.99
CA ILE C 152 -16.84 34.82 6.42
C ILE C 152 -15.81 34.38 7.44
N VAL C 153 -15.76 33.08 7.72
CA VAL C 153 -14.81 32.52 8.68
C VAL C 153 -14.12 31.28 8.13
N SER C 154 -13.06 30.85 8.79
CA SER C 154 -12.35 29.64 8.42
C SER C 154 -12.33 28.66 9.58
N ASN C 155 -12.47 27.37 9.29
CA ASN C 155 -12.41 26.39 10.35
C ASN C 155 -10.97 25.87 10.55
N ALA C 156 -9.99 26.65 10.05
CA ALA C 156 -8.57 26.28 10.12
C ALA C 156 -8.34 24.97 9.38
N SER C 157 -7.33 24.22 9.82
CA SER C 157 -6.98 22.95 9.17
C SER C 157 -7.27 21.77 10.10
N CYS C 158 -7.26 20.56 9.55
CA CYS C 158 -7.44 19.36 10.37
C CYS C 158 -6.34 19.27 11.43
N THR C 159 -5.11 19.55 11.02
CA THR C 159 -3.97 19.44 11.92
C THR C 159 -4.06 20.47 13.04
N THR C 160 -4.49 21.68 12.72
CA THR C 160 -4.64 22.71 13.74
C THR C 160 -5.74 22.34 14.74
N ASN C 161 -6.79 21.73 14.21
CA ASN C 161 -7.88 21.26 15.05
C ASN C 161 -7.47 20.10 15.98
N CYS C 162 -6.41 19.40 15.64
CA CYS C 162 -5.90 18.37 16.53
C CYS C 162 -4.94 18.98 17.54
N LEU C 163 -4.05 19.85 17.06
CA LEU C 163 -3.02 20.41 17.93
C LEU C 163 -3.55 21.43 18.93
N ALA C 164 -4.45 22.32 18.50
CA ALA C 164 -4.91 23.40 19.39
C ALA C 164 -5.59 22.92 20.69
N PRO C 165 -6.47 21.90 20.64
CA PRO C 165 -7.06 21.48 21.92
C PRO C 165 -6.03 20.89 22.88
N LEU C 166 -5.07 20.15 22.35
CA LEU C 166 -4.00 19.61 23.15
C LEU C 166 -3.14 20.75 23.75
N ALA C 167 -2.77 21.70 22.90
CA ALA C 167 -1.94 22.81 23.34
C ALA C 167 -2.64 23.63 24.41
N LYS C 168 -3.96 23.79 24.27
CA LYS C 168 -4.73 24.56 25.22
C LYS C 168 -4.68 23.94 26.61
N VAL C 169 -4.91 22.62 26.69
CA VAL C 169 -4.90 21.94 27.97
C VAL C 169 -3.53 22.10 28.63
N LEU C 170 -2.46 21.87 27.87
CA LEU C 170 -1.11 21.99 28.42
C LEU C 170 -0.80 23.43 28.82
N ASN C 171 -1.15 24.37 27.96
CA ASN C 171 -0.85 25.78 28.22
C ASN C 171 -1.62 26.30 29.42
N ASP C 172 -2.89 25.94 29.53
CA ASP C 172 -3.70 26.38 30.65
C ASP C 172 -3.16 25.82 31.97
N LYS C 173 -2.84 24.54 31.99
CA LYS C 173 -2.46 23.89 33.24
C LYS C 173 -1.01 24.14 33.66
N PHE C 174 -0.07 23.99 32.73
CA PHE C 174 1.36 24.01 33.07
C PHE C 174 2.07 25.15 32.36
N GLY C 175 1.46 25.66 31.30
CA GLY C 175 2.08 26.69 30.48
C GLY C 175 3.08 26.12 29.51
N ILE C 176 3.08 26.62 28.29
CA ILE C 176 4.02 26.14 27.25
C ILE C 176 5.13 27.18 27.00
N VAL C 177 6.38 26.79 27.18
CA VAL C 177 7.48 27.68 26.85
C VAL C 177 7.64 27.74 25.33
N GLU C 178 7.72 26.55 24.73
CA GLU C 178 7.93 26.42 23.29
C GLU C 178 7.68 24.98 22.89
N GLY C 179 7.37 24.75 21.62
CA GLY C 179 7.08 23.41 21.16
C GLY C 179 7.31 23.24 19.66
N LEU C 180 7.71 22.04 19.26
CA LEU C 180 7.85 21.69 17.86
C LEU C 180 7.01 20.46 17.58
N MET C 181 6.23 20.53 16.50
CA MET C 181 5.25 19.52 16.18
C MET C 181 5.61 18.78 14.89
N THR C 182 5.36 17.48 14.87
CA THR C 182 5.33 16.74 13.62
C THR C 182 3.96 16.11 13.46
N THR C 183 3.37 16.19 12.27
CA THR C 183 2.20 15.37 12.01
C THR C 183 2.53 14.27 11.00
N VAL C 184 2.24 13.03 11.38
CA VAL C 184 2.35 11.92 10.46
C VAL C 184 0.96 11.80 9.84
N HIS C 185 0.88 12.12 8.55
CA HIS C 185 -0.41 12.41 7.93
C HIS C 185 -0.78 11.41 6.84
N ALA C 186 -2.03 11.02 6.82
CA ALA C 186 -2.57 10.19 5.75
C ALA C 186 -2.52 10.90 4.40
N THR C 187 -2.46 10.11 3.34
CA THR C 187 -2.53 10.59 1.97
C THR C 187 -3.80 11.39 1.74
N THR C 188 -3.72 12.45 0.92
CA THR C 188 -4.93 13.20 0.54
C THR C 188 -5.11 13.35 -0.97
N ALA C 189 -6.20 13.98 -1.35
CA ALA C 189 -6.58 14.12 -2.76
C ALA C 189 -5.56 14.94 -3.57
N THR C 190 -4.79 15.83 -2.93
CA THR C 190 -3.85 16.65 -3.67
C THR C 190 -2.62 15.85 -4.12
N GLN C 191 -2.42 14.66 -3.55
CA GLN C 191 -1.27 13.83 -3.88
C GLN C 191 -1.44 13.00 -5.15
N LYS C 192 -0.40 12.27 -5.54
CA LYS C 192 -0.36 11.55 -6.83
C LYS C 192 -0.16 10.06 -6.63
N THR C 193 -0.76 9.26 -7.51
CA THR C 193 -0.62 7.81 -7.41
C THR C 193 0.78 7.33 -7.79
N VAL C 194 1.36 7.96 -8.81
CA VAL C 194 2.73 7.71 -9.25
C VAL C 194 3.40 9.08 -9.45
N ASP C 195 4.73 9.13 -9.47
CA ASP C 195 5.44 10.42 -9.61
C ASP C 195 4.83 11.29 -10.72
N GLY C 196 4.22 12.41 -10.34
CA GLY C 196 3.59 13.29 -11.29
C GLY C 196 3.81 14.75 -10.94
N PRO C 197 3.23 15.66 -11.73
CA PRO C 197 3.47 17.10 -11.62
C PRO C 197 2.80 17.76 -10.42
N SER C 198 3.62 18.43 -9.62
CA SER C 198 3.13 19.26 -8.53
C SER C 198 4.08 20.45 -8.38
N GLN C 199 3.89 21.44 -9.26
CA GLN C 199 4.85 22.53 -9.44
C GLN C 199 5.08 23.37 -8.20
N LYS C 200 4.07 23.46 -7.32
CA LYS C 200 4.22 24.28 -6.13
C LYS C 200 4.58 23.44 -4.89
N ASP C 201 4.71 22.13 -5.09
CA ASP C 201 5.06 21.20 -4.00
C ASP C 201 5.71 19.94 -4.56
N TRP C 202 7.00 20.04 -4.88
CA TRP C 202 7.71 19.00 -5.63
C TRP C 202 7.66 17.65 -4.93
N ARG C 203 7.90 17.65 -3.62
CA ARG C 203 7.84 16.39 -2.88
C ARG C 203 6.45 15.75 -2.98
N GLY C 204 5.40 16.57 -2.88
CA GLY C 204 4.03 16.08 -2.92
C GLY C 204 3.59 15.49 -4.25
N GLY C 205 4.38 15.71 -5.29
CA GLY C 205 4.10 15.11 -6.59
C GLY C 205 4.60 13.67 -6.70
N ARG C 206 5.48 13.25 -5.80
CA ARG C 206 6.04 11.90 -5.85
C ARG C 206 5.00 10.85 -5.42
N GLY C 207 5.07 9.65 -6.01
CA GLY C 207 4.06 8.63 -5.77
C GLY C 207 3.78 8.41 -4.29
N ALA C 208 2.51 8.50 -3.90
CA ALA C 208 2.13 8.47 -2.49
C ALA C 208 2.35 7.10 -1.86
N ALA C 209 2.07 6.04 -2.60
CA ALA C 209 2.17 4.70 -2.04
C ALA C 209 3.62 4.24 -1.82
N GLN C 210 4.55 4.83 -2.55
CA GLN C 210 5.95 4.41 -2.53
C GLN C 210 6.79 5.12 -1.46
N ASN C 211 6.24 6.18 -0.90
CA ASN C 211 7.09 7.12 -0.19
C ASN C 211 6.60 7.62 1.15
N ILE C 212 7.55 7.90 2.02
CA ILE C 212 7.36 8.84 3.10
C ILE C 212 7.68 10.22 2.51
N ILE C 213 6.73 11.15 2.58
CA ILE C 213 6.88 12.43 1.89
C ILE C 213 6.83 13.64 2.84
N PRO C 214 7.99 14.28 3.08
CA PRO C 214 8.03 15.45 3.96
C PRO C 214 7.23 16.61 3.40
N SER C 215 6.75 17.46 4.29
CA SER C 215 5.99 18.61 3.86
C SER C 215 6.08 19.72 4.89
N SER C 216 6.05 20.96 4.40
CA SER C 216 5.85 22.10 5.27
C SER C 216 4.38 22.19 5.64
N THR C 217 4.11 22.78 6.79
CA THR C 217 2.74 23.04 7.19
C THR C 217 2.79 24.26 8.11
N GLY C 218 1.81 25.15 7.97
CA GLY C 218 1.72 26.31 8.85
C GLY C 218 0.79 26.00 10.01
N ALA C 219 0.52 24.71 10.19
CA ALA C 219 -0.52 24.24 11.13
C ALA C 219 -0.18 24.47 12.59
N ALA C 220 1.08 24.30 12.94
CA ALA C 220 1.49 24.54 14.32
C ALA C 220 1.60 26.05 14.60
N LYS C 221 2.14 26.77 13.62
CA LYS C 221 2.26 28.23 13.68
C LYS C 221 0.87 28.90 13.77
N ALA C 222 -0.13 28.33 13.08
CA ALA C 222 -1.48 28.88 13.10
C ALA C 222 -2.10 28.76 14.50
N VAL C 223 -1.64 27.78 15.29
CA VAL C 223 -2.13 27.67 16.66
C VAL C 223 -1.80 28.94 17.44
N GLY C 224 -0.77 29.66 16.99
CA GLY C 224 -0.43 30.98 17.51
C GLY C 224 -1.52 32.02 17.28
N LYS C 225 -2.27 31.87 16.19
CA LYS C 225 -3.43 32.73 15.93
C LYS C 225 -4.64 32.27 16.74
N ILE C 226 -4.81 30.95 16.86
CA ILE C 226 -5.92 30.39 17.64
C ILE C 226 -5.77 30.62 19.14
N ILE C 227 -4.54 30.45 19.63
CA ILE C 227 -4.21 30.74 21.03
C ILE C 227 -3.13 31.82 21.06
N PRO C 228 -3.53 33.09 21.17
CA PRO C 228 -2.63 34.24 21.00
C PRO C 228 -1.41 34.20 21.91
N SER C 229 -1.56 33.70 23.14
CA SER C 229 -0.42 33.60 24.07
C SER C 229 0.69 32.66 23.58
N LEU C 230 0.37 31.83 22.58
CA LEU C 230 1.34 30.88 22.04
C LEU C 230 1.90 31.39 20.71
N ASN C 231 1.60 32.64 20.37
CA ASN C 231 2.12 33.21 19.15
C ASN C 231 3.66 33.18 19.15
N GLY C 232 4.25 32.63 18.09
CA GLY C 232 5.70 32.50 18.01
C GLY C 232 6.33 31.39 18.84
N LYS C 233 5.51 30.58 19.51
CA LYS C 233 6.03 29.54 20.41
C LYS C 233 5.90 28.10 19.87
N LEU C 234 5.21 27.96 18.74
CA LEU C 234 5.00 26.65 18.14
C LEU C 234 5.24 26.72 16.65
N THR C 235 5.90 25.70 16.11
CA THR C 235 5.91 25.48 14.67
C THR C 235 6.17 23.98 14.42
N GLY C 236 6.23 23.57 13.16
CA GLY C 236 6.43 22.16 12.89
C GLY C 236 6.41 21.83 11.40
N MET C 237 6.32 20.53 11.11
CA MET C 237 6.25 20.03 9.74
C MET C 237 5.47 18.70 9.68
N ALA C 238 5.43 18.10 8.50
CA ALA C 238 4.65 16.89 8.28
C ALA C 238 5.40 15.82 7.50
N PHE C 239 5.03 14.57 7.74
CA PHE C 239 5.41 13.46 6.88
C PHE C 239 4.11 12.86 6.34
N ARG C 240 3.96 12.81 5.02
CA ARG C 240 2.78 12.18 4.43
C ARG C 240 3.12 10.71 4.15
N VAL C 241 2.27 9.80 4.63
CA VAL C 241 2.57 8.36 4.53
C VAL C 241 1.42 7.60 3.86
N PRO C 242 1.67 6.38 3.36
CA PRO C 242 0.62 5.76 2.54
C PRO C 242 -0.53 5.08 3.31
N THR C 243 -1.33 5.86 4.03
CA THR C 243 -2.60 5.37 4.57
C THR C 243 -3.71 6.27 3.99
N PRO C 244 -4.93 5.76 3.90
CA PRO C 244 -5.98 6.54 3.22
C PRO C 244 -6.64 7.60 4.11
N ASN C 245 -6.55 7.40 5.42
CA ASN C 245 -7.20 8.29 6.37
C ASN C 245 -6.68 8.06 7.77
N VAL C 246 -6.87 9.09 8.61
CA VAL C 246 -6.44 9.19 10.01
C VAL C 246 -4.98 9.58 10.07
N SER C 247 -4.71 10.59 10.89
CA SER C 247 -3.39 11.21 10.99
C SER C 247 -3.05 11.30 12.47
N VAL C 248 -1.82 11.69 12.79
CA VAL C 248 -1.44 11.79 14.20
C VAL C 248 -0.49 12.95 14.42
N VAL C 249 -0.73 13.67 15.51
CA VAL C 249 0.13 14.76 15.93
C VAL C 249 1.18 14.25 16.94
N ASP C 250 2.42 14.69 16.72
CA ASP C 250 3.56 14.33 17.54
C ASP C 250 4.14 15.65 18.04
N LEU C 251 3.77 16.05 19.27
CA LEU C 251 4.18 17.35 19.81
C LEU C 251 5.30 17.23 20.85
N THR C 252 6.43 17.86 20.57
CA THR C 252 7.52 17.93 21.53
C THR C 252 7.47 19.30 22.19
N VAL C 253 7.21 19.33 23.48
CA VAL C 253 6.89 20.59 24.12
C VAL C 253 7.65 20.76 25.42
N ARG C 254 8.12 21.98 25.65
CA ARG C 254 8.73 22.38 26.91
C ARG C 254 7.71 23.08 27.80
N LEU C 255 7.58 22.63 29.05
CA LEU C 255 6.58 23.18 29.96
C LEU C 255 7.19 24.22 30.92
N GLU C 256 6.40 25.23 31.27
CA GLU C 256 6.86 26.25 32.22
C GLU C 256 6.95 25.71 33.63
N ARG C 257 5.88 25.06 34.08
CA ARG C 257 5.84 24.44 35.40
C ARG C 257 6.02 22.95 35.23
N PRO C 258 6.75 22.33 36.16
CA PRO C 258 7.06 20.91 35.99
C PRO C 258 5.82 20.04 36.11
N ALA C 259 5.79 18.95 35.35
CA ALA C 259 4.68 18.01 35.44
C ALA C 259 5.17 16.61 35.13
N THR C 260 4.76 15.63 35.93
CA THR C 260 5.06 14.23 35.60
C THR C 260 4.18 13.80 34.45
N TYR C 261 4.54 12.69 33.81
CA TYR C 261 3.74 12.18 32.72
C TYR C 261 2.34 11.85 33.22
N LYS C 262 2.22 11.28 34.41
CA LYS C 262 0.92 10.96 34.97
C LYS C 262 0.10 12.24 35.14
N GLN C 263 0.75 13.32 35.58
CA GLN C 263 0.07 14.58 35.77
C GLN C 263 -0.43 15.19 34.44
N ILE C 264 0.36 15.07 33.39
CA ILE C 264 -0.05 15.56 32.08
C ILE C 264 -1.29 14.80 31.64
N CYS C 265 -1.25 13.48 31.78
CA CYS C 265 -2.39 12.63 31.42
C CYS C 265 -3.66 12.99 32.19
N ASP C 266 -3.53 13.18 33.50
CA ASP C 266 -4.68 13.51 34.33
C ASP C 266 -5.32 14.84 33.89
N ALA C 267 -4.50 15.82 33.50
CA ALA C 267 -5.02 17.12 33.03
C ALA C 267 -5.80 16.95 31.72
N ILE C 268 -5.24 16.17 30.81
CA ILE C 268 -5.88 15.91 29.54
C ILE C 268 -7.17 15.12 29.74
N LYS C 269 -7.13 14.11 30.59
CA LYS C 269 -8.30 13.31 30.86
C LYS C 269 -9.39 14.18 31.47
N ALA C 270 -9.01 15.05 32.40
CA ALA C 270 -9.97 15.94 33.04
C ALA C 270 -10.62 16.85 32.01
N ALA C 271 -9.83 17.42 31.10
CA ALA C 271 -10.37 18.32 30.09
C ALA C 271 -11.31 17.59 29.11
N SER C 272 -10.97 16.35 28.80
CA SER C 272 -11.76 15.51 27.89
C SER C 272 -13.14 15.14 28.48
N GLU C 273 -13.23 15.19 29.80
CA GLU C 273 -14.48 14.89 30.51
C GLU C 273 -15.24 16.17 30.84
N GLY C 274 -14.56 17.31 30.76
CA GLY C 274 -15.17 18.58 31.10
C GLY C 274 -15.35 19.51 29.93
N GLU C 275 -14.56 20.59 29.91
CA GLU C 275 -14.74 21.67 28.95
C GLU C 275 -14.53 21.22 27.50
N LEU C 276 -13.67 20.25 27.28
CA LEU C 276 -13.37 19.82 25.92
C LEU C 276 -14.04 18.49 25.57
N LYS C 277 -15.09 18.13 26.29
CA LYS C 277 -15.84 16.92 26.01
C LYS C 277 -16.38 16.98 24.58
N GLY C 278 -16.23 15.90 23.84
CA GLY C 278 -16.69 15.86 22.47
C GLY C 278 -15.75 16.54 21.48
N ILE C 279 -14.67 17.12 21.99
CA ILE C 279 -13.66 17.71 21.12
C ILE C 279 -12.34 16.98 21.28
N LEU C 280 -11.86 16.96 22.52
CA LEU C 280 -10.63 16.25 22.87
C LEU C 280 -10.97 14.96 23.58
N GLY C 281 -10.36 13.87 23.12
CA GLY C 281 -10.58 12.56 23.71
C GLY C 281 -9.36 12.01 24.42
N TYR C 282 -9.57 11.00 25.24
CA TYR C 282 -8.49 10.42 26.01
C TYR C 282 -8.50 8.91 25.84
N VAL C 283 -7.42 8.35 25.32
CA VAL C 283 -7.36 6.90 25.13
C VAL C 283 -6.18 6.29 25.86
N ASP C 284 -6.45 5.16 26.53
CA ASP C 284 -5.45 4.47 27.33
C ASP C 284 -5.37 3.00 26.90
N GLU C 285 -5.14 2.78 25.61
CA GLU C 285 -5.18 1.44 25.04
C GLU C 285 -4.10 1.29 23.94
N GLU C 286 -3.78 0.06 23.56
CA GLU C 286 -2.80 -0.19 22.51
C GLU C 286 -3.38 0.02 21.10
N ILE C 287 -3.84 1.23 20.79
CA ILE C 287 -4.53 1.46 19.53
C ILE C 287 -3.59 1.77 18.36
N VAL C 288 -4.12 1.62 17.15
CA VAL C 288 -3.41 2.04 15.94
C VAL C 288 -4.35 2.92 15.12
N SER C 289 -3.85 3.50 14.04
CA SER C 289 -4.60 4.55 13.34
C SER C 289 -6.02 4.12 12.94
N SER C 290 -6.21 2.91 12.41
CA SER C 290 -7.54 2.56 11.89
C SER C 290 -8.60 2.49 13.01
N ASP C 291 -8.16 2.36 14.26
CA ASP C 291 -9.06 2.42 15.40
C ASP C 291 -9.70 3.81 15.59
N ILE C 292 -9.12 4.82 14.95
CA ILE C 292 -9.63 6.18 15.06
C ILE C 292 -10.54 6.52 13.88
N ASN C 293 -10.59 5.66 12.86
CA ASN C 293 -11.40 5.95 11.68
C ASN C 293 -12.87 6.10 12.02
N GLY C 294 -13.47 7.24 11.67
CA GLY C 294 -14.86 7.48 11.99
C GLY C 294 -15.12 8.24 13.29
N ILE C 295 -14.08 8.45 14.09
CA ILE C 295 -14.22 9.19 15.34
C ILE C 295 -14.39 10.69 15.06
N PRO C 296 -15.44 11.31 15.61
CA PRO C 296 -15.76 12.73 15.35
C PRO C 296 -14.97 13.73 16.21
N LEU C 297 -14.20 13.23 17.18
CA LEU C 297 -13.30 14.08 17.95
C LEU C 297 -12.27 14.70 17.01
N THR C 298 -11.78 15.89 17.33
CA THR C 298 -10.74 16.50 16.52
C THR C 298 -9.36 16.23 17.08
N SER C 299 -9.29 15.69 18.29
CA SER C 299 -8.02 15.41 18.93
C SER C 299 -8.21 14.24 19.88
N VAL C 300 -7.47 13.14 19.66
CA VAL C 300 -7.60 11.94 20.48
C VAL C 300 -6.28 11.59 21.13
N PHE C 301 -6.14 11.94 22.40
CA PHE C 301 -4.88 11.79 23.10
C PHE C 301 -4.55 10.33 23.39
N ASP C 302 -3.35 9.93 23.01
CA ASP C 302 -2.88 8.56 23.15
C ASP C 302 -1.94 8.50 24.35
N ALA C 303 -2.48 8.16 25.51
CA ALA C 303 -1.73 8.22 26.75
C ALA C 303 -0.52 7.32 26.70
N ARG C 304 -0.69 6.11 26.18
CA ARG C 304 0.41 5.15 26.22
C ARG C 304 1.52 5.40 25.20
N ALA C 305 1.24 6.15 24.13
CA ALA C 305 2.24 6.31 23.07
C ALA C 305 3.35 7.33 23.38
N GLY C 306 3.03 8.34 24.17
CA GLY C 306 3.95 9.45 24.41
C GLY C 306 5.03 9.14 25.43
N ILE C 307 5.96 10.08 25.64
CA ILE C 307 7.06 9.86 26.58
C ILE C 307 7.65 11.18 27.11
N SER C 308 7.97 11.19 28.42
CA SER C 308 8.70 12.31 29.04
C SER C 308 10.20 12.09 29.10
N LEU C 309 10.98 13.09 28.72
CA LEU C 309 12.40 13.05 29.04
C LEU C 309 12.57 13.44 30.49
N ASN C 310 11.95 14.55 30.85
CA ASN C 310 11.94 15.02 32.23
C ASN C 310 10.66 15.82 32.49
N ASP C 311 10.56 16.41 33.67
CA ASP C 311 9.33 17.07 34.10
C ASP C 311 9.00 18.32 33.30
N ASN C 312 9.93 18.80 32.47
CA ASN C 312 9.66 19.98 31.66
C ASN C 312 9.77 19.74 30.15
N PHE C 313 10.06 18.50 29.75
CA PHE C 313 10.32 18.19 28.36
C PHE C 313 9.66 16.87 27.99
N VAL C 314 8.66 16.93 27.11
CA VAL C 314 7.81 15.77 26.89
C VAL C 314 7.32 15.68 25.45
N LYS C 315 7.12 14.44 24.97
CA LYS C 315 6.58 14.17 23.65
C LYS C 315 5.18 13.57 23.81
N LEU C 316 4.18 14.22 23.22
CA LEU C 316 2.78 13.83 23.37
C LEU C 316 2.19 13.48 22.03
N VAL C 317 1.34 12.45 22.04
CA VAL C 317 0.77 11.88 20.85
C VAL C 317 -0.74 12.03 20.85
N SER C 318 -1.29 12.60 19.78
CA SER C 318 -2.75 12.73 19.66
C SER C 318 -3.24 12.41 18.24
N TRP C 319 -4.19 11.50 18.14
CA TRP C 319 -4.74 11.05 16.85
C TRP C 319 -5.81 12.00 16.33
N TYR C 320 -6.07 11.98 15.03
CA TYR C 320 -7.24 12.63 14.49
C TYR C 320 -7.64 12.02 13.16
N ASP C 321 -8.92 11.71 13.06
CA ASP C 321 -9.51 11.38 11.76
C ASP C 321 -9.60 12.71 11.02
N ASN C 322 -8.68 12.93 10.10
CA ASN C 322 -8.58 14.21 9.40
C ASN C 322 -9.82 14.50 8.53
N GLU C 323 -10.57 13.48 8.15
CA GLU C 323 -11.82 13.72 7.41
C GLU C 323 -13.00 13.96 8.37
N THR C 324 -13.24 13.01 9.29
CA THR C 324 -14.45 13.00 10.11
C THR C 324 -14.47 14.06 11.23
N GLY C 325 -13.37 14.20 11.96
CA GLY C 325 -13.31 15.16 13.04
C GLY C 325 -13.53 16.57 12.55
N TYR C 326 -12.71 16.97 11.58
CA TYR C 326 -12.79 18.28 10.99
C TYR C 326 -14.23 18.54 10.47
N SER C 327 -14.78 17.57 9.78
CA SER C 327 -16.08 17.73 9.13
C SER C 327 -17.19 17.96 10.14
N ASN C 328 -17.16 17.21 11.23
CA ASN C 328 -18.13 17.43 12.30
C ASN C 328 -18.00 18.81 12.93
N LYS C 329 -16.77 19.31 13.06
CA LYS C 329 -16.58 20.61 13.71
C LYS C 329 -16.93 21.74 12.74
N VAL C 330 -16.84 21.49 11.43
CA VAL C 330 -17.35 22.46 10.47
C VAL C 330 -18.84 22.67 10.77
N LEU C 331 -19.57 21.58 10.96
CA LEU C 331 -20.99 21.69 11.28
C LEU C 331 -21.20 22.37 12.63
N ASP C 332 -20.35 22.07 13.62
CA ASP C 332 -20.43 22.75 14.93
C ASP C 332 -20.19 24.26 14.80
N LEU C 333 -19.29 24.64 13.88
CA LEU C 333 -18.97 26.06 13.66
C LEU C 333 -20.14 26.76 12.96
N ILE C 334 -20.79 26.06 12.04
CA ILE C 334 -21.99 26.58 11.41
C ILE C 334 -23.08 26.88 12.44
N ALA C 335 -23.35 25.93 13.33
CA ALA C 335 -24.33 26.15 14.38
C ALA C 335 -23.92 27.32 15.28
N HIS C 336 -22.62 27.43 15.58
CA HIS C 336 -22.18 28.48 16.49
C HIS C 336 -22.34 29.86 15.86
N ILE C 337 -21.95 30.03 14.61
CA ILE C 337 -21.95 31.36 13.99
C ILE C 337 -23.35 31.83 13.61
N THR C 338 -24.34 30.95 13.73
CA THR C 338 -25.73 31.30 13.41
C THR C 338 -26.59 31.38 14.67
N LYS C 339 -25.97 31.19 15.84
CA LYS C 339 -26.69 31.05 17.11
C LYS C 339 -27.24 32.38 17.64
N MET D 9 23.49 7.32 -38.87
CA MET D 9 22.53 8.42 -38.88
C MET D 9 21.77 8.54 -37.54
N VAL D 10 21.91 9.69 -36.89
CA VAL D 10 21.25 9.98 -35.61
C VAL D 10 19.86 10.60 -35.77
N ILE D 11 18.83 9.98 -35.19
CA ILE D 11 17.47 10.52 -35.27
C ILE D 11 17.23 11.56 -34.18
N ARG D 12 16.79 12.76 -34.58
CA ARG D 12 16.53 13.83 -33.62
C ARG D 12 15.06 13.78 -33.20
N VAL D 13 14.83 13.64 -31.90
CA VAL D 13 13.49 13.37 -31.38
C VAL D 13 13.05 14.44 -30.37
N GLY D 14 11.78 14.84 -30.45
CA GLY D 14 11.19 15.70 -29.45
C GLY D 14 10.17 14.90 -28.64
N ILE D 15 10.07 15.19 -27.35
CA ILE D 15 9.03 14.54 -26.51
C ILE D 15 7.95 15.54 -26.13
N ASN D 16 6.70 15.19 -26.40
CA ASN D 16 5.59 15.98 -25.90
C ASN D 16 4.88 15.24 -24.78
N GLY D 17 4.99 15.78 -23.57
CA GLY D 17 4.46 15.11 -22.39
C GLY D 17 5.56 14.35 -21.68
N PHE D 18 6.19 15.04 -20.72
CA PHE D 18 7.30 14.47 -19.96
C PHE D 18 6.77 13.75 -18.73
N GLY D 19 5.82 12.84 -18.93
CA GLY D 19 5.24 12.07 -17.85
C GLY D 19 5.97 10.78 -17.62
N ARG D 20 5.27 9.77 -17.12
CA ARG D 20 5.88 8.47 -16.86
C ARG D 20 6.48 7.90 -18.13
N ILE D 21 5.72 7.88 -19.23
CA ILE D 21 6.23 7.35 -20.49
C ILE D 21 7.30 8.27 -21.08
N GLY D 22 7.03 9.57 -21.12
CA GLY D 22 8.00 10.52 -21.63
C GLY D 22 9.35 10.43 -20.93
N ARG D 23 9.34 10.33 -19.60
CA ARG D 23 10.57 10.31 -18.82
C ARG D 23 11.28 8.97 -18.91
N VAL D 24 10.51 7.88 -19.03
CA VAL D 24 11.15 6.58 -19.11
C VAL D 24 11.71 6.40 -20.52
N VAL D 25 10.98 6.88 -21.53
CA VAL D 25 11.52 6.96 -22.88
C VAL D 25 12.81 7.77 -22.89
N PHE D 26 12.82 8.90 -22.20
CA PHE D 26 14.01 9.76 -22.19
C PHE D 26 15.25 9.00 -21.70
N ARG D 27 15.12 8.32 -20.57
CA ARG D 27 16.25 7.58 -20.00
C ARG D 27 16.73 6.46 -20.92
N ALA D 28 15.80 5.75 -21.53
CA ALA D 28 16.16 4.67 -22.44
C ALA D 28 16.87 5.23 -23.68
N ALA D 29 16.49 6.42 -24.11
CA ALA D 29 17.12 7.02 -25.27
C ALA D 29 18.58 7.34 -25.00
N GLN D 30 18.90 7.58 -23.73
CA GLN D 30 20.26 7.93 -23.33
C GLN D 30 21.24 6.79 -23.60
N ARG D 31 20.75 5.55 -23.58
CA ARG D 31 21.60 4.37 -23.77
CA ARG D 31 21.60 4.37 -23.76
C ARG D 31 21.69 3.97 -25.24
N ARG D 32 21.16 4.80 -26.12
CA ARG D 32 21.18 4.52 -27.56
C ARG D 32 21.96 5.60 -28.30
N ASN D 33 22.79 5.17 -29.23
CA ASN D 33 23.61 6.08 -30.01
C ASN D 33 22.85 6.61 -31.21
N ASP D 34 21.77 5.94 -31.60
CA ASP D 34 21.02 6.29 -32.82
C ASP D 34 19.87 7.28 -32.59
N ILE D 35 19.63 7.67 -31.34
CA ILE D 35 18.53 8.57 -31.01
C ILE D 35 18.97 9.64 -30.01
N GLU D 36 18.65 10.90 -30.31
CA GLU D 36 18.95 12.01 -29.40
C GLU D 36 17.69 12.79 -29.11
N ILE D 37 17.35 12.94 -27.83
CA ILE D 37 16.24 13.79 -27.45
C ILE D 37 16.77 15.21 -27.46
N VAL D 38 16.22 16.07 -28.32
CA VAL D 38 16.77 17.41 -28.47
C VAL D 38 15.76 18.44 -28.00
N GLY D 39 14.54 18.01 -27.70
CA GLY D 39 13.53 18.93 -27.20
C GLY D 39 12.46 18.25 -26.36
N ILE D 40 12.00 18.94 -25.32
CA ILE D 40 10.94 18.42 -24.46
C ILE D 40 9.87 19.45 -24.21
N ASN D 41 8.62 19.05 -24.33
CA ASN D 41 7.53 19.96 -24.06
C ASN D 41 6.60 19.37 -23.02
N ASP D 42 6.31 20.16 -22.00
CA ASP D 42 5.34 19.81 -20.97
C ASP D 42 4.82 21.13 -20.36
N LEU D 43 4.32 21.11 -19.13
CA LEU D 43 3.87 22.33 -18.47
C LEU D 43 4.72 22.59 -17.23
N LEU D 44 6.02 22.52 -17.40
CA LEU D 44 6.98 22.53 -16.31
C LEU D 44 8.15 23.49 -16.60
N ASP D 45 8.67 24.16 -15.58
CA ASP D 45 9.94 24.88 -15.68
C ASP D 45 11.08 23.90 -15.94
N ALA D 46 12.18 24.39 -16.50
CA ALA D 46 13.33 23.52 -16.78
C ALA D 46 13.89 22.85 -15.49
N ASP D 47 13.95 23.62 -14.41
CA ASP D 47 14.52 23.12 -13.17
C ASP D 47 13.65 22.03 -12.52
N TYR D 48 12.33 22.15 -12.64
CA TYR D 48 11.41 21.10 -12.17
C TYR D 48 11.53 19.88 -13.08
N MET D 49 11.64 20.14 -14.38
CA MET D 49 11.79 19.05 -15.34
C MET D 49 13.06 18.25 -15.01
N ALA D 50 14.15 18.96 -14.70
CA ALA D 50 15.40 18.32 -14.30
C ALA D 50 15.23 17.43 -13.08
N TYR D 51 14.50 17.95 -12.09
CA TYR D 51 14.25 17.23 -10.86
C TYR D 51 13.46 15.93 -11.13
N MET D 52 12.47 16.00 -12.01
CA MET D 52 11.61 14.82 -12.28
C MET D 52 12.41 13.73 -12.99
N LEU D 53 13.37 14.14 -13.79
CA LEU D 53 14.26 13.21 -14.47
C LEU D 53 15.25 12.54 -13.50
N LYS D 54 15.79 13.34 -12.58
CA LYS D 54 16.86 12.87 -11.68
C LYS D 54 16.39 11.84 -10.66
N TYR D 55 15.21 12.09 -10.08
CA TYR D 55 14.69 11.27 -9.00
C TYR D 55 13.44 10.54 -9.47
N ASP D 56 13.41 9.24 -9.25
CA ASP D 56 12.30 8.44 -9.72
C ASP D 56 11.99 7.39 -8.66
N SER D 57 10.80 7.45 -8.12
CA SER D 57 10.38 6.52 -7.08
C SER D 57 10.40 5.07 -7.56
N THR D 58 10.15 4.86 -8.85
CA THR D 58 10.03 3.51 -9.40
C THR D 58 11.34 2.95 -9.93
N HIS D 59 12.14 3.80 -10.57
CA HIS D 59 13.33 3.34 -11.29
C HIS D 59 14.63 3.91 -10.77
N GLY D 60 14.57 4.59 -9.63
CA GLY D 60 15.75 5.07 -8.95
C GLY D 60 16.38 6.29 -9.61
N ARG D 61 17.53 6.70 -9.08
CA ARG D 61 18.26 7.88 -9.55
C ARG D 61 18.71 7.78 -11.00
N PHE D 62 18.63 8.89 -11.72
CA PHE D 62 19.15 8.96 -13.07
C PHE D 62 20.66 8.77 -13.10
N GLU D 63 21.13 7.85 -13.94
CA GLU D 63 22.57 7.63 -14.08
C GLU D 63 23.13 8.57 -15.16
N GLY D 64 23.47 9.78 -14.76
CA GLY D 64 24.01 10.75 -15.70
C GLY D 64 24.04 12.17 -15.15
N ALA D 65 24.53 13.10 -15.95
CA ALA D 65 24.64 14.49 -15.53
C ALA D 65 23.46 15.32 -16.01
N VAL D 66 22.89 16.10 -15.11
CA VAL D 66 21.82 17.02 -15.48
C VAL D 66 22.07 18.39 -14.90
N GLU D 67 21.95 19.40 -15.74
CA GLU D 67 22.11 20.77 -15.27
C GLU D 67 21.08 21.60 -16.02
N VAL D 68 20.73 22.74 -15.45
CA VAL D 68 19.88 23.69 -16.16
C VAL D 68 20.75 24.90 -16.47
N GLN D 69 20.87 25.25 -17.74
CA GLN D 69 21.68 26.41 -18.13
C GLN D 69 20.88 27.31 -19.04
N GLY D 70 20.48 28.46 -18.51
CA GLY D 70 19.75 29.45 -19.27
C GLY D 70 18.45 28.92 -19.86
N GLY D 71 17.64 28.27 -19.02
CA GLY D 71 16.32 27.81 -19.43
C GLY D 71 16.29 26.60 -20.35
N ALA D 72 17.45 26.04 -20.62
CA ALA D 72 17.53 24.80 -21.38
C ALA D 72 18.03 23.71 -20.46
N LEU D 73 17.65 22.49 -20.79
CA LEU D 73 18.12 21.33 -20.05
C LEU D 73 19.41 20.84 -20.68
N VAL D 74 20.45 20.64 -19.85
CA VAL D 74 21.69 20.06 -20.35
C VAL D 74 21.90 18.69 -19.71
N VAL D 75 21.80 17.65 -20.51
CA VAL D 75 21.90 16.28 -20.05
C VAL D 75 23.05 15.57 -20.72
N ASN D 76 23.98 15.07 -19.93
CA ASN D 76 25.17 14.42 -20.44
C ASN D 76 25.83 15.26 -21.54
N GLY D 77 25.97 16.55 -21.27
CA GLY D 77 26.62 17.49 -22.17
C GLY D 77 25.83 18.04 -23.35
N LYS D 78 24.58 17.59 -23.50
CA LYS D 78 23.76 17.99 -24.64
C LYS D 78 22.69 18.98 -24.22
N LYS D 79 22.50 20.03 -25.02
CA LYS D 79 21.48 21.04 -24.72
C LYS D 79 20.14 20.50 -25.22
N ILE D 80 19.10 20.65 -24.42
CA ILE D 80 17.77 20.17 -24.78
C ILE D 80 16.77 21.31 -24.62
N ARG D 81 16.12 21.69 -25.72
CA ARG D 81 15.15 22.78 -25.66
C ARG D 81 13.97 22.38 -24.75
N VAL D 82 13.61 23.27 -23.82
CA VAL D 82 12.47 23.08 -22.93
C VAL D 82 11.36 24.09 -23.27
N THR D 83 10.16 23.61 -23.59
CA THR D 83 9.04 24.51 -23.86
C THR D 83 7.81 24.16 -23.04
N SER D 84 6.85 25.08 -23.03
CA SER D 84 5.61 24.97 -22.26
C SER D 84 4.38 25.30 -23.11
N GLU D 85 4.34 24.80 -24.33
CA GLU D 85 3.23 25.06 -25.25
C GLU D 85 2.10 24.06 -25.07
N ARG D 86 0.91 24.56 -24.71
CA ARG D 86 -0.24 23.68 -24.58
C ARG D 86 -0.76 23.18 -25.94
N ASP D 87 -0.63 24.02 -26.97
CA ASP D 87 -1.02 23.69 -28.34
C ASP D 87 0.17 23.25 -29.21
N PRO D 88 0.20 21.95 -29.55
CA PRO D 88 1.28 21.32 -30.33
C PRO D 88 1.55 22.04 -31.66
N ALA D 89 0.55 22.70 -32.21
CA ALA D 89 0.72 23.46 -33.45
C ALA D 89 1.76 24.58 -33.31
N ASN D 90 2.00 25.02 -32.07
CA ASN D 90 2.92 26.12 -31.83
C ASN D 90 4.31 25.66 -31.42
N LEU D 91 4.61 24.38 -31.60
CA LEU D 91 5.83 23.84 -31.00
C LEU D 91 7.11 24.16 -31.76
N LYS D 92 6.99 24.64 -33.00
CA LYS D 92 8.15 25.02 -33.81
C LYS D 92 9.27 23.96 -33.76
N TRP D 93 8.91 22.72 -34.04
CA TRP D 93 9.86 21.62 -33.99
C TRP D 93 10.98 21.80 -35.01
N ASN D 94 10.68 22.50 -36.09
CA ASN D 94 11.65 22.73 -37.16
C ASN D 94 12.87 23.51 -36.70
N GLU D 95 12.70 24.36 -35.68
CA GLU D 95 13.79 25.23 -35.22
C GLU D 95 14.88 24.44 -34.53
N ILE D 96 14.56 23.23 -34.07
CA ILE D 96 15.58 22.33 -33.54
C ILE D 96 15.70 21.06 -34.40
N ASN D 97 15.22 21.14 -35.64
CA ASN D 97 15.38 20.07 -36.64
C ASN D 97 14.96 18.69 -36.11
N VAL D 98 13.77 18.62 -35.51
CA VAL D 98 13.30 17.36 -34.97
C VAL D 98 12.76 16.48 -36.07
N ASP D 99 13.20 15.21 -36.09
CA ASP D 99 12.68 14.25 -37.06
C ASP D 99 11.36 13.66 -36.60
N VAL D 100 11.37 13.06 -35.41
CA VAL D 100 10.20 12.34 -34.93
C VAL D 100 9.78 12.87 -33.57
N VAL D 101 8.47 13.02 -33.36
CA VAL D 101 7.94 13.42 -32.06
C VAL D 101 7.35 12.22 -31.31
N VAL D 102 7.74 12.06 -30.05
CA VAL D 102 7.03 11.15 -29.14
C VAL D 102 5.85 11.88 -28.51
N GLU D 103 4.65 11.51 -28.91
CA GLU D 103 3.44 12.16 -28.41
C GLU D 103 2.92 11.38 -27.21
N SER D 104 3.31 11.83 -26.02
CA SER D 104 3.01 11.07 -24.81
C SER D 104 2.31 11.90 -23.73
N THR D 105 1.47 12.83 -24.15
CA THR D 105 0.65 13.60 -23.21
C THR D 105 -0.58 12.81 -22.79
N GLY D 106 -0.93 11.82 -23.61
CA GLY D 106 -2.17 11.08 -23.45
C GLY D 106 -3.43 11.82 -23.94
N LEU D 107 -3.25 13.00 -24.53
CA LEU D 107 -4.36 13.88 -24.92
C LEU D 107 -4.63 13.87 -26.42
N PHE D 108 -3.63 13.45 -27.19
CA PHE D 108 -3.67 13.59 -28.64
C PHE D 108 -3.51 12.25 -29.36
N LEU D 109 -4.56 11.43 -29.35
CA LEU D 109 -4.44 10.06 -29.84
C LEU D 109 -5.13 9.84 -31.17
N SER D 110 -5.21 10.89 -31.97
CA SER D 110 -5.86 10.81 -33.27
C SER D 110 -5.09 11.62 -34.31
N ASP D 111 -5.39 11.41 -35.58
CA ASP D 111 -4.64 12.10 -36.64
C ASP D 111 -4.85 13.62 -36.57
N ASP D 112 -6.08 14.07 -36.34
CA ASP D 112 -6.37 15.51 -36.35
C ASP D 112 -5.58 16.25 -35.26
N THR D 113 -5.36 15.63 -34.10
CA THR D 113 -4.54 16.25 -33.07
C THR D 113 -3.03 16.03 -33.24
N ALA D 114 -2.60 14.79 -33.46
CA ALA D 114 -1.18 14.46 -33.56
C ALA D 114 -0.48 15.08 -34.78
N ARG D 115 -1.22 15.31 -35.86
CA ARG D 115 -0.63 15.89 -37.08
C ARG D 115 -0.22 17.34 -36.85
N LYS D 116 -0.69 17.92 -35.76
CA LYS D 116 -0.30 19.28 -35.42
C LYS D 116 1.21 19.37 -35.20
N HIS D 117 1.83 18.27 -34.78
CA HIS D 117 3.30 18.23 -34.67
C HIS D 117 3.99 18.40 -36.02
N ILE D 118 3.39 17.84 -37.05
CA ILE D 118 3.93 17.94 -38.40
C ILE D 118 3.70 19.33 -38.92
N GLN D 119 2.53 19.88 -38.61
CA GLN D 119 2.22 21.26 -38.89
C GLN D 119 3.24 22.17 -38.18
N ALA D 120 3.70 21.73 -37.01
CA ALA D 120 4.67 22.51 -36.25
C ALA D 120 6.10 22.22 -36.71
N GLY D 121 6.23 21.44 -37.78
CA GLY D 121 7.53 21.22 -38.41
C GLY D 121 8.20 19.88 -38.23
N ALA D 122 7.60 18.94 -37.49
CA ALA D 122 8.18 17.61 -37.36
C ALA D 122 7.85 16.76 -38.61
N LYS D 123 8.67 15.76 -38.90
CA LYS D 123 8.44 14.91 -40.07
C LYS D 123 7.51 13.73 -39.73
N LYS D 124 7.71 13.10 -38.58
CA LYS D 124 6.89 11.96 -38.18
C LYS D 124 6.48 12.02 -36.71
N VAL D 125 5.44 11.28 -36.35
CA VAL D 125 4.94 11.26 -34.97
C VAL D 125 4.66 9.82 -34.50
N VAL D 126 5.16 9.48 -33.31
CA VAL D 126 4.74 8.24 -32.67
C VAL D 126 3.83 8.56 -31.50
N ILE D 127 2.58 8.13 -31.58
CA ILE D 127 1.62 8.29 -30.48
C ILE D 127 1.80 7.16 -29.46
N THR D 128 1.98 7.48 -28.18
CA THR D 128 2.25 6.44 -27.18
C THR D 128 0.95 5.96 -26.54
N GLY D 129 -0.02 5.61 -27.36
CA GLY D 129 -1.24 5.00 -26.86
C GLY D 129 -2.05 4.48 -28.02
N PRO D 130 -3.14 3.75 -27.72
CA PRO D 130 -4.03 3.25 -28.78
C PRO D 130 -4.72 4.39 -29.52
N SER D 131 -4.88 4.23 -30.84
CA SER D 131 -5.53 5.23 -31.67
C SER D 131 -7.00 5.42 -31.32
N LYS D 132 -7.44 6.67 -31.31
CA LYS D 132 -8.87 6.97 -31.21
C LYS D 132 -9.50 6.79 -32.59
N ASP D 133 -8.70 6.99 -33.63
CA ASP D 133 -9.17 6.81 -35.00
C ASP D 133 -8.47 5.64 -35.68
N ASP D 134 -8.31 5.74 -37.00
CA ASP D 134 -7.73 4.66 -37.80
C ASP D 134 -6.22 4.79 -38.00
N THR D 135 -5.55 5.59 -37.18
CA THR D 135 -4.09 5.65 -37.18
C THR D 135 -3.57 4.24 -36.98
N PRO D 136 -2.68 3.79 -37.86
CA PRO D 136 -2.19 2.41 -37.73
C PRO D 136 -1.37 2.19 -36.46
N MET D 137 -1.66 1.08 -35.79
CA MET D 137 -0.96 0.69 -34.57
C MET D 137 0.07 -0.38 -34.86
N PHE D 138 1.18 -0.34 -34.13
CA PHE D 138 2.23 -1.32 -34.31
C PHE D 138 2.68 -1.89 -32.99
N VAL D 139 3.06 -3.16 -33.04
CA VAL D 139 3.69 -3.87 -31.94
C VAL D 139 4.99 -4.44 -32.50
N MET D 140 6.12 -3.98 -31.98
CA MET D 140 7.41 -4.47 -32.46
C MET D 140 7.44 -6.00 -32.35
N GLY D 141 7.88 -6.65 -33.42
CA GLY D 141 7.96 -8.09 -33.48
C GLY D 141 6.72 -8.78 -34.02
N VAL D 142 5.63 -8.05 -34.12
CA VAL D 142 4.40 -8.68 -34.57
C VAL D 142 3.93 -8.17 -35.94
N ASN D 143 3.78 -6.85 -36.09
CA ASN D 143 3.31 -6.30 -37.35
C ASN D 143 4.11 -5.07 -37.82
N HIS D 144 5.33 -4.90 -37.29
CA HIS D 144 6.08 -3.70 -37.64
C HIS D 144 6.49 -3.63 -39.11
N THR D 145 6.63 -4.79 -39.77
CA THR D 145 7.00 -4.82 -41.19
C THR D 145 5.87 -4.40 -42.11
N THR D 146 4.68 -4.22 -41.54
CA THR D 146 3.55 -3.71 -42.32
C THR D 146 3.58 -2.17 -42.42
N TYR D 147 4.57 -1.55 -41.78
CA TYR D 147 4.69 -0.09 -41.87
C TYR D 147 4.99 0.32 -43.32
N LYS D 148 4.30 1.36 -43.79
CA LYS D 148 4.35 1.73 -45.21
C LYS D 148 4.86 3.15 -45.43
N GLY D 149 5.60 3.69 -44.47
CA GLY D 149 6.10 5.05 -44.59
C GLY D 149 5.13 6.13 -44.12
N GLU D 150 4.04 5.74 -43.44
CA GLU D 150 3.11 6.72 -42.86
C GLU D 150 3.83 7.68 -41.91
N ALA D 151 3.37 8.93 -41.89
CA ALA D 151 4.00 9.97 -41.08
C ALA D 151 3.58 9.88 -39.61
N ILE D 152 2.40 9.35 -39.38
CA ILE D 152 1.85 9.23 -38.05
C ILE D 152 1.51 7.77 -37.73
N VAL D 153 2.06 7.27 -36.62
CA VAL D 153 1.80 5.90 -36.19
C VAL D 153 1.50 5.85 -34.69
N SER D 154 0.96 4.72 -34.25
CA SER D 154 0.70 4.49 -32.84
C SER D 154 1.45 3.23 -32.39
N ASN D 155 2.00 3.24 -31.18
CA ASN D 155 2.69 2.06 -30.66
C ASN D 155 1.75 1.18 -29.86
N ALA D 156 0.44 1.39 -30.07
CA ALA D 156 -0.63 0.66 -29.38
C ALA D 156 -0.54 0.93 -27.88
N SER D 157 -0.99 -0.03 -27.08
CA SER D 157 -0.97 0.14 -25.62
C SER D 157 0.08 -0.77 -25.00
N CYS D 158 0.40 -0.55 -23.73
CA CYS D 158 1.30 -1.44 -23.01
C CYS D 158 0.77 -2.88 -22.97
N THR D 159 -0.52 -3.01 -22.69
CA THR D 159 -1.14 -4.32 -22.59
C THR D 159 -1.14 -5.04 -23.94
N THR D 160 -1.43 -4.29 -25.01
CA THR D 160 -1.46 -4.93 -26.34
C THR D 160 -0.07 -5.44 -26.71
N ASN D 161 0.94 -4.68 -26.31
CA ASN D 161 2.33 -5.07 -26.52
C ASN D 161 2.72 -6.28 -25.69
N CYS D 162 1.96 -6.58 -24.64
CA CYS D 162 2.23 -7.80 -23.89
C CYS D 162 1.51 -8.99 -24.51
N LEU D 163 0.24 -8.80 -24.84
CA LEU D 163 -0.60 -9.87 -25.36
C LEU D 163 -0.25 -10.29 -26.80
N ALA D 164 -0.01 -9.32 -27.68
CA ALA D 164 0.19 -9.63 -29.10
C ALA D 164 1.36 -10.58 -29.40
N PRO D 165 2.55 -10.36 -28.79
CA PRO D 165 3.63 -11.31 -29.05
C PRO D 165 3.32 -12.71 -28.54
N LEU D 166 2.66 -12.79 -27.39
CA LEU D 166 2.21 -14.08 -26.86
C LEU D 166 1.19 -14.72 -27.79
N ALA D 167 0.22 -13.92 -28.21
CA ALA D 167 -0.83 -14.37 -29.12
C ALA D 167 -0.24 -14.84 -30.45
N LYS D 168 0.79 -14.14 -30.92
CA LYS D 168 1.42 -14.48 -32.19
C LYS D 168 2.04 -15.89 -32.19
N VAL D 169 2.79 -16.20 -31.14
CA VAL D 169 3.45 -17.48 -31.00
C VAL D 169 2.42 -18.60 -31.00
N LEU D 170 1.36 -18.43 -30.22
CA LEU D 170 0.31 -19.43 -30.14
C LEU D 170 -0.45 -19.58 -31.44
N ASN D 171 -0.81 -18.45 -32.03
CA ASN D 171 -1.57 -18.46 -33.28
C ASN D 171 -0.77 -19.04 -34.42
N ASP D 172 0.52 -18.74 -34.48
CA ASP D 172 1.41 -19.30 -35.51
C ASP D 172 1.58 -20.81 -35.37
N LYS D 173 1.82 -21.27 -34.15
CA LYS D 173 2.12 -22.68 -33.90
C LYS D 173 0.85 -23.53 -33.81
N PHE D 174 -0.14 -23.10 -33.06
CA PHE D 174 -1.29 -23.96 -32.80
C PHE D 174 -2.58 -23.40 -33.32
N GLY D 175 -2.60 -22.08 -33.56
CA GLY D 175 -3.80 -21.42 -33.98
C GLY D 175 -4.71 -21.14 -32.79
N ILE D 176 -5.29 -19.94 -32.77
CA ILE D 176 -6.21 -19.55 -31.71
C ILE D 176 -7.64 -19.56 -32.23
N VAL D 177 -8.51 -20.33 -31.58
CA VAL D 177 -9.92 -20.29 -31.93
C VAL D 177 -10.52 -19.00 -31.35
N GLU D 178 -10.30 -18.79 -30.05
CA GLU D 178 -10.86 -17.64 -29.34
C GLU D 178 -10.20 -17.52 -28.00
N GLY D 179 -10.25 -16.32 -27.42
CA GLY D 179 -9.59 -16.10 -26.15
C GLY D 179 -10.17 -14.96 -25.35
N LEU D 180 -10.08 -15.06 -24.03
CA LEU D 180 -10.48 -13.98 -23.17
C LEU D 180 -9.33 -13.64 -22.25
N MET D 181 -9.02 -12.36 -22.17
CA MET D 181 -7.84 -11.89 -21.43
C MET D 181 -8.27 -11.09 -20.21
N THR D 182 -7.56 -11.26 -19.11
CA THR D 182 -7.62 -10.31 -18.01
C THR D 182 -6.24 -9.72 -17.81
N THR D 183 -6.12 -8.42 -17.68
CA THR D 183 -4.84 -7.89 -17.24
C THR D 183 -5.01 -7.38 -15.81
N VAL D 184 -4.13 -7.84 -14.93
CA VAL D 184 -4.02 -7.32 -13.57
C VAL D 184 -2.97 -6.24 -13.62
N HIS D 185 -3.40 -4.99 -13.46
CA HIS D 185 -2.58 -3.86 -13.86
C HIS D 185 -2.17 -3.01 -12.67
N ALA D 186 -0.91 -2.56 -12.66
CA ALA D 186 -0.43 -1.58 -11.69
C ALA D 186 -1.18 -0.25 -11.80
N THR D 187 -1.19 0.50 -10.69
CA THR D 187 -1.75 1.85 -10.65
C THR D 187 -1.06 2.75 -11.68
N THR D 188 -1.82 3.65 -12.29
CA THR D 188 -1.22 4.63 -13.19
C THR D 188 -1.62 6.05 -12.82
N ALA D 189 -1.11 7.01 -13.58
CA ALA D 189 -1.31 8.42 -13.29
C ALA D 189 -2.78 8.87 -13.37
N THR D 190 -3.61 8.14 -14.13
CA THR D 190 -5.01 8.56 -14.30
C THR D 190 -5.82 8.29 -13.04
N GLN D 191 -5.28 7.47 -12.15
CA GLN D 191 -6.00 7.10 -10.93
C GLN D 191 -5.87 8.10 -9.78
N LYS D 192 -6.56 7.83 -8.69
CA LYS D 192 -6.68 8.77 -7.57
C LYS D 192 -6.16 8.18 -6.25
N THR D 193 -5.59 9.03 -5.40
CA THR D 193 -5.07 8.56 -4.12
C THR D 193 -6.21 8.21 -3.15
N VAL D 194 -7.27 9.02 -3.17
CA VAL D 194 -8.48 8.77 -2.38
C VAL D 194 -9.68 8.95 -3.32
N ASP D 195 -10.86 8.44 -2.95
CA ASP D 195 -12.05 8.53 -3.81
C ASP D 195 -12.22 9.95 -4.36
N GLY D 196 -12.06 10.12 -5.66
CA GLY D 196 -12.16 11.42 -6.30
C GLY D 196 -12.87 11.32 -7.63
N PRO D 197 -13.02 12.48 -8.33
CA PRO D 197 -13.83 12.60 -9.54
C PRO D 197 -13.19 11.97 -10.78
N SER D 198 -13.95 11.10 -11.42
CA SER D 198 -13.54 10.52 -12.68
C SER D 198 -14.82 10.32 -13.48
N GLN D 199 -15.31 11.40 -14.05
CA GLN D 199 -16.64 11.48 -14.64
C GLN D 199 -16.89 10.47 -15.77
N LYS D 200 -15.83 10.07 -16.46
CA LYS D 200 -15.99 9.11 -17.57
C LYS D 200 -15.56 7.68 -17.18
N ASP D 201 -15.16 7.48 -15.93
CA ASP D 201 -14.71 6.18 -15.46
C ASP D 201 -14.91 6.11 -13.95
N TRP D 202 -16.14 5.86 -13.50
CA TRP D 202 -16.49 6.01 -12.08
C TRP D 202 -15.61 5.16 -11.17
N ARG D 203 -15.40 3.91 -11.58
CA ARG D 203 -14.60 2.98 -10.78
C ARG D 203 -13.17 3.48 -10.64
N GLY D 204 -12.62 4.01 -11.73
CA GLY D 204 -11.25 4.51 -11.73
C GLY D 204 -11.03 5.73 -10.84
N GLY D 205 -12.11 6.33 -10.34
CA GLY D 205 -11.99 7.46 -9.43
C GLY D 205 -11.81 7.06 -7.98
N ARG D 206 -12.14 5.81 -7.66
CA ARG D 206 -12.05 5.31 -6.28
C ARG D 206 -10.58 5.14 -5.84
N GLY D 207 -10.30 5.33 -4.55
CA GLY D 207 -8.93 5.31 -4.05
C GLY D 207 -8.16 4.07 -4.49
N ALA D 208 -7.03 4.30 -5.15
CA ALA D 208 -6.27 3.20 -5.76
C ALA D 208 -5.64 2.29 -4.72
N ALA D 209 -5.15 2.87 -3.62
CA ALA D 209 -4.47 2.07 -2.59
C ALA D 209 -5.45 1.16 -1.86
N GLN D 210 -6.72 1.55 -1.81
CA GLN D 210 -7.70 0.81 -1.02
C GLN D 210 -8.40 -0.34 -1.78
N ASN D 211 -8.28 -0.38 -3.10
CA ASN D 211 -9.20 -1.19 -3.88
C ASN D 211 -8.59 -2.06 -4.97
N ILE D 212 -9.27 -3.16 -5.23
CA ILE D 212 -9.18 -3.81 -6.53
C ILE D 212 -10.21 -3.13 -7.41
N ILE D 213 -9.78 -2.56 -8.53
CA ILE D 213 -10.68 -1.74 -9.36
C ILE D 213 -10.84 -2.27 -10.76
N PRO D 214 -12.01 -2.87 -11.06
CA PRO D 214 -12.24 -3.36 -12.42
C PRO D 214 -12.21 -2.23 -13.44
N SER D 215 -11.84 -2.57 -14.66
CA SER D 215 -11.78 -1.59 -15.73
C SER D 215 -12.02 -2.26 -17.07
N SER D 216 -12.60 -1.51 -18.00
CA SER D 216 -12.68 -1.94 -19.40
C SER D 216 -11.37 -1.64 -20.12
N THR D 217 -11.06 -2.43 -21.14
CA THR D 217 -9.89 -2.20 -21.97
C THR D 217 -10.11 -2.77 -23.36
N GLY D 218 -9.70 -2.03 -24.39
CA GLY D 218 -9.82 -2.50 -25.76
C GLY D 218 -8.55 -3.16 -26.23
N ALA D 219 -7.67 -3.48 -25.29
CA ALA D 219 -6.33 -3.96 -25.63
C ALA D 219 -6.34 -5.36 -26.27
N ALA D 220 -7.22 -6.22 -25.80
CA ALA D 220 -7.29 -7.58 -26.35
C ALA D 220 -7.95 -7.54 -27.73
N LYS D 221 -9.01 -6.75 -27.84
CA LYS D 221 -9.67 -6.53 -29.11
C LYS D 221 -8.73 -5.86 -30.13
N ALA D 222 -7.87 -4.98 -29.65
CA ALA D 222 -6.92 -4.28 -30.51
C ALA D 222 -5.92 -5.22 -31.16
N VAL D 223 -5.68 -6.37 -30.53
CA VAL D 223 -4.79 -7.38 -31.07
C VAL D 223 -5.33 -7.89 -32.41
N GLY D 224 -6.63 -7.77 -32.59
CA GLY D 224 -7.27 -8.09 -33.86
C GLY D 224 -6.77 -7.23 -35.01
N LYS D 225 -6.38 -5.98 -34.72
CA LYS D 225 -5.78 -5.11 -35.73
C LYS D 225 -4.30 -5.43 -35.92
N ILE D 226 -3.61 -5.74 -34.83
CA ILE D 226 -2.21 -6.10 -34.91
C ILE D 226 -2.01 -7.47 -35.60
N ILE D 227 -2.89 -8.42 -35.28
CA ILE D 227 -2.91 -9.72 -35.95
C ILE D 227 -4.27 -9.96 -36.58
N PRO D 228 -4.41 -9.64 -37.87
CA PRO D 228 -5.70 -9.63 -38.58
C PRO D 228 -6.44 -10.97 -38.54
N SER D 229 -5.74 -12.10 -38.58
CA SER D 229 -6.41 -13.40 -38.50
C SER D 229 -7.14 -13.60 -37.15
N LEU D 230 -6.83 -12.76 -36.17
CA LEU D 230 -7.45 -12.86 -34.84
C LEU D 230 -8.53 -11.81 -34.63
N ASN D 231 -8.90 -11.11 -35.69
CA ASN D 231 -9.94 -10.11 -35.61
C ASN D 231 -11.27 -10.69 -35.11
N GLY D 232 -11.83 -10.09 -34.06
CA GLY D 232 -13.08 -10.58 -33.49
C GLY D 232 -12.98 -11.84 -32.65
N LYS D 233 -11.75 -12.31 -32.40
CA LYS D 233 -11.53 -13.57 -31.70
C LYS D 233 -10.99 -13.40 -30.27
N LEU D 234 -10.66 -12.17 -29.89
CA LEU D 234 -10.13 -11.88 -28.56
C LEU D 234 -10.80 -10.67 -27.94
N THR D 235 -11.11 -10.76 -26.66
CA THR D 235 -11.43 -9.56 -25.91
C THR D 235 -11.13 -9.81 -24.43
N GLY D 236 -11.41 -8.82 -23.59
CA GLY D 236 -11.08 -8.97 -22.17
C GLY D 236 -11.35 -7.74 -21.32
N MET D 237 -10.82 -7.75 -20.10
CA MET D 237 -10.95 -6.62 -19.20
C MET D 237 -9.76 -6.54 -18.25
N ALA D 238 -9.83 -5.62 -17.30
CA ALA D 238 -8.72 -5.38 -16.40
C ALA D 238 -9.15 -5.24 -14.95
N PHE D 239 -8.23 -5.55 -14.04
CA PHE D 239 -8.34 -5.16 -12.65
C PHE D 239 -7.14 -4.29 -12.31
N ARG D 240 -7.40 -3.06 -11.86
CA ARG D 240 -6.34 -2.21 -11.36
CA ARG D 240 -6.34 -2.19 -11.33
C ARG D 240 -6.11 -2.49 -9.86
N VAL D 241 -4.86 -2.74 -9.49
CA VAL D 241 -4.49 -3.14 -8.12
C VAL D 241 -3.40 -2.24 -7.57
N PRO D 242 -3.22 -2.19 -6.23
CA PRO D 242 -2.35 -1.15 -5.65
C PRO D 242 -0.84 -1.43 -5.69
N THR D 243 -0.22 -1.52 -6.86
CA THR D 243 1.23 -1.53 -6.97
C THR D 243 1.65 -0.37 -7.89
N PRO D 244 2.91 0.10 -7.75
CA PRO D 244 3.27 1.29 -8.53
C PRO D 244 3.63 1.02 -10.00
N ASN D 245 4.04 -0.20 -10.32
CA ASN D 245 4.50 -0.55 -11.67
C ASN D 245 4.59 -2.06 -11.84
N VAL D 246 4.57 -2.49 -13.11
CA VAL D 246 4.57 -3.89 -13.58
C VAL D 246 3.17 -4.49 -13.53
N SER D 247 2.80 -5.10 -14.65
CA SER D 247 1.46 -5.61 -14.85
C SER D 247 1.58 -7.01 -15.40
N VAL D 248 0.45 -7.71 -15.49
CA VAL D 248 0.49 -9.07 -15.98
C VAL D 248 -0.74 -9.42 -16.79
N VAL D 249 -0.50 -10.13 -17.90
CA VAL D 249 -1.58 -10.62 -18.74
C VAL D 249 -1.95 -12.06 -18.36
N ASP D 250 -3.26 -12.30 -18.30
CA ASP D 250 -3.83 -13.56 -17.92
C ASP D 250 -4.71 -13.97 -19.09
N LEU D 251 -4.18 -14.81 -19.99
CA LEU D 251 -4.87 -15.14 -21.23
C LEU D 251 -5.46 -16.55 -21.20
N THR D 252 -6.78 -16.64 -21.30
CA THR D 252 -7.46 -17.92 -21.39
C THR D 252 -7.86 -18.16 -22.83
N VAL D 253 -7.25 -19.18 -23.44
CA VAL D 253 -7.33 -19.31 -24.86
C VAL D 253 -7.64 -20.74 -25.28
N ARG D 254 -8.46 -20.85 -26.32
CA ARG D 254 -8.77 -22.12 -26.96
C ARG D 254 -7.91 -22.30 -28.21
N LEU D 255 -7.23 -23.44 -28.30
CA LEU D 255 -6.33 -23.69 -29.43
C LEU D 255 -6.98 -24.56 -30.51
N GLU D 256 -6.60 -24.28 -31.75
CA GLU D 256 -7.10 -24.98 -32.91
C GLU D 256 -6.58 -26.41 -32.94
N ARG D 257 -5.27 -26.57 -32.83
CA ARG D 257 -4.60 -27.87 -32.76
C ARG D 257 -4.17 -28.14 -31.32
N PRO D 258 -4.18 -29.42 -30.91
CA PRO D 258 -3.87 -29.75 -29.51
C PRO D 258 -2.42 -29.42 -29.17
N ALA D 259 -2.19 -29.01 -27.92
CA ALA D 259 -0.84 -28.77 -27.43
C ALA D 259 -0.79 -29.05 -25.94
N THR D 260 0.20 -29.81 -25.50
CA THR D 260 0.43 -29.98 -24.08
C THR D 260 1.03 -28.69 -23.51
N TYR D 261 1.04 -28.56 -22.19
CA TYR D 261 1.63 -27.37 -21.59
C TYR D 261 3.12 -27.28 -21.93
N LYS D 262 3.82 -28.41 -21.93
CA LYS D 262 5.26 -28.44 -22.27
C LYS D 262 5.52 -27.96 -23.68
N GLN D 263 4.64 -28.33 -24.61
CA GLN D 263 4.76 -27.94 -26.01
C GLN D 263 4.55 -26.43 -26.19
N ILE D 264 3.59 -25.87 -25.44
CA ILE D 264 3.37 -24.43 -25.47
C ILE D 264 4.62 -23.73 -24.97
N CYS D 265 5.18 -24.21 -23.86
CA CYS D 265 6.39 -23.63 -23.31
C CYS D 265 7.58 -23.70 -24.28
N ASP D 266 7.77 -24.85 -24.93
CA ASP D 266 8.86 -25.03 -25.89
C ASP D 266 8.73 -24.05 -27.06
N ALA D 267 7.51 -23.85 -27.52
CA ALA D 267 7.23 -22.92 -28.61
C ALA D 267 7.53 -21.47 -28.18
N ILE D 268 7.10 -21.10 -26.98
CA ILE D 268 7.37 -19.76 -26.47
C ILE D 268 8.87 -19.55 -26.23
N LYS D 269 9.53 -20.54 -25.65
CA LYS D 269 10.97 -20.43 -25.43
C LYS D 269 11.70 -20.22 -26.75
N ALA D 270 11.34 -20.99 -27.77
CA ALA D 270 11.98 -20.91 -29.08
C ALA D 270 11.81 -19.52 -29.70
N ALA D 271 10.59 -18.98 -29.67
CA ALA D 271 10.35 -17.66 -30.25
C ALA D 271 11.13 -16.60 -29.48
N SER D 272 11.24 -16.79 -28.18
CA SER D 272 11.96 -15.85 -27.32
C SER D 272 13.47 -15.82 -27.61
N GLU D 273 14.00 -16.92 -28.16
CA GLU D 273 15.42 -16.97 -28.49
C GLU D 273 15.64 -16.75 -29.99
N GLY D 274 14.56 -16.80 -30.76
CA GLY D 274 14.64 -16.62 -32.18
C GLY D 274 14.00 -15.32 -32.66
N GLU D 275 12.86 -15.44 -33.32
CA GLU D 275 12.22 -14.30 -33.98
C GLU D 275 11.77 -13.19 -33.02
N LEU D 276 11.40 -13.54 -31.78
CA LEU D 276 10.90 -12.52 -30.85
C LEU D 276 11.94 -12.17 -29.79
N LYS D 277 13.20 -12.41 -30.13
CA LYS D 277 14.33 -12.10 -29.28
C LYS D 277 14.32 -10.61 -28.93
N GLY D 278 14.48 -10.31 -27.64
CA GLY D 278 14.46 -8.93 -27.17
C GLY D 278 13.07 -8.35 -27.06
N ILE D 279 12.06 -9.13 -27.43
CA ILE D 279 10.66 -8.71 -27.29
C ILE D 279 9.88 -9.60 -26.34
N LEU D 280 9.85 -10.89 -26.64
CA LEU D 280 9.18 -11.87 -25.77
C LEU D 280 10.22 -12.60 -24.94
N GLY D 281 10.01 -12.69 -23.62
CA GLY D 281 10.94 -13.38 -22.75
C GLY D 281 10.34 -14.65 -22.19
N TYR D 282 11.20 -15.53 -21.65
CA TYR D 282 10.76 -16.81 -21.11
C TYR D 282 11.34 -16.99 -19.72
N VAL D 283 10.48 -17.15 -18.73
CA VAL D 283 10.91 -17.33 -17.36
C VAL D 283 10.34 -18.64 -16.81
N ASP D 284 11.18 -19.38 -16.10
CA ASP D 284 10.74 -20.64 -15.51
CA ASP D 284 10.88 -20.67 -15.54
C ASP D 284 11.15 -20.68 -14.04
N GLU D 285 10.86 -19.58 -13.35
CA GLU D 285 11.24 -19.42 -11.95
C GLU D 285 10.08 -18.86 -11.17
N GLU D 286 10.15 -18.95 -9.84
CA GLU D 286 9.10 -18.46 -8.95
C GLU D 286 9.10 -16.94 -8.76
N ILE D 287 8.92 -16.19 -9.84
CA ILE D 287 9.06 -14.74 -9.75
C ILE D 287 7.76 -14.07 -9.28
N VAL D 288 7.89 -12.80 -8.88
CA VAL D 288 6.72 -11.98 -8.56
C VAL D 288 6.90 -10.68 -9.33
N SER D 289 5.90 -9.80 -9.29
CA SER D 289 5.90 -8.65 -10.20
C SER D 289 7.16 -7.78 -10.13
N SER D 290 7.66 -7.48 -8.92
CA SER D 290 8.78 -6.54 -8.83
C SER D 290 10.06 -7.13 -9.47
N ASP D 291 10.12 -8.44 -9.65
CA ASP D 291 11.25 -9.03 -10.37
C ASP D 291 11.31 -8.59 -11.83
N ILE D 292 10.20 -8.06 -12.34
CA ILE D 292 10.09 -7.61 -13.72
C ILE D 292 10.37 -6.10 -13.88
N ASN D 293 10.44 -5.39 -12.76
CA ASN D 293 10.68 -3.94 -12.83
C ASN D 293 12.03 -3.61 -13.50
N GLY D 294 11.97 -2.79 -14.54
CA GLY D 294 13.15 -2.41 -15.28
C GLY D 294 13.44 -3.25 -16.51
N ILE D 295 12.70 -4.34 -16.68
CA ILE D 295 12.89 -5.23 -17.84
C ILE D 295 12.34 -4.58 -19.11
N PRO D 296 13.18 -4.47 -20.16
CA PRO D 296 12.79 -3.78 -21.40
C PRO D 296 11.97 -4.62 -22.36
N LEU D 297 11.82 -5.90 -22.07
CA LEU D 297 10.93 -6.78 -22.85
C LEU D 297 9.48 -6.27 -22.74
N THR D 298 8.67 -6.52 -23.75
CA THR D 298 7.28 -6.13 -23.68
C THR D 298 6.36 -7.29 -23.25
N SER D 299 6.90 -8.51 -23.23
CA SER D 299 6.12 -9.68 -22.86
C SER D 299 7.04 -10.72 -22.23
N VAL D 300 6.79 -11.06 -20.96
CA VAL D 300 7.63 -12.03 -20.25
C VAL D 300 6.81 -13.23 -19.76
N PHE D 301 6.90 -14.33 -20.51
CA PHE D 301 6.08 -15.51 -20.25
C PHE D 301 6.50 -16.19 -18.95
N ASP D 302 5.52 -16.46 -18.08
CA ASP D 302 5.76 -17.08 -16.79
C ASP D 302 5.38 -18.56 -16.88
N ALA D 303 6.35 -19.42 -17.16
CA ALA D 303 6.02 -20.80 -17.45
C ALA D 303 5.33 -21.49 -16.29
N ARG D 304 5.80 -21.27 -15.07
CA ARG D 304 5.25 -21.96 -13.91
C ARG D 304 3.89 -21.45 -13.42
N ALA D 305 3.50 -20.24 -13.81
CA ALA D 305 2.26 -19.66 -13.27
C ALA D 305 1.01 -20.17 -13.98
N GLY D 306 1.13 -20.47 -15.27
CA GLY D 306 -0.02 -20.85 -16.07
C GLY D 306 -0.45 -22.28 -15.85
N ILE D 307 -1.56 -22.67 -16.47
CA ILE D 307 -2.11 -24.01 -16.27
C ILE D 307 -2.99 -24.44 -17.44
N SER D 308 -2.87 -25.71 -17.85
CA SER D 308 -3.75 -26.30 -18.85
C SER D 308 -4.92 -27.03 -18.21
N LEU D 309 -6.12 -26.79 -18.74
CA LEU D 309 -7.26 -27.63 -18.42
C LEU D 309 -7.18 -28.91 -19.23
N ASN D 310 -6.97 -28.75 -20.54
CA ASN D 310 -6.75 -29.85 -21.47
C ASN D 310 -5.91 -29.36 -22.65
N ASP D 311 -5.74 -30.22 -23.66
CA ASP D 311 -4.85 -29.91 -24.78
C ASP D 311 -5.36 -28.80 -25.69
N ASN D 312 -6.60 -28.36 -25.53
CA ASN D 312 -7.14 -27.29 -26.36
C ASN D 312 -7.65 -26.07 -25.57
N PHE D 313 -7.47 -26.10 -24.25
CA PHE D 313 -7.98 -25.05 -23.38
C PHE D 313 -6.94 -24.76 -22.28
N VAL D 314 -6.37 -23.56 -22.30
CA VAL D 314 -5.22 -23.27 -21.45
C VAL D 314 -5.22 -21.81 -20.97
N LYS D 315 -4.70 -21.59 -19.76
CA LYS D 315 -4.55 -20.24 -19.20
C LYS D 315 -3.06 -19.87 -19.14
N LEU D 316 -2.68 -18.80 -19.83
CA LEU D 316 -1.28 -18.43 -19.94
C LEU D 316 -1.02 -17.09 -19.29
N VAL D 317 0.14 -16.99 -18.63
CA VAL D 317 0.52 -15.81 -17.85
C VAL D 317 1.77 -15.13 -18.41
N SER D 318 1.68 -13.83 -18.68
CA SER D 318 2.84 -13.07 -19.17
C SER D 318 2.95 -11.69 -18.51
N TRP D 319 4.12 -11.42 -17.96
CA TRP D 319 4.40 -10.17 -17.26
C TRP D 319 4.78 -9.06 -18.23
N TYR D 320 4.62 -7.82 -17.81
CA TYR D 320 5.22 -6.70 -18.53
C TYR D 320 5.40 -5.51 -17.63
N ASP D 321 6.59 -4.93 -17.66
CA ASP D 321 6.82 -3.61 -17.07
C ASP D 321 6.12 -2.61 -18.00
N ASN D 322 4.95 -2.14 -17.58
CA ASN D 322 4.11 -1.27 -18.40
C ASN D 322 4.74 0.08 -18.74
N GLU D 323 5.71 0.53 -17.94
CA GLU D 323 6.45 1.74 -18.28
C GLU D 323 7.66 1.41 -19.17
N THR D 324 8.52 0.50 -18.71
CA THR D 324 9.81 0.29 -19.33
C THR D 324 9.77 -0.45 -20.66
N GLY D 325 9.00 -1.53 -20.71
CA GLY D 325 8.91 -2.31 -21.94
C GLY D 325 8.35 -1.46 -23.07
N TYR D 326 7.18 -0.88 -22.83
CA TYR D 326 6.55 -0.04 -23.82
C TYR D 326 7.47 1.07 -24.29
N SER D 327 8.14 1.72 -23.35
CA SER D 327 9.01 2.86 -23.67
C SER D 327 10.17 2.46 -24.55
N ASN D 328 10.80 1.32 -24.28
CA ASN D 328 11.88 0.88 -25.13
C ASN D 328 11.38 0.59 -26.56
N LYS D 329 10.16 0.06 -26.68
CA LYS D 329 9.63 -0.27 -28.00
C LYS D 329 9.17 0.99 -28.75
N VAL D 330 8.82 2.05 -28.02
CA VAL D 330 8.57 3.35 -28.68
C VAL D 330 9.85 3.76 -29.42
N LEU D 331 10.99 3.61 -28.75
CA LEU D 331 12.27 3.91 -29.39
C LEU D 331 12.59 2.93 -30.53
N ASP D 332 12.28 1.65 -30.36
CA ASP D 332 12.45 0.69 -31.46
C ASP D 332 11.64 1.07 -32.68
N LEU D 333 10.44 1.59 -32.44
CA LEU D 333 9.54 1.96 -33.53
C LEU D 333 10.05 3.20 -34.25
N ILE D 334 10.59 4.14 -33.48
CA ILE D 334 11.20 5.33 -34.07
C ILE D 334 12.34 4.94 -35.02
N ALA D 335 13.23 4.07 -34.54
CA ALA D 335 14.32 3.58 -35.36
C ALA D 335 13.79 2.85 -36.60
N HIS D 336 12.70 2.09 -36.43
CA HIS D 336 12.16 1.33 -37.55
C HIS D 336 11.55 2.20 -38.65
N ILE D 337 10.72 3.17 -38.27
CA ILE D 337 10.02 3.96 -39.26
C ILE D 337 10.96 4.98 -39.95
N THR D 338 12.17 5.10 -39.44
CA THR D 338 13.14 6.03 -40.04
C THR D 338 14.31 5.34 -40.77
N LYS D 339 14.27 4.01 -40.86
CA LYS D 339 15.42 3.22 -41.34
C LYS D 339 15.66 3.31 -42.85
#